data_8QFY
#
_entry.id   8QFY
#
_cell.length_a   326.828
_cell.length_b   79.879
_cell.length_c   104.073
_cell.angle_alpha   90.000
_cell.angle_beta   96.894
_cell.angle_gamma   90.000
#
_symmetry.space_group_name_H-M   'C 1 2 1'
#
loop_
_entity.id
_entity.type
_entity.pdbx_description
1 polymer 'HLA class I histocompatibility antigen, alpha chain E'
2 polymer Beta-2-microglobulin
3 polymer 'Peptide from inhA'
4 polymer 'T-cell receptor alpha chain'
5 polymer 'T-cell receptor beta chain'
6 non-polymer 'ACETATE ION'
7 water water
#
loop_
_entity_poly.entity_id
_entity_poly.type
_entity_poly.pdbx_seq_one_letter_code
_entity_poly.pdbx_strand_id
1 'polypeptide(L)'
;GSHSLKYFHTSVSRPGRGEPRFISVGYVDDTQFVRFDNDAASPRMVPRAPWMEQEGSEYWDRETRSARDTAQIFRVNLRT
LRGYYNQSEAGSHTLQWMHGCELGPDGRFLRGYEQFAYDGKDYLTLNEDLRSWTAVDTAAQISEQKSNDASEAEHQRAYL
EDTCVEWLHKYLEKGKETLLHLEPPKTHVTHHPISDHEATLRCWALGFYPAEITLTWQQDGEGHTQDTELVETRPAGDGT
FQKWAAVVVPSGEEQRYTCHVQHEGLPEPVTLRWKP
;
AAA,FFF
2 'polypeptide(L)'
;MIQRTPKIQVYSRHPAENGKSNFLNCYVSGFHPSDIEVDLLKNGERIEKVEHSDLSFSKDWSFYLLYYTEFTPTEKDEYA
CRVNHVTLSQPKIVKWDRDM
;
BBB,GGG
3 'polypeptide(L)' RLPAKAPLL CCC,HHH
4 'polypeptide(L)'
;MAKEVEQNSGPLSVPEGAIASLNCTYSDRRSRSFFWYRQYSGKSPELIMSIYSNGDKEDGRFTAQLNKASQYVSLLIRDS
QPSDSATYLCAVMDREYEISFGSGTRLLVRPDIQNPDPAVYQLRDSKSSDKSVCLFTDFDSQTNVSQSKDSDVYITDKCV
LDMRSMDFKSNSAVAWSNKSDFACANAFNNSIIPEDT
;
DDD,III
5 'polypeptide(L)'
;MDTGVSQNPRHKITKRGQNVTFRCDPISDHNRLYWYRQTLGQGPEFLTYFQSEAQLEKSRLLSDRFSAERPKGSFSTLEI
QRTEQGDSAMYLCASSLGPNEQLFGPGTRLTVVEDLNKVFPPEVAVFEPSEAEISHTQKATLVCLATGFYPDHVELSWWV
NGKEVHSGVCTDPQPLKEQPALNDSRYALSSRLRVSATFWQDPRNHFRCQVQFYGLSENDEWTQDRAKPVTQIVSAEAWG
RAD
;
EEE,JJJ
#
loop_
_chem_comp.id
_chem_comp.type
_chem_comp.name
_chem_comp.formula
ACT non-polymer 'ACETATE ION' 'C2 H3 O2 -1'
#
# COMPACT_ATOMS: atom_id res chain seq x y z
N GLY A 1 7.86 -48.39 27.76
CA GLY A 1 8.06 -46.92 27.61
C GLY A 1 6.75 -46.13 27.70
N SER A 2 6.87 -44.82 27.87
CA SER A 2 5.75 -43.87 28.17
C SER A 2 5.48 -42.92 27.00
N HIS A 3 4.28 -42.34 26.96
CA HIS A 3 3.89 -41.37 25.91
C HIS A 3 4.69 -40.08 26.09
N SER A 4 4.96 -39.39 24.98
CA SER A 4 5.82 -38.18 24.94
C SER A 4 5.37 -37.25 23.81
N LEU A 5 5.75 -35.98 23.92
CA LEU A 5 5.61 -34.95 22.86
C LEU A 5 6.96 -34.23 22.81
N LYS A 6 7.70 -34.39 21.72
CA LYS A 6 9.08 -33.88 21.59
C LYS A 6 9.14 -33.03 20.31
N TYR A 7 10.08 -32.09 20.26
CA TYR A 7 10.43 -31.29 19.06
C TYR A 7 11.95 -31.25 18.96
N PHE A 8 12.47 -31.20 17.73
CA PHE A 8 13.92 -31.19 17.42
C PHE A 8 14.17 -30.01 16.50
N HIS A 9 14.78 -28.95 17.04
CA HIS A 9 15.05 -27.67 16.36
C HIS A 9 16.50 -27.63 15.89
N THR A 10 16.75 -27.34 14.61
CA THR A 10 18.12 -27.20 14.03
C THR A 10 18.28 -25.83 13.35
N SER A 11 19.26 -25.03 13.78
CA SER A 11 19.64 -23.75 13.11
C SER A 11 21.09 -23.83 12.63
N VAL A 12 21.34 -23.44 11.39
CA VAL A 12 22.66 -23.55 10.70
C VAL A 12 22.98 -22.19 10.06
N SER A 13 24.00 -21.49 10.57
CA SER A 13 24.49 -20.19 10.01
C SER A 13 25.03 -20.42 8.59
N ARG A 14 24.78 -19.48 7.66
CA ARG A 14 25.21 -19.59 6.25
C ARG A 14 26.01 -18.36 5.88
N PRO A 15 27.29 -18.28 6.30
CA PRO A 15 28.16 -17.14 5.99
C PRO A 15 28.05 -16.72 4.52
N GLY A 16 27.82 -15.43 4.26
CA GLY A 16 27.66 -14.87 2.91
C GLY A 16 26.25 -15.04 2.36
N ARG A 17 25.64 -16.22 2.52
CA ARG A 17 24.37 -16.62 1.85
C ARG A 17 23.15 -16.26 2.71
N GLY A 18 23.19 -15.19 3.52
CA GLY A 18 22.00 -14.62 4.20
C GLY A 18 21.69 -15.27 5.54
N GLU A 19 20.40 -15.32 5.92
CA GLU A 19 19.92 -15.77 7.25
C GLU A 19 20.23 -17.25 7.43
N PRO A 20 20.38 -17.74 8.67
CA PRO A 20 20.59 -19.17 8.90
C PRO A 20 19.40 -20.05 8.49
N ARG A 21 19.69 -21.31 8.10
CA ARG A 21 18.70 -22.39 7.89
C ARG A 21 18.08 -22.70 9.25
N PHE A 22 16.76 -22.92 9.30
CA PHE A 22 16.06 -23.30 10.55
C PHE A 22 14.94 -24.30 10.24
N ILE A 23 14.92 -25.41 11.00
CA ILE A 23 13.92 -26.51 10.86
C ILE A 23 13.53 -26.98 12.27
N SER A 24 12.23 -27.11 12.54
CA SER A 24 11.64 -27.75 13.73
C SER A 24 10.79 -28.93 13.24
N VAL A 25 10.92 -30.09 13.89
CA VAL A 25 10.03 -31.26 13.64
C VAL A 25 9.39 -31.67 14.97
N GLY A 26 8.07 -31.91 14.96
CA GLY A 26 7.33 -32.39 16.15
C GLY A 26 7.06 -33.89 16.08
N TYR A 27 7.37 -34.62 17.15
CA TYR A 27 7.07 -36.06 17.30
C TYR A 27 6.14 -36.27 18.49
N VAL A 28 5.01 -36.95 18.29
CA VAL A 28 4.35 -37.73 19.37
C VAL A 28 4.92 -39.16 19.33
N ASP A 29 5.53 -39.62 20.42
CA ASP A 29 6.20 -40.95 20.47
C ASP A 29 7.18 -41.02 19.29
N ASP A 30 7.04 -42.00 18.39
CA ASP A 30 7.96 -42.20 17.24
C ASP A 30 7.26 -41.79 15.93
N THR A 31 6.07 -41.19 16.04
CA THR A 31 5.30 -40.63 14.89
C THR A 31 5.59 -39.11 14.77
N GLN A 32 6.20 -38.68 13.68
CA GLN A 32 6.32 -37.23 13.33
C GLN A 32 4.94 -36.72 12.90
N PHE A 33 4.55 -35.52 13.32
CA PHE A 33 3.18 -34.98 13.09
C PHE A 33 3.18 -33.53 12.58
N VAL A 34 4.29 -32.79 12.71
CA VAL A 34 4.41 -31.40 12.16
C VAL A 34 5.86 -31.13 11.76
N ARG A 35 6.03 -30.07 10.97
CA ARG A 35 7.32 -29.55 10.50
C ARG A 35 7.20 -28.03 10.30
N PHE A 36 8.29 -27.30 10.56
CA PHE A 36 8.51 -25.91 10.09
C PHE A 36 9.87 -25.84 9.40
N ASP A 37 9.90 -25.36 8.16
CA ASP A 37 11.14 -25.07 7.40
C ASP A 37 11.10 -23.60 6.96
N ASN A 38 12.12 -22.82 7.33
CA ASN A 38 12.16 -21.34 7.11
C ASN A 38 12.65 -21.03 5.70
N ASP A 39 13.02 -22.06 4.92
CA ASP A 39 13.50 -21.93 3.52
C ASP A 39 12.32 -21.81 2.54
N ALA A 40 11.10 -22.21 2.93
CA ALA A 40 9.84 -21.90 2.20
C ALA A 40 9.73 -20.38 1.97
N ALA A 41 8.94 -19.95 0.98
CA ALA A 41 8.78 -18.52 0.60
C ALA A 41 8.16 -17.76 1.78
N SER A 42 6.90 -18.03 2.12
CA SER A 42 6.23 -17.68 3.41
C SER A 42 6.25 -18.91 4.30
N PRO A 43 7.24 -19.04 5.22
CA PRO A 43 7.40 -20.29 5.97
C PRO A 43 6.31 -20.47 7.03
N ARG A 44 5.64 -21.62 7.03
CA ARG A 44 4.52 -21.94 7.96
C ARG A 44 4.73 -23.33 8.58
N MET A 45 4.19 -23.52 9.77
CA MET A 45 4.09 -24.87 10.35
C MET A 45 3.09 -25.68 9.49
N VAL A 46 3.48 -26.88 9.07
CA VAL A 46 2.61 -27.74 8.23
C VAL A 46 2.40 -29.10 8.92
N PRO A 47 1.22 -29.71 8.72
CA PRO A 47 0.97 -31.07 9.20
C PRO A 47 1.82 -32.07 8.42
N ARG A 48 2.25 -33.14 9.09
CA ARG A 48 3.10 -34.23 8.52
C ARG A 48 2.62 -35.57 9.09
N ALA A 49 1.32 -35.66 9.35
CA ALA A 49 0.58 -36.88 9.73
C ALA A 49 -0.89 -36.63 9.40
N PRO A 50 -1.61 -37.64 8.85
CA PRO A 50 -2.96 -37.40 8.34
C PRO A 50 -3.94 -36.89 9.42
N TRP A 51 -3.76 -37.26 10.69
CA TRP A 51 -4.67 -36.86 11.81
C TRP A 51 -4.49 -35.38 12.21
N MET A 52 -3.48 -34.67 11.67
CA MET A 52 -3.27 -33.22 11.93
C MET A 52 -3.87 -32.36 10.79
N GLU A 53 -4.32 -32.98 9.70
CA GLU A 53 -4.79 -32.25 8.49
C GLU A 53 -6.18 -31.65 8.74
N GLN A 54 -6.78 -31.88 9.91
CA GLN A 54 -8.16 -31.40 10.23
C GLN A 54 -8.08 -30.28 11.29
N GLU A 55 -6.89 -29.77 11.58
CA GLU A 55 -6.70 -28.67 12.57
C GLU A 55 -7.01 -27.33 11.87
N GLY A 56 -7.66 -26.41 12.58
CA GLY A 56 -8.07 -25.09 12.05
C GLY A 56 -6.87 -24.16 11.84
N SER A 57 -7.09 -23.00 11.23
CA SER A 57 -6.02 -22.00 10.91
C SER A 57 -5.50 -21.37 12.20
N GLU A 58 -6.40 -21.17 13.19
CA GLU A 58 -6.02 -20.70 14.54
C GLU A 58 -4.75 -21.44 14.99
N TYR A 59 -4.73 -22.78 14.88
CA TYR A 59 -3.60 -23.64 15.28
C TYR A 59 -2.35 -23.31 14.46
N TRP A 60 -2.46 -23.35 13.13
CA TRP A 60 -1.28 -23.18 12.23
C TRP A 60 -0.76 -21.74 12.31
N ASP A 61 -1.65 -20.76 12.50
CA ASP A 61 -1.24 -19.35 12.73
C ASP A 61 -0.25 -19.32 13.90
N ARG A 62 -0.70 -19.83 15.05
CA ARG A 62 0.02 -19.83 16.35
C ARG A 62 1.38 -20.53 16.22
N GLU A 63 1.39 -21.76 15.73
CA GLU A 63 2.62 -22.59 15.62
C GLU A 63 3.58 -21.94 14.63
N THR A 64 3.04 -21.29 13.60
CA THR A 64 3.85 -20.57 12.58
C THR A 64 4.55 -19.42 13.30
N ARG A 65 3.80 -18.66 14.10
CA ARG A 65 4.33 -17.55 14.93
C ARG A 65 5.40 -18.07 15.88
N SER A 66 5.11 -19.07 16.71
CA SER A 66 6.11 -19.63 17.65
C SER A 66 7.38 -19.96 16.87
N ALA A 67 7.27 -20.70 15.76
CA ALA A 67 8.41 -21.21 14.98
C ALA A 67 9.26 -20.05 14.45
N ARG A 68 8.58 -19.02 13.94
CA ARG A 68 9.25 -17.82 13.36
C ARG A 68 10.04 -17.12 14.48
N ASP A 69 9.36 -16.80 15.59
CA ASP A 69 10.00 -16.29 16.84
C ASP A 69 11.22 -17.15 17.19
N THR A 70 11.06 -18.47 17.29
CA THR A 70 12.17 -19.40 17.61
C THR A 70 13.31 -19.16 16.61
N ALA A 71 13.00 -19.17 15.31
CA ALA A 71 14.01 -19.07 14.22
C ALA A 71 14.83 -17.80 14.41
N GLN A 72 14.16 -16.72 14.83
CA GLN A 72 14.79 -15.38 15.00
C GLN A 72 15.64 -15.39 16.27
N ILE A 73 15.12 -15.90 17.38
CA ILE A 73 15.91 -16.05 18.65
C ILE A 73 17.16 -16.91 18.38
N PHE A 74 17.03 -17.98 17.59
CA PHE A 74 18.15 -18.89 17.27
C PHE A 74 19.18 -18.19 16.41
N ARG A 75 18.73 -17.28 15.53
CA ARG A 75 19.65 -16.50 14.67
C ARG A 75 20.57 -15.68 15.57
N VAL A 76 19.96 -15.00 16.55
CA VAL A 76 20.67 -14.13 17.54
C VAL A 76 21.60 -15.02 18.37
N ASN A 77 21.09 -16.14 18.86
CA ASN A 77 21.87 -17.09 19.70
C ASN A 77 23.14 -17.50 18.96
N LEU A 78 23.06 -17.82 17.66
CA LEU A 78 24.25 -18.24 16.85
C LEU A 78 25.27 -17.11 16.82
N ARG A 79 24.81 -15.87 16.57
CA ARG A 79 25.68 -14.67 16.53
C ARG A 79 26.31 -14.45 17.92
N THR A 80 25.53 -14.63 18.99
CA THR A 80 25.97 -14.42 20.40
C THR A 80 27.03 -15.45 20.75
N LEU A 81 26.76 -16.73 20.43
CA LEU A 81 27.65 -17.88 20.73
C LEU A 81 28.94 -17.74 19.92
N ARG A 82 28.87 -17.10 18.75
CA ARG A 82 30.08 -16.82 17.93
C ARG A 82 31.02 -15.95 18.78
N GLY A 83 30.49 -14.89 19.39
CA GLY A 83 31.26 -13.93 20.22
C GLY A 83 31.90 -14.63 21.41
N TYR A 84 31.12 -15.48 22.09
CA TYR A 84 31.57 -16.25 23.27
C TYR A 84 32.85 -17.04 22.93
N TYR A 85 32.93 -17.62 21.72
CA TYR A 85 34.00 -18.56 21.28
C TYR A 85 35.06 -17.85 20.42
N ASN A 86 34.87 -16.57 20.12
CA ASN A 86 35.83 -15.70 19.37
C ASN A 86 36.09 -16.31 17.98
N GLN A 87 35.06 -16.92 17.37
CA GLN A 87 35.12 -17.50 15.99
C GLN A 87 34.76 -16.40 14.99
N SER A 88 35.30 -16.50 13.76
N SER A 88 35.29 -16.50 13.76
CA SER A 88 35.10 -15.50 12.69
CA SER A 88 35.09 -15.50 12.69
C SER A 88 33.69 -15.65 12.09
C SER A 88 33.69 -15.65 12.09
N GLU A 89 33.30 -14.70 11.24
CA GLU A 89 32.00 -14.70 10.52
C GLU A 89 32.02 -15.71 9.36
N ALA A 90 33.20 -16.19 8.94
CA ALA A 90 33.38 -16.92 7.66
C ALA A 90 32.81 -18.35 7.73
N GLY A 91 32.77 -18.95 8.93
CA GLY A 91 32.46 -20.38 9.13
C GLY A 91 31.02 -20.62 9.52
N SER A 92 30.43 -21.72 9.04
CA SER A 92 29.07 -22.17 9.41
C SER A 92 29.14 -22.87 10.77
N HIS A 93 28.15 -22.62 11.64
CA HIS A 93 28.00 -23.28 12.97
C HIS A 93 26.52 -23.69 13.16
N THR A 94 26.30 -24.68 14.03
CA THR A 94 24.99 -25.33 14.26
C THR A 94 24.53 -25.07 15.71
N LEU A 95 23.29 -24.60 15.88
CA LEU A 95 22.56 -24.65 17.17
C LEU A 95 21.42 -25.64 17.04
N GLN A 96 21.37 -26.63 17.94
CA GLN A 96 20.27 -27.61 18.07
C GLN A 96 19.60 -27.44 19.44
N TRP A 97 18.32 -27.79 19.53
CA TRP A 97 17.49 -27.63 20.74
C TRP A 97 16.42 -28.73 20.72
N MET A 98 16.50 -29.66 21.67
CA MET A 98 15.48 -30.72 21.88
C MET A 98 14.77 -30.39 23.20
N HIS A 99 13.44 -30.53 23.20
CA HIS A 99 12.61 -30.39 24.42
C HIS A 99 11.43 -31.35 24.30
N GLY A 100 10.98 -31.94 25.41
CA GLY A 100 9.83 -32.86 25.39
C GLY A 100 9.30 -33.12 26.78
N CYS A 101 8.00 -33.36 26.89
CA CYS A 101 7.32 -33.85 28.11
C CYS A 101 6.95 -35.33 27.91
N GLU A 102 6.83 -36.10 29.01
CA GLU A 102 6.39 -37.53 29.01
C GLU A 102 5.25 -37.70 30.01
N LEU A 103 4.25 -38.52 29.67
CA LEU A 103 3.19 -38.96 30.63
C LEU A 103 3.60 -40.28 31.30
N GLY A 104 3.07 -40.52 32.50
CA GLY A 104 3.14 -41.82 33.17
C GLY A 104 1.90 -42.64 32.87
N PRO A 105 1.86 -43.92 33.30
CA PRO A 105 0.67 -44.76 33.11
C PRO A 105 -0.66 -44.11 33.54
N ASP A 106 -0.61 -43.10 34.43
CA ASP A 106 -1.80 -42.40 34.99
C ASP A 106 -2.27 -41.26 34.07
N GLY A 107 -1.53 -40.96 33.00
CA GLY A 107 -1.83 -39.83 32.11
C GLY A 107 -1.58 -38.48 32.79
N ARG A 108 -0.63 -38.43 33.73
CA ARG A 108 -0.18 -37.20 34.43
C ARG A 108 1.21 -36.86 33.93
N PHE A 109 1.68 -35.63 34.19
CA PHE A 109 3.09 -35.25 33.92
C PHE A 109 3.98 -36.26 34.65
N LEU A 110 5.04 -36.74 34.01
CA LEU A 110 6.05 -37.67 34.59
C LEU A 110 7.40 -36.97 34.64
N ARG A 111 7.92 -36.52 33.49
CA ARG A 111 9.21 -35.79 33.40
C ARG A 111 9.25 -34.87 32.17
N GLY A 112 9.99 -33.76 32.27
CA GLY A 112 10.33 -32.87 31.16
C GLY A 112 11.83 -32.67 31.05
N TYR A 113 12.33 -32.19 29.92
CA TYR A 113 13.78 -31.95 29.67
C TYR A 113 13.95 -30.96 28.53
N GLU A 114 15.07 -30.24 28.53
CA GLU A 114 15.52 -29.37 27.42
C GLU A 114 17.03 -29.39 27.37
N GLN A 115 17.59 -29.35 26.18
CA GLN A 115 19.05 -29.35 25.97
C GLN A 115 19.36 -28.51 24.74
N PHE A 116 20.36 -27.64 24.84
CA PHE A 116 20.99 -26.96 23.69
C PHE A 116 22.35 -27.59 23.42
N ALA A 117 22.71 -27.71 22.14
CA ALA A 117 24.03 -28.17 21.68
C ALA A 117 24.56 -27.20 20.62
N TYR A 118 25.82 -26.80 20.74
CA TYR A 118 26.54 -25.96 19.75
C TYR A 118 27.54 -26.85 19.01
N ASP A 119 27.41 -26.93 17.69
CA ASP A 119 28.29 -27.72 16.79
C ASP A 119 28.42 -29.14 17.35
N GLY A 120 27.28 -29.80 17.62
CA GLY A 120 27.23 -31.26 17.88
C GLY A 120 27.46 -31.63 19.33
N LYS A 121 28.05 -30.72 20.13
CA LYS A 121 28.45 -30.94 21.55
C LYS A 121 27.44 -30.26 22.48
N ASP A 122 26.98 -30.94 23.53
CA ASP A 122 26.09 -30.39 24.58
C ASP A 122 26.63 -29.00 24.95
N TYR A 123 25.74 -28.04 25.28
CA TYR A 123 26.08 -26.63 25.58
C TYR A 123 25.42 -26.21 26.90
N LEU A 124 24.09 -26.29 26.97
CA LEU A 124 23.29 -25.90 28.16
C LEU A 124 22.16 -26.91 28.34
N THR A 125 21.87 -27.27 29.58
CA THR A 125 20.85 -28.31 29.93
C THR A 125 19.96 -27.79 31.06
N LEU A 126 18.64 -27.91 30.89
CA LEU A 126 17.67 -27.74 32.01
C LEU A 126 17.87 -28.89 32.98
N ASN A 127 17.87 -28.60 34.29
CA ASN A 127 18.00 -29.58 35.40
C ASN A 127 16.64 -30.23 35.67
N GLU A 128 16.63 -31.34 36.42
CA GLU A 128 15.39 -32.12 36.72
C GLU A 128 14.41 -31.26 37.50
N ASP A 129 14.88 -30.32 38.33
CA ASP A 129 13.99 -29.43 39.14
C ASP A 129 13.18 -28.51 38.20
N LEU A 130 13.62 -28.35 36.94
CA LEU A 130 12.98 -27.49 35.90
C LEU A 130 13.05 -26.01 36.35
N ARG A 131 14.10 -25.65 37.11
CA ARG A 131 14.19 -24.35 37.82
C ARG A 131 15.55 -23.69 37.58
N SER A 132 16.54 -24.43 37.09
CA SER A 132 17.96 -23.97 36.96
C SER A 132 18.60 -24.66 35.75
N TRP A 133 19.67 -24.06 35.23
CA TRP A 133 20.42 -24.55 34.04
C TRP A 133 21.81 -25.03 34.48
N THR A 134 22.44 -25.90 33.70
CA THR A 134 23.80 -26.46 33.92
C THR A 134 24.62 -26.25 32.65
N ALA A 135 25.64 -25.39 32.71
CA ALA A 135 26.59 -25.18 31.59
C ALA A 135 27.46 -26.43 31.46
N VAL A 136 28.20 -26.55 30.35
CA VAL A 136 29.33 -27.52 30.19
C VAL A 136 30.63 -26.73 30.04
N ASP A 137 30.58 -25.65 29.27
CA ASP A 137 31.74 -24.81 28.88
C ASP A 137 31.80 -23.61 29.83
N THR A 138 32.82 -22.75 29.71
CA THR A 138 32.83 -21.39 30.31
C THR A 138 31.88 -20.48 29.52
N ALA A 139 31.85 -20.64 28.20
CA ALA A 139 30.95 -19.94 27.26
C ALA A 139 29.51 -20.08 27.75
N ALA A 140 29.12 -21.32 28.05
CA ALA A 140 27.76 -21.70 28.50
C ALA A 140 27.48 -21.13 29.90
N GLN A 141 28.51 -20.68 30.63
CA GLN A 141 28.32 -20.07 31.98
C GLN A 141 27.66 -18.70 31.81
N ILE A 142 28.08 -17.89 30.84
CA ILE A 142 27.43 -16.57 30.57
C ILE A 142 25.97 -16.85 30.24
N SER A 143 25.68 -17.91 29.47
CA SER A 143 24.32 -18.36 29.08
C SER A 143 23.49 -18.76 30.31
N GLU A 144 24.07 -19.58 31.20
CA GLU A 144 23.46 -19.98 32.50
C GLU A 144 23.06 -18.71 33.28
N GLN A 145 24.01 -17.80 33.51
CA GLN A 145 23.76 -16.52 34.24
C GLN A 145 22.57 -15.83 33.54
N LYS A 146 22.67 -15.66 32.21
CA LYS A 146 21.71 -14.86 31.39
C LYS A 146 20.33 -15.51 31.52
N SER A 147 20.27 -16.82 31.29
CA SER A 147 19.04 -17.64 31.44
C SER A 147 18.50 -17.49 32.87
N ASN A 148 19.35 -17.63 33.88
CA ASN A 148 18.96 -17.59 35.31
C ASN A 148 18.35 -16.22 35.61
N ASP A 149 19.08 -15.14 35.34
CA ASP A 149 18.62 -13.74 35.58
C ASP A 149 17.29 -13.48 34.84
N ALA A 150 17.07 -14.14 33.69
CA ALA A 150 15.88 -13.95 32.81
C ALA A 150 14.65 -14.75 33.31
N SER A 151 14.80 -15.68 34.26
CA SER A 151 13.72 -16.60 34.71
C SER A 151 13.27 -17.44 33.52
N GLU A 152 14.19 -17.73 32.59
CA GLU A 152 13.94 -18.53 31.38
C GLU A 152 13.30 -19.87 31.79
N ALA A 153 13.75 -20.47 32.90
CA ALA A 153 13.24 -21.76 33.40
C ALA A 153 11.76 -21.63 33.80
N GLU A 154 11.30 -20.51 34.35
CA GLU A 154 9.86 -20.36 34.74
C GLU A 154 9.01 -20.65 33.51
N HIS A 155 9.42 -20.08 32.38
CA HIS A 155 8.68 -20.18 31.09
C HIS A 155 8.72 -21.66 30.65
N GLN A 156 9.92 -22.24 30.51
CA GLN A 156 10.07 -23.64 30.00
C GLN A 156 9.33 -24.60 30.94
N ARG A 157 9.32 -24.37 32.26
CA ARG A 157 8.64 -25.27 33.22
C ARG A 157 7.13 -25.27 32.97
N ALA A 158 6.51 -24.11 32.80
CA ALA A 158 5.04 -24.03 32.57
C ALA A 158 4.75 -24.73 31.24
N TYR A 159 5.64 -24.55 30.24
CA TYR A 159 5.47 -25.22 28.93
C TYR A 159 5.46 -26.73 29.19
N LEU A 160 6.54 -27.26 29.74
CA LEU A 160 6.77 -28.72 29.94
C LEU A 160 5.66 -29.33 30.83
N GLU A 161 5.31 -28.68 31.95
CA GLU A 161 4.37 -29.25 32.95
C GLU A 161 2.93 -29.10 32.46
N ASP A 162 2.53 -27.95 31.91
CA ASP A 162 1.09 -27.69 31.60
C ASP A 162 0.83 -27.84 30.09
N THR A 163 1.40 -26.96 29.27
CA THR A 163 1.13 -26.84 27.82
C THR A 163 1.46 -28.17 27.14
N CYS A 164 2.72 -28.60 27.25
CA CYS A 164 3.25 -29.80 26.54
C CYS A 164 2.38 -31.01 26.86
N VAL A 165 1.88 -31.11 28.09
CA VAL A 165 1.00 -32.22 28.57
C VAL A 165 -0.40 -32.00 28.02
N GLU A 166 -1.00 -30.82 28.19
CA GLU A 166 -2.40 -30.59 27.71
C GLU A 166 -2.48 -30.92 26.23
N TRP A 167 -1.47 -30.55 25.45
CA TRP A 167 -1.49 -30.71 23.96
C TRP A 167 -1.13 -32.14 23.58
N LEU A 168 -0.24 -32.82 24.32
CA LEU A 168 0.06 -34.26 24.11
C LEU A 168 -1.24 -35.06 24.22
N HIS A 169 -2.03 -34.81 25.26
CA HIS A 169 -3.40 -35.38 25.42
C HIS A 169 -4.24 -35.10 24.18
N LYS A 170 -4.21 -33.90 23.63
CA LYS A 170 -5.08 -33.57 22.46
C LYS A 170 -4.61 -34.35 21.23
N TYR A 171 -3.30 -34.64 21.10
CA TYR A 171 -2.71 -35.31 19.90
C TYR A 171 -2.99 -36.82 19.97
N LEU A 172 -2.78 -37.43 21.13
CA LEU A 172 -3.08 -38.87 21.38
C LEU A 172 -4.55 -39.14 20.99
N GLU A 173 -5.45 -38.21 21.29
CA GLU A 173 -6.90 -38.35 20.98
C GLU A 173 -7.12 -38.20 19.47
N LYS A 174 -6.64 -37.12 18.87
CA LYS A 174 -6.93 -36.77 17.45
C LYS A 174 -6.47 -37.91 16.54
N GLY A 175 -5.40 -38.60 16.92
CA GLY A 175 -4.80 -39.72 16.15
C GLY A 175 -4.67 -40.98 17.00
N LYS A 176 -5.73 -41.39 17.69
CA LYS A 176 -5.75 -42.62 18.53
C LYS A 176 -5.65 -43.86 17.61
N GLU A 177 -6.41 -43.85 16.51
CA GLU A 177 -6.47 -44.97 15.53
C GLU A 177 -5.06 -45.42 15.15
N THR A 178 -4.07 -44.52 15.13
CA THR A 178 -2.69 -44.82 14.67
C THR A 178 -1.71 -44.86 15.86
N LEU A 179 -1.80 -43.93 16.82
CA LEU A 179 -0.76 -43.75 17.87
C LEU A 179 -0.92 -44.78 19.01
N LEU A 180 -2.15 -45.15 19.35
CA LEU A 180 -2.43 -46.10 20.47
C LEU A 180 -2.50 -47.53 19.96
N HIS A 181 -2.77 -47.73 18.67
CA HIS A 181 -2.73 -49.06 17.99
C HIS A 181 -1.29 -49.55 17.98
N LEU A 182 -1.01 -50.70 18.62
CA LEU A 182 0.34 -51.34 18.58
C LEU A 182 0.42 -52.26 17.36
N GLU A 183 1.64 -52.51 16.92
CA GLU A 183 1.96 -53.36 15.75
C GLU A 183 3.24 -54.12 16.09
N PRO A 184 3.12 -55.40 16.51
CA PRO A 184 4.28 -56.19 16.90
C PRO A 184 5.06 -56.65 15.68
N PRO A 185 6.35 -57.00 15.83
CA PRO A 185 7.17 -57.40 14.69
C PRO A 185 6.61 -58.67 14.05
N LYS A 186 6.72 -58.79 12.73
CA LYS A 186 6.63 -60.10 12.04
C LYS A 186 8.07 -60.60 11.89
N THR A 187 8.38 -61.72 12.54
CA THR A 187 9.75 -62.30 12.64
C THR A 187 9.87 -63.50 11.69
N HIS A 188 11.05 -63.67 11.09
CA HIS A 188 11.51 -64.89 10.40
C HIS A 188 13.04 -64.86 10.32
N VAL A 189 13.68 -66.03 10.18
CA VAL A 189 15.16 -66.15 10.01
C VAL A 189 15.42 -66.64 8.59
N THR A 190 16.53 -66.16 7.99
CA THR A 190 16.98 -66.51 6.62
C THR A 190 18.38 -67.11 6.69
N HIS A 191 18.65 -68.05 5.79
CA HIS A 191 19.96 -68.76 5.67
C HIS A 191 20.74 -68.13 4.52
N HIS A 192 21.98 -67.66 4.80
CA HIS A 192 22.90 -67.06 3.80
C HIS A 192 24.26 -67.76 3.88
N PRO A 193 24.59 -68.66 2.93
CA PRO A 193 25.84 -69.41 2.97
C PRO A 193 27.02 -68.56 2.48
N ILE A 194 28.08 -68.45 3.29
CA ILE A 194 29.35 -67.73 2.96
C ILE A 194 30.26 -68.67 2.14
N SER A 195 30.28 -69.95 2.49
CA SER A 195 30.95 -71.05 1.74
C SER A 195 30.23 -72.36 2.04
N ASP A 196 30.89 -73.51 1.84
CA ASP A 196 30.50 -74.83 2.43
C ASP A 196 30.94 -74.87 3.91
N HIS A 197 31.97 -74.08 4.26
CA HIS A 197 32.64 -74.06 5.59
C HIS A 197 31.81 -73.25 6.61
N GLU A 198 31.49 -72.00 6.30
CA GLU A 198 30.73 -71.06 7.19
C GLU A 198 29.38 -70.69 6.54
N ALA A 199 28.39 -70.33 7.36
CA ALA A 199 27.08 -69.76 6.95
C ALA A 199 26.74 -68.57 7.87
N THR A 200 25.80 -67.71 7.44
CA THR A 200 25.33 -66.52 8.21
C THR A 200 23.82 -66.65 8.44
N LEU A 201 23.38 -66.56 9.70
CA LEU A 201 21.95 -66.49 10.11
C LEU A 201 21.61 -65.02 10.38
N ARG A 202 20.40 -64.60 9.99
CA ARG A 202 19.90 -63.21 10.11
C ARG A 202 18.49 -63.25 10.71
N CYS A 203 18.34 -62.75 11.93
CA CYS A 203 17.02 -62.63 12.63
C CYS A 203 16.34 -61.33 12.20
N TRP A 204 15.24 -61.42 11.45
CA TRP A 204 14.48 -60.28 10.89
C TRP A 204 13.32 -59.91 11.82
N ALA A 205 13.11 -58.61 12.04
CA ALA A 205 11.86 -58.01 12.57
C ALA A 205 11.42 -56.92 11.60
N LEU A 206 10.14 -56.90 11.21
CA LEU A 206 9.61 -55.99 10.16
C LEU A 206 8.23 -55.48 10.59
N GLY A 207 7.90 -54.24 10.19
CA GLY A 207 6.53 -53.72 10.26
C GLY A 207 6.06 -53.45 11.69
N PHE A 208 6.99 -53.16 12.61
CA PHE A 208 6.69 -52.95 14.06
C PHE A 208 6.67 -51.46 14.41
N TYR A 209 5.71 -51.06 15.25
CA TYR A 209 5.61 -49.74 15.92
C TYR A 209 5.20 -49.93 17.37
N PRO A 210 5.84 -49.25 18.35
CA PRO A 210 6.96 -48.32 18.11
C PRO A 210 8.34 -48.96 17.91
N ALA A 211 9.38 -48.12 17.79
CA ALA A 211 10.76 -48.47 17.33
C ALA A 211 11.60 -49.12 18.44
N GLU A 212 11.09 -49.16 19.67
CA GLU A 212 11.78 -49.84 20.81
C GLU A 212 11.65 -51.35 20.58
N ILE A 213 12.80 -52.06 20.57
CA ILE A 213 12.91 -53.52 20.24
C ILE A 213 14.31 -54.02 20.60
N THR A 214 14.43 -55.29 21.00
CA THR A 214 15.73 -55.95 21.31
C THR A 214 15.81 -57.31 20.60
N LEU A 215 16.87 -57.53 19.82
CA LEU A 215 17.21 -58.79 19.11
C LEU A 215 18.56 -59.28 19.64
N THR A 216 18.61 -60.47 20.25
CA THR A 216 19.68 -60.87 21.22
C THR A 216 20.70 -61.86 20.64
N TRP A 217 20.28 -62.85 19.83
CA TRP A 217 21.03 -64.12 19.57
C TRP A 217 21.59 -64.68 20.89
N GLU A 229 26.63 -59.09 14.72
CA GLU A 229 26.41 -57.95 13.78
C GLU A 229 24.99 -57.40 13.93
N LEU A 230 24.83 -56.35 14.75
CA LEU A 230 23.54 -55.69 15.07
C LEU A 230 23.41 -54.43 14.21
N VAL A 231 22.39 -54.37 13.36
CA VAL A 231 22.13 -53.23 12.42
C VAL A 231 21.18 -52.23 13.11
N GLU A 232 21.43 -50.93 12.95
CA GLU A 232 20.64 -49.82 13.53
C GLU A 232 19.18 -49.90 13.04
N THR A 233 18.21 -49.84 13.96
CA THR A 233 16.75 -49.78 13.65
C THR A 233 16.54 -48.69 12.59
N ARG A 234 15.63 -48.91 11.65
CA ARG A 234 15.44 -48.06 10.44
C ARG A 234 13.96 -47.98 10.09
N PRO A 235 13.46 -46.90 9.45
CA PRO A 235 12.05 -46.79 9.08
C PRO A 235 11.70 -47.43 7.74
N ALA A 236 10.50 -48.01 7.66
CA ALA A 236 9.93 -48.63 6.45
C ALA A 236 9.48 -47.54 5.49
N GLY A 237 8.93 -46.46 6.05
CA GLY A 237 8.38 -45.31 5.31
C GLY A 237 6.85 -45.30 5.34
N ASP A 238 6.23 -46.27 6.02
CA ASP A 238 4.76 -46.39 6.19
C ASP A 238 4.37 -46.17 7.66
N GLY A 239 5.34 -45.77 8.51
CA GLY A 239 5.14 -45.49 9.93
C GLY A 239 5.77 -46.55 10.81
N THR A 240 6.13 -47.70 10.23
CA THR A 240 6.69 -48.87 10.95
C THR A 240 8.21 -48.84 10.82
N PHE A 241 8.85 -49.85 11.42
CA PHE A 241 10.33 -49.93 11.58
C PHE A 241 10.80 -51.35 11.24
N GLN A 242 12.11 -51.52 11.17
CA GLN A 242 12.79 -52.76 10.73
C GLN A 242 14.13 -52.90 11.45
N LYS A 243 14.51 -54.13 11.80
CA LYS A 243 15.84 -54.41 12.39
C LYS A 243 16.22 -55.88 12.15
N TRP A 244 17.52 -56.15 12.14
CA TRP A 244 18.05 -57.54 12.15
C TRP A 244 19.40 -57.61 12.88
N ALA A 245 19.70 -58.79 13.42
CA ALA A 245 21.01 -59.20 13.96
C ALA A 245 21.48 -60.45 13.22
N ALA A 246 22.80 -60.71 13.23
CA ALA A 246 23.47 -61.82 12.53
C ALA A 246 24.73 -62.28 13.27
N VAL A 247 25.17 -63.53 13.04
CA VAL A 247 26.52 -64.08 13.39
C VAL A 247 27.14 -64.67 12.12
N THR A 258 19.30 -69.73 19.96
CA THR A 258 18.50 -69.08 18.87
C THR A 258 18.33 -67.58 19.16
N CYS A 259 17.53 -66.89 18.33
CA CYS A 259 17.31 -65.42 18.34
C CYS A 259 16.10 -65.07 19.20
N HIS A 260 16.30 -64.22 20.21
CA HIS A 260 15.27 -63.73 21.16
C HIS A 260 14.87 -62.30 20.76
N VAL A 261 13.56 -62.04 20.66
CA VAL A 261 12.95 -60.80 20.10
C VAL A 261 11.97 -60.21 21.12
N GLN A 262 12.33 -59.07 21.72
CA GLN A 262 11.51 -58.37 22.75
C GLN A 262 10.92 -57.09 22.14
N HIS A 263 9.61 -56.88 22.32
CA HIS A 263 8.87 -55.69 21.83
C HIS A 263 7.55 -55.56 22.59
N GLU A 264 7.19 -54.32 22.96
CA GLU A 264 6.04 -54.04 23.87
C GLU A 264 4.71 -54.44 23.23
N GLY A 265 4.71 -54.91 21.98
CA GLY A 265 3.49 -55.25 21.22
C GLY A 265 3.08 -56.71 21.34
N LEU A 266 4.01 -57.58 21.76
CA LEU A 266 3.76 -59.05 21.89
C LEU A 266 3.85 -59.44 23.36
N PRO A 267 2.89 -60.26 23.89
CA PRO A 267 2.81 -60.56 25.32
C PRO A 267 4.09 -61.14 25.94
N GLU A 268 4.80 -62.01 25.21
CA GLU A 268 6.07 -62.62 25.65
C GLU A 268 7.07 -62.63 24.50
N PRO A 269 8.39 -62.55 24.80
CA PRO A 269 9.43 -62.59 23.76
C PRO A 269 9.32 -63.85 22.88
N VAL A 270 9.18 -63.66 21.57
CA VAL A 270 9.19 -64.77 20.56
C VAL A 270 10.64 -65.14 20.23
N THR A 271 10.93 -66.45 20.23
CA THR A 271 12.27 -67.06 20.00
C THR A 271 12.26 -67.85 18.69
N MET B 1 35.61 -29.04 17.00
CA MET B 1 34.28 -29.01 16.34
C MET B 1 33.95 -30.40 15.80
N ILE B 2 32.89 -31.01 16.37
CA ILE B 2 32.52 -32.44 16.18
C ILE B 2 32.14 -32.66 14.70
N GLN B 3 32.80 -33.61 14.02
CA GLN B 3 32.36 -34.16 12.70
C GLN B 3 32.15 -35.67 12.81
N ARG B 4 31.02 -36.18 12.31
CA ARG B 4 30.67 -37.64 12.29
C ARG B 4 30.26 -38.03 10.86
N THR B 5 30.63 -39.24 10.42
CA THR B 5 30.42 -39.72 9.03
C THR B 5 29.11 -40.49 8.94
N PRO B 6 28.32 -40.31 7.85
CA PRO B 6 27.03 -40.98 7.73
C PRO B 6 27.19 -42.50 7.84
N LYS B 7 26.25 -43.16 8.53
CA LYS B 7 26.00 -44.61 8.39
C LYS B 7 24.87 -44.76 7.37
N ILE B 8 25.14 -45.45 6.26
CA ILE B 8 24.17 -45.65 5.14
C ILE B 8 23.52 -47.03 5.31
N GLN B 9 22.22 -47.13 5.03
CA GLN B 9 21.50 -48.41 4.94
C GLN B 9 20.51 -48.33 3.77
N VAL B 10 20.82 -49.06 2.69
CA VAL B 10 19.96 -49.18 1.48
C VAL B 10 19.15 -50.45 1.65
N TYR B 11 17.83 -50.38 1.42
CA TYR B 11 16.89 -51.48 1.68
C TYR B 11 15.52 -51.09 1.12
N SER B 12 14.57 -52.02 1.14
CA SER B 12 13.19 -51.81 0.61
C SER B 12 12.17 -51.92 1.75
N ARG B 13 11.04 -51.21 1.62
CA ARG B 13 9.94 -51.19 2.62
C ARG B 13 9.49 -52.64 2.85
N HIS B 14 8.92 -53.26 1.82
CA HIS B 14 8.41 -54.66 1.83
C HIS B 14 9.50 -55.59 1.29
N PRO B 15 9.38 -56.93 1.42
CA PRO B 15 10.34 -57.86 0.81
C PRO B 15 10.23 -57.80 -0.71
N ALA B 16 11.39 -57.78 -1.39
CA ALA B 16 11.54 -57.64 -2.85
C ALA B 16 10.87 -58.81 -3.58
N GLU B 17 9.96 -58.52 -4.51
CA GLU B 17 9.37 -59.47 -5.50
C GLU B 17 9.36 -58.81 -6.89
N ASN B 18 10.07 -59.42 -7.85
CA ASN B 18 10.25 -58.86 -9.22
C ASN B 18 8.88 -58.62 -9.87
N GLY B 19 8.73 -57.51 -10.58
CA GLY B 19 7.51 -57.17 -11.33
C GLY B 19 6.50 -56.37 -10.52
N LYS B 20 6.51 -56.48 -9.18
CA LYS B 20 5.51 -55.84 -8.30
C LYS B 20 6.11 -54.62 -7.59
N SER B 21 5.32 -53.56 -7.46
CA SER B 21 5.69 -52.21 -6.96
C SER B 21 6.16 -52.30 -5.49
N ASN B 22 7.11 -51.44 -5.11
CA ASN B 22 7.69 -51.35 -3.75
C ASN B 22 8.15 -49.92 -3.49
N PHE B 23 8.99 -49.70 -2.47
CA PHE B 23 9.73 -48.44 -2.20
C PHE B 23 11.17 -48.78 -1.85
N LEU B 24 12.13 -48.05 -2.44
CA LEU B 24 13.56 -48.20 -2.13
C LEU B 24 13.95 -47.09 -1.13
N ASN B 25 14.58 -47.48 -0.02
CA ASN B 25 14.91 -46.59 1.13
C ASN B 25 16.42 -46.50 1.29
N CYS B 26 16.95 -45.28 1.38
CA CYS B 26 18.32 -45.00 1.88
C CYS B 26 18.23 -44.23 3.20
N TYR B 27 18.73 -44.84 4.30
CA TYR B 27 18.73 -44.27 5.67
C TYR B 27 20.18 -43.89 6.03
N VAL B 28 20.52 -42.62 5.79
CA VAL B 28 21.78 -41.99 6.28
C VAL B 28 21.50 -41.50 7.69
N SER B 29 22.45 -41.72 8.62
CA SER B 29 22.31 -41.42 10.06
C SER B 29 23.69 -41.19 10.69
N GLY B 30 23.73 -40.63 11.90
CA GLY B 30 24.95 -40.50 12.72
C GLY B 30 25.93 -39.45 12.20
N PHE B 31 25.47 -38.52 11.35
CA PHE B 31 26.34 -37.51 10.68
C PHE B 31 26.18 -36.12 11.31
N HIS B 32 27.22 -35.29 11.16
CA HIS B 32 27.32 -33.90 11.66
C HIS B 32 28.50 -33.23 10.95
N PRO B 33 28.35 -32.04 10.32
CA PRO B 33 27.10 -31.27 10.34
C PRO B 33 26.02 -31.78 9.37
N SER B 34 24.98 -30.97 9.16
CA SER B 34 23.69 -31.35 8.53
C SER B 34 23.79 -31.40 6.99
N ASP B 35 24.64 -30.56 6.38
CA ASP B 35 24.85 -30.54 4.90
C ASP B 35 25.24 -31.94 4.42
N ILE B 36 24.42 -32.52 3.54
CA ILE B 36 24.64 -33.87 2.96
C ILE B 36 23.91 -33.91 1.61
N GLU B 37 24.49 -34.61 0.62
CA GLU B 37 23.85 -34.83 -0.70
C GLU B 37 23.61 -36.33 -0.85
N VAL B 38 22.41 -36.71 -1.29
CA VAL B 38 21.97 -38.13 -1.36
C VAL B 38 21.18 -38.33 -2.65
N ASP B 39 21.75 -39.10 -3.58
CA ASP B 39 21.06 -39.57 -4.82
C ASP B 39 20.88 -41.08 -4.71
N LEU B 40 19.75 -41.58 -5.21
CA LEU B 40 19.51 -43.02 -5.49
C LEU B 40 19.86 -43.30 -6.96
N LEU B 41 20.48 -44.46 -7.21
CA LEU B 41 21.02 -44.82 -8.54
C LEU B 41 20.33 -46.07 -9.09
N LYS B 42 19.89 -46.00 -10.36
CA LYS B 42 19.40 -47.15 -11.17
C LYS B 42 20.44 -47.49 -12.23
N ASN B 43 21.36 -48.41 -11.89
CA ASN B 43 22.52 -48.81 -12.74
C ASN B 43 23.41 -47.59 -12.96
N GLY B 44 23.87 -46.96 -11.88
CA GLY B 44 24.74 -45.77 -11.91
C GLY B 44 24.05 -44.51 -12.40
N GLU B 45 22.75 -44.58 -12.77
CA GLU B 45 21.94 -43.42 -13.24
C GLU B 45 21.22 -42.79 -12.05
N ARG B 46 21.28 -41.46 -11.93
CA ARG B 46 20.56 -40.65 -10.90
C ARG B 46 19.05 -40.75 -11.16
N ILE B 47 18.26 -41.21 -10.18
CA ILE B 47 16.77 -41.28 -10.25
C ILE B 47 16.23 -39.88 -9.92
N GLU B 48 15.29 -39.36 -10.71
CA GLU B 48 14.86 -37.94 -10.64
C GLU B 48 13.90 -37.74 -9.45
N LYS B 49 12.71 -38.34 -9.49
CA LYS B 49 11.64 -38.11 -8.48
C LYS B 49 11.98 -38.87 -7.19
N VAL B 50 12.77 -38.26 -6.29
CA VAL B 50 13.21 -38.85 -4.99
C VAL B 50 12.78 -37.90 -3.87
N GLU B 51 12.12 -38.40 -2.83
CA GLU B 51 11.65 -37.58 -1.68
C GLU B 51 12.50 -37.89 -0.44
N HIS B 52 12.46 -37.03 0.57
CA HIS B 52 13.23 -37.19 1.83
C HIS B 52 12.42 -36.67 3.03
N SER B 53 12.52 -37.41 4.15
CA SER B 53 12.00 -37.04 5.50
C SER B 53 12.54 -35.66 5.87
N ASP B 54 11.87 -34.98 6.80
CA ASP B 54 12.34 -33.70 7.39
C ASP B 54 13.57 -33.98 8.26
N LEU B 55 14.54 -33.07 8.30
CA LEU B 55 15.81 -33.25 9.06
C LEU B 55 15.47 -33.32 10.55
N SER B 56 15.87 -34.40 11.23
CA SER B 56 15.79 -34.56 12.70
C SER B 56 17.12 -35.11 13.22
N PHE B 57 17.26 -35.28 14.54
CA PHE B 57 18.53 -35.78 15.15
C PHE B 57 18.21 -36.70 16.35
N SER B 58 19.21 -37.46 16.77
CA SER B 58 19.15 -38.47 17.86
C SER B 58 19.77 -37.87 19.12
N LYS B 59 19.80 -38.61 20.23
CA LYS B 59 20.26 -38.11 21.55
C LYS B 59 21.74 -37.67 21.48
N ASP B 60 22.55 -38.23 20.57
CA ASP B 60 23.98 -37.85 20.43
C ASP B 60 24.12 -36.57 19.58
N TRP B 61 22.98 -35.98 19.15
CA TRP B 61 22.90 -34.74 18.34
C TRP B 61 23.15 -35.04 16.86
N SER B 62 23.31 -36.31 16.48
CA SER B 62 23.65 -36.73 15.10
C SER B 62 22.37 -36.66 14.25
N PHE B 63 22.50 -36.29 12.98
CA PHE B 63 21.35 -36.08 12.05
C PHE B 63 20.97 -37.39 11.34
N TYR B 64 19.70 -37.52 10.97
CA TYR B 64 19.20 -38.68 10.19
C TYR B 64 18.11 -38.26 9.21
N LEU B 65 18.22 -38.79 7.99
CA LEU B 65 17.24 -38.59 6.90
C LEU B 65 16.90 -39.94 6.28
N LEU B 66 15.67 -40.06 5.79
CA LEU B 66 15.28 -41.13 4.84
C LEU B 66 15.02 -40.51 3.47
N TYR B 67 15.82 -40.90 2.47
CA TYR B 67 15.57 -40.69 1.03
C TYR B 67 14.90 -41.96 0.49
N TYR B 68 13.76 -41.81 -0.20
CA TYR B 68 12.94 -42.95 -0.69
C TYR B 68 12.30 -42.63 -2.05
N THR B 69 12.02 -43.69 -2.84
CA THR B 69 11.39 -43.62 -4.17
C THR B 69 10.58 -44.89 -4.46
N GLU B 70 9.45 -44.73 -5.16
CA GLU B 70 8.59 -45.84 -5.61
C GLU B 70 9.28 -46.51 -6.80
N PHE B 71 9.58 -47.81 -6.69
CA PHE B 71 10.32 -48.58 -7.74
C PHE B 71 9.76 -49.99 -7.83
N THR B 72 9.77 -50.52 -9.05
CA THR B 72 9.49 -51.95 -9.37
C THR B 72 10.84 -52.64 -9.57
N PRO B 73 11.29 -53.49 -8.62
CA PRO B 73 12.56 -54.18 -8.76
C PRO B 73 12.47 -55.26 -9.84
N THR B 74 13.62 -55.69 -10.36
CA THR B 74 13.75 -56.81 -11.33
C THR B 74 15.00 -57.61 -10.97
N GLU B 75 15.15 -58.81 -11.56
CA GLU B 75 16.28 -59.74 -11.30
C GLU B 75 17.57 -59.14 -11.90
N LYS B 76 17.43 -58.25 -12.88
CA LYS B 76 18.53 -57.70 -13.72
C LYS B 76 19.03 -56.37 -13.11
N ASP B 77 18.12 -55.43 -12.89
CA ASP B 77 18.38 -54.02 -12.44
C ASP B 77 19.14 -53.99 -11.11
N GLU B 78 20.25 -53.25 -11.06
CA GLU B 78 21.00 -52.92 -9.82
C GLU B 78 20.58 -51.52 -9.35
N TYR B 79 20.56 -51.32 -8.03
CA TYR B 79 20.23 -50.03 -7.37
C TYR B 79 21.28 -49.71 -6.30
N ALA B 80 21.56 -48.43 -6.06
CA ALA B 80 22.54 -47.98 -5.05
C ALA B 80 22.15 -46.62 -4.48
N CYS B 81 22.80 -46.26 -3.37
CA CYS B 81 22.71 -44.94 -2.68
C CYS B 81 24.08 -44.26 -2.75
N ARG B 82 24.12 -43.07 -3.34
CA ARG B 82 25.34 -42.21 -3.40
C ARG B 82 25.16 -41.08 -2.39
N VAL B 83 26.14 -40.94 -1.50
CA VAL B 83 26.10 -40.03 -0.32
C VAL B 83 27.40 -39.23 -0.31
N ASN B 84 27.32 -37.90 -0.39
CA ASN B 84 28.49 -37.01 -0.20
C ASN B 84 28.27 -36.22 1.08
N HIS B 85 29.32 -36.07 1.88
CA HIS B 85 29.33 -35.34 3.18
C HIS B 85 30.70 -34.70 3.34
N VAL B 86 30.78 -33.53 3.98
CA VAL B 86 32.04 -32.75 4.17
C VAL B 86 33.14 -33.70 4.67
N THR B 87 32.77 -34.75 5.40
CA THR B 87 33.69 -35.69 6.09
C THR B 87 34.36 -36.66 5.10
N LEU B 88 33.66 -37.03 4.02
CA LEU B 88 34.18 -37.94 2.95
C LEU B 88 35.02 -37.13 1.95
N SER B 89 36.16 -37.66 1.49
CA SER B 89 36.97 -37.05 0.40
C SER B 89 36.33 -37.36 -0.96
N GLN B 90 35.50 -38.40 -1.08
CA GLN B 90 34.80 -38.75 -2.35
C GLN B 90 33.48 -39.50 -2.07
N PRO B 91 32.44 -39.29 -2.90
CA PRO B 91 31.13 -39.91 -2.68
C PRO B 91 31.23 -41.40 -2.33
N LYS B 92 30.58 -41.84 -1.25
CA LYS B 92 30.45 -43.27 -0.89
C LYS B 92 29.20 -43.81 -1.58
N ILE B 93 29.33 -45.00 -2.19
CA ILE B 93 28.22 -45.70 -2.90
C ILE B 93 27.99 -47.06 -2.21
N VAL B 94 26.74 -47.33 -1.82
CA VAL B 94 26.30 -48.61 -1.19
C VAL B 94 25.27 -49.23 -2.14
N LYS B 95 25.46 -50.50 -2.52
CA LYS B 95 24.54 -51.20 -3.47
C LYS B 95 23.44 -51.87 -2.66
N TRP B 96 22.20 -51.83 -3.16
CA TRP B 96 21.04 -52.53 -2.56
C TRP B 96 21.26 -54.04 -2.63
N ASP B 97 21.22 -54.71 -1.49
CA ASP B 97 21.23 -56.19 -1.37
C ASP B 97 19.87 -56.60 -0.78
N ARG B 98 18.96 -57.15 -1.59
CA ARG B 98 17.55 -57.43 -1.16
C ARG B 98 17.51 -58.42 0.01
N ASP B 99 18.66 -59.00 0.39
CA ASP B 99 18.83 -59.88 1.58
C ASP B 99 19.30 -59.07 2.80
N MET B 100 19.34 -57.74 2.69
CA MET B 100 19.82 -56.82 3.76
C MET B 100 18.89 -55.60 3.87
N ARG C 1 2.24 -28.81 20.23
CA ARG C 1 2.34 -27.32 20.34
C ARG C 1 3.74 -26.92 20.80
N LEU C 2 4.28 -25.86 20.19
CA LEU C 2 5.61 -25.30 20.48
C LEU C 2 5.56 -24.39 21.72
N PRO C 3 6.71 -24.25 22.41
CA PRO C 3 6.85 -23.22 23.42
C PRO C 3 7.05 -21.90 22.65
N ALA C 4 6.33 -20.86 23.08
CA ALA C 4 6.37 -19.48 22.54
C ALA C 4 7.80 -18.95 22.50
N LYS C 5 8.53 -19.16 23.60
CA LYS C 5 9.64 -18.27 23.99
C LYS C 5 10.91 -19.10 24.14
N ALA C 6 11.48 -19.52 23.02
CA ALA C 6 12.83 -20.12 22.99
C ALA C 6 13.77 -19.34 23.90
N PRO C 7 14.47 -20.01 24.84
CA PRO C 7 15.46 -19.36 25.71
C PRO C 7 16.54 -18.52 25.01
N LEU C 8 17.01 -17.46 25.66
CA LEU C 8 18.04 -16.54 25.12
C LEU C 8 19.41 -16.83 25.72
N LEU C 9 20.35 -17.25 24.87
CA LEU C 9 21.74 -17.68 25.24
C LEU C 9 22.68 -16.46 25.16
N LYS D 3 -11.25 -4.81 33.07
CA LYS D 3 -9.91 -4.68 32.40
C LYS D 3 -9.00 -5.84 32.83
N GLU D 4 -8.27 -6.45 31.90
CA GLU D 4 -7.34 -7.58 32.17
C GLU D 4 -6.32 -7.14 33.23
N VAL D 5 -5.96 -5.85 33.27
CA VAL D 5 -4.90 -5.29 34.17
C VAL D 5 -5.46 -4.08 34.92
N GLU D 6 -5.39 -4.10 36.26
CA GLU D 6 -6.00 -3.06 37.14
C GLU D 6 -4.89 -2.33 37.93
N GLN D 7 -5.00 -1.00 37.98
CA GLN D 7 -4.14 -0.01 38.70
C GLN D 7 -5.02 1.14 39.22
N ASN D 8 -4.87 1.54 40.47
CA ASN D 8 -5.42 2.83 40.98
C ASN D 8 -4.79 3.95 40.13
N SER D 9 -5.59 4.66 39.32
CA SER D 9 -5.08 5.72 38.42
C SER D 9 -4.84 6.99 39.24
N GLY D 10 -5.62 7.18 40.31
CA GLY D 10 -5.59 8.38 41.17
C GLY D 10 -4.17 8.75 41.56
N PRO D 11 -3.88 10.05 41.79
CA PRO D 11 -2.56 10.51 42.23
C PRO D 11 -2.14 9.88 43.57
N LEU D 12 -0.93 9.31 43.61
CA LEU D 12 -0.32 8.78 44.85
C LEU D 12 0.74 9.76 45.35
N SER D 13 0.43 10.49 46.41
CA SER D 13 1.30 11.53 47.03
C SER D 13 2.18 10.91 48.12
N VAL D 14 3.48 11.20 48.08
CA VAL D 14 4.47 10.56 48.98
C VAL D 14 5.58 11.56 49.32
N PRO D 15 5.94 11.71 50.61
CA PRO D 15 7.02 12.61 51.00
C PRO D 15 8.39 12.01 50.65
N GLU D 16 9.31 12.86 50.22
CA GLU D 16 10.69 12.47 49.83
C GLU D 16 11.30 11.64 50.96
N GLY D 17 11.71 10.40 50.66
CA GLY D 17 12.40 9.50 51.59
C GLY D 17 11.52 8.35 52.06
N ALA D 18 10.19 8.48 51.91
CA ALA D 18 9.22 7.40 52.16
C ALA D 18 9.40 6.31 51.11
N ILE D 19 8.94 5.10 51.41
CA ILE D 19 8.84 4.00 50.41
C ILE D 19 7.50 4.13 49.68
N ALA D 20 7.55 4.31 48.36
CA ALA D 20 6.34 4.31 47.51
C ALA D 20 5.97 2.87 47.22
N SER D 21 4.70 2.54 47.40
CA SER D 21 4.12 1.21 47.07
C SER D 21 3.13 1.36 45.91
N LEU D 22 3.58 0.97 44.70
CA LEU D 22 2.76 0.85 43.46
C LEU D 22 2.25 -0.58 43.32
N ASN D 23 0.95 -0.75 43.12
CA ASN D 23 0.28 -2.08 43.13
C ASN D 23 -0.62 -2.25 41.91
N CYS D 24 -0.60 -3.47 41.38
CA CYS D 24 -1.24 -3.86 40.12
C CYS D 24 -1.76 -5.29 40.22
N THR D 25 -2.94 -5.52 39.67
CA THR D 25 -3.70 -6.79 39.75
C THR D 25 -4.07 -7.20 38.32
N TYR D 26 -3.90 -8.47 37.98
CA TYR D 26 -4.13 -9.06 36.62
C TYR D 26 -5.12 -10.24 36.71
N SER D 27 -6.00 -10.38 35.70
CA SER D 27 -7.08 -11.41 35.61
C SER D 27 -6.53 -12.82 35.28
N ASP D 28 -5.64 -13.00 34.31
CA ASP D 28 -5.32 -14.38 33.84
C ASP D 28 -4.33 -15.05 34.81
N ARG D 29 -4.80 -16.02 35.58
CA ARG D 29 -4.00 -16.75 36.60
C ARG D 29 -2.74 -17.35 35.97
N ARG D 30 -2.69 -17.55 34.65
CA ARG D 30 -1.55 -18.20 33.95
C ARG D 30 -0.71 -17.17 33.18
N SER D 31 -0.94 -15.87 33.41
CA SER D 31 -0.09 -14.78 32.86
C SER D 31 1.38 -15.17 33.03
N ARG D 32 2.23 -14.83 32.06
CA ARG D 32 3.59 -15.41 31.87
C ARG D 32 4.68 -14.47 32.34
N SER D 33 4.56 -13.18 31.99
CA SER D 33 5.58 -12.15 32.36
C SER D 33 4.93 -10.82 32.74
N PHE D 34 5.64 -10.05 33.56
CA PHE D 34 5.09 -8.89 34.33
C PHE D 34 6.14 -7.78 34.32
N PHE D 35 5.70 -6.58 34.00
CA PHE D 35 6.57 -5.44 33.62
C PHE D 35 6.11 -4.17 34.32
N TRP D 36 7.09 -3.37 34.75
CA TRP D 36 6.87 -1.98 35.24
C TRP D 36 7.58 -1.03 34.29
N TYR D 37 6.82 -0.11 33.70
CA TYR D 37 7.35 1.02 32.90
C TYR D 37 7.20 2.31 33.71
N ARG D 38 8.25 3.15 33.68
CA ARG D 38 8.22 4.56 34.14
C ARG D 38 7.94 5.44 32.92
N GLN D 39 7.00 6.38 33.03
CA GLN D 39 6.71 7.36 31.96
C GLN D 39 6.59 8.77 32.54
N TYR D 40 7.62 9.59 32.35
CA TYR D 40 7.62 11.04 32.67
C TYR D 40 6.63 11.77 31.75
N SER D 41 6.12 12.92 32.18
CA SER D 41 5.16 13.76 31.41
C SER D 41 5.77 14.08 30.03
N GLY D 42 5.02 13.88 28.95
CA GLY D 42 5.45 14.16 27.55
C GLY D 42 6.49 13.19 27.00
N LYS D 43 6.89 12.16 27.75
CA LYS D 43 7.90 11.17 27.32
C LYS D 43 7.25 9.80 27.06
N SER D 44 8.01 8.87 26.46
CA SER D 44 7.53 7.50 26.15
C SER D 44 7.82 6.56 27.32
N PRO D 45 7.09 5.44 27.48
CA PRO D 45 7.32 4.55 28.62
C PRO D 45 8.72 3.92 28.59
N GLU D 46 9.45 3.98 29.72
CA GLU D 46 10.78 3.35 29.90
C GLU D 46 10.63 2.10 30.76
N LEU D 47 11.17 0.96 30.32
CA LEU D 47 11.05 -0.32 31.07
C LEU D 47 12.01 -0.28 32.25
N ILE D 48 11.54 -0.45 33.49
CA ILE D 48 12.39 -0.31 34.73
C ILE D 48 12.49 -1.63 35.48
N MET D 49 11.44 -2.46 35.51
CA MET D 49 11.50 -3.79 36.17
C MET D 49 10.81 -4.83 35.28
N SER D 50 11.39 -6.02 35.25
CA SER D 50 10.81 -7.22 34.61
C SER D 50 10.87 -8.37 35.63
N ILE D 51 9.72 -8.97 35.92
CA ILE D 51 9.56 -10.08 36.90
C ILE D 51 8.75 -11.19 36.21
N TYR D 52 9.08 -12.44 36.51
CA TYR D 52 8.45 -13.66 35.94
C TYR D 52 8.08 -14.66 37.03
N SER D 53 8.92 -14.73 38.07
CA SER D 53 8.90 -15.79 39.11
C SER D 53 8.36 -15.21 40.43
N ASN D 54 7.54 -15.98 41.14
CA ASN D 54 7.06 -15.62 42.50
C ASN D 54 8.25 -15.15 43.34
N GLY D 55 8.06 -14.06 44.09
CA GLY D 55 9.11 -13.45 44.94
C GLY D 55 9.40 -12.02 44.55
N ASP D 56 10.66 -11.62 44.72
CA ASP D 56 11.14 -10.21 44.63
C ASP D 56 12.33 -10.15 43.68
N LYS D 57 12.37 -9.14 42.81
CA LYS D 57 13.58 -8.73 42.05
C LYS D 57 13.99 -7.34 42.55
N GLU D 58 15.30 -7.14 42.75
CA GLU D 58 15.89 -5.89 43.30
C GLU D 58 16.77 -5.26 42.23
N ASP D 59 16.62 -3.95 42.03
CA ASP D 59 17.50 -3.12 41.16
C ASP D 59 17.50 -1.69 41.68
N GLY D 60 18.61 -1.26 42.29
CA GLY D 60 18.71 0.03 42.97
C GLY D 60 17.64 0.17 44.04
N ARG D 61 16.94 1.30 44.04
CA ARG D 61 15.89 1.66 45.02
C ARG D 61 14.57 1.01 44.61
N PHE D 62 14.59 0.20 43.54
CA PHE D 62 13.38 -0.48 43.00
C PHE D 62 13.32 -1.94 43.47
N THR D 63 12.12 -2.34 43.87
CA THR D 63 11.79 -3.78 44.09
C THR D 63 10.47 -4.10 43.39
N ALA D 64 10.50 -5.13 42.56
CA ALA D 64 9.31 -5.79 41.99
C ALA D 64 8.93 -7.00 42.88
N GLN D 65 7.67 -7.08 43.28
CA GLN D 65 7.09 -8.23 44.03
C GLN D 65 6.00 -8.89 43.18
N LEU D 66 6.16 -10.18 42.86
CA LEU D 66 5.15 -10.97 42.10
C LEU D 66 4.54 -12.04 42.99
N ASN D 67 3.21 -12.07 43.08
CA ASN D 67 2.43 -13.11 43.80
C ASN D 67 1.38 -13.71 42.85
N LYS D 68 1.71 -14.87 42.28
CA LYS D 68 0.86 -15.55 41.27
C LYS D 68 -0.42 -16.09 41.91
N ALA D 69 -0.38 -16.43 43.20
CA ALA D 69 -1.55 -16.85 44.00
C ALA D 69 -2.56 -15.70 44.17
N SER D 70 -2.14 -14.54 44.65
CA SER D 70 -3.04 -13.37 44.85
C SER D 70 -3.25 -12.63 43.51
N GLN D 71 -2.40 -12.93 42.52
CA GLN D 71 -2.41 -12.30 41.16
C GLN D 71 -2.19 -10.79 41.34
N TYR D 72 -1.22 -10.49 42.22
CA TYR D 72 -0.70 -9.14 42.51
C TYR D 72 0.75 -9.07 42.01
N VAL D 73 1.08 -7.89 41.50
CA VAL D 73 2.44 -7.46 41.10
C VAL D 73 2.60 -6.03 41.61
N SER D 74 3.67 -5.78 42.36
CA SER D 74 3.91 -4.48 43.03
C SER D 74 5.29 -3.94 42.65
N LEU D 75 5.42 -2.62 42.71
CA LEU D 75 6.71 -1.88 42.62
C LEU D 75 6.93 -1.08 43.91
N LEU D 76 8.11 -1.27 44.51
CA LEU D 76 8.56 -0.48 45.69
C LEU D 76 9.68 0.45 45.27
N ILE D 77 9.54 1.73 45.64
CA ILE D 77 10.61 2.75 45.44
C ILE D 77 11.12 3.20 46.81
N ARG D 78 12.29 2.66 47.20
CA ARG D 78 13.04 3.06 48.41
C ARG D 78 13.48 4.53 48.26
N ASP D 79 13.62 5.23 49.39
CA ASP D 79 14.21 6.58 49.47
CA ASP D 79 14.18 6.61 49.49
C ASP D 79 13.63 7.45 48.33
N SER D 80 12.31 7.39 48.10
CA SER D 80 11.66 8.05 46.95
C SER D 80 12.09 9.53 46.89
N GLN D 81 12.67 9.94 45.75
CA GLN D 81 13.09 11.33 45.39
C GLN D 81 12.03 11.96 44.49
N PRO D 82 11.94 13.30 44.37
CA PRO D 82 11.01 13.94 43.43
C PRO D 82 11.29 13.57 41.94
N SER D 83 12.55 13.28 41.59
CA SER D 83 12.96 12.71 40.28
C SER D 83 12.10 11.49 39.90
N ASP D 84 11.53 10.78 40.89
CA ASP D 84 10.67 9.59 40.65
C ASP D 84 9.22 10.01 40.33
N SER D 85 8.88 11.30 40.41
CA SER D 85 7.49 11.74 40.08
C SER D 85 7.26 11.46 38.59
N ALA D 86 6.23 10.68 38.28
CA ALA D 86 6.04 10.00 36.98
C ALA D 86 4.80 9.12 37.06
N THR D 87 4.26 8.73 35.90
CA THR D 87 3.20 7.70 35.79
C THR D 87 3.91 6.36 35.65
N TYR D 88 3.52 5.38 36.47
CA TYR D 88 4.12 4.02 36.48
C TYR D 88 3.10 3.06 35.91
N LEU D 89 3.45 2.44 34.78
CA LEU D 89 2.52 1.58 33.99
C LEU D 89 2.82 0.12 34.31
N CYS D 90 1.80 -0.60 34.76
CA CYS D 90 1.83 -2.08 34.88
C CYS D 90 1.45 -2.75 33.56
N ALA D 91 2.25 -3.70 33.12
CA ALA D 91 2.06 -4.45 31.85
C ALA D 91 2.23 -5.95 32.10
N VAL D 92 1.22 -6.73 31.75
CA VAL D 92 1.16 -8.22 31.95
C VAL D 92 0.89 -8.90 30.61
N MET D 93 1.67 -9.93 30.32
CA MET D 93 1.50 -10.87 29.18
C MET D 93 0.75 -12.12 29.69
N ASP D 94 -0.39 -12.45 29.05
CA ASP D 94 -1.31 -13.54 29.49
C ASP D 94 -0.73 -14.91 29.10
N ARG D 95 -1.47 -15.99 29.31
CA ARG D 95 -0.99 -17.37 29.08
C ARG D 95 -0.48 -17.51 27.64
N GLU D 96 -1.07 -16.72 26.73
CA GLU D 96 -0.76 -16.76 25.27
C GLU D 96 0.41 -15.82 24.96
N TYR D 97 0.91 -15.09 25.95
CA TYR D 97 2.00 -14.07 25.87
C TYR D 97 1.49 -12.78 25.21
N GLU D 98 0.19 -12.48 25.28
CA GLU D 98 -0.40 -11.22 24.76
C GLU D 98 -0.41 -10.18 25.88
N ILE D 99 0.31 -9.06 25.70
CA ILE D 99 0.52 -8.00 26.72
C ILE D 99 -0.72 -7.11 26.84
N SER D 100 -1.00 -6.64 28.04
CA SER D 100 -1.96 -5.53 28.33
C SER D 100 -1.25 -4.53 29.23
N PHE D 101 -1.43 -3.25 28.94
CA PHE D 101 -0.97 -2.12 29.77
C PHE D 101 -2.16 -1.63 30.59
N GLY D 102 -2.04 -1.60 31.91
CA GLY D 102 -3.00 -0.91 32.79
C GLY D 102 -2.95 0.57 32.47
N SER D 103 -3.88 1.36 33.02
CA SER D 103 -4.01 2.82 32.81
C SER D 103 -2.84 3.59 33.45
N GLY D 104 -2.07 2.94 34.33
CA GLY D 104 -0.94 3.57 35.03
C GLY D 104 -1.37 4.25 36.32
N THR D 105 -0.39 4.43 37.22
CA THR D 105 -0.56 5.16 38.50
C THR D 105 0.39 6.36 38.47
N ARG D 106 -0.16 7.56 38.71
CA ARG D 106 0.65 8.79 38.80
C ARG D 106 1.25 8.88 40.21
N LEU D 107 2.58 8.81 40.33
CA LEU D 107 3.31 9.06 41.59
C LEU D 107 3.78 10.53 41.66
N LEU D 108 3.54 11.17 42.80
CA LEU D 108 3.96 12.56 43.10
C LEU D 108 4.79 12.53 44.39
N VAL D 109 6.12 12.60 44.30
CA VAL D 109 7.03 12.63 45.49
C VAL D 109 7.21 14.08 45.94
N ARG D 110 6.50 14.47 47.01
CA ARG D 110 6.59 15.81 47.68
C ARG D 110 8.00 16.03 48.18
N PRO D 111 8.66 17.14 47.76
CA PRO D 111 10.08 17.37 48.10
C PRO D 111 10.30 17.76 49.56
N ASP D 112 11.39 17.27 50.15
CA ASP D 112 11.79 17.56 51.56
C ASP D 112 12.29 19.00 51.69
N ILE D 113 11.43 19.89 52.22
CA ILE D 113 11.73 21.32 52.50
C ILE D 113 12.09 21.44 54.00
N GLN D 114 13.38 21.57 54.32
CA GLN D 114 13.87 21.63 55.72
C GLN D 114 13.50 23.00 56.34
N ASN D 115 13.67 24.11 55.61
CA ASN D 115 13.56 25.49 56.17
C ASN D 115 12.64 26.38 55.33
N PRO D 116 11.31 26.20 55.42
CA PRO D 116 10.37 27.14 54.78
C PRO D 116 10.69 28.60 55.11
N ASP D 117 10.56 29.49 54.12
CA ASP D 117 10.71 30.97 54.26
C ASP D 117 9.78 31.61 53.24
N PRO D 118 8.47 31.29 53.27
CA PRO D 118 7.52 31.83 52.30
C PRO D 118 7.75 33.32 52.03
N ALA D 119 8.02 33.67 50.77
CA ALA D 119 8.32 35.05 50.31
C ALA D 119 7.80 35.23 48.88
N VAL D 120 7.34 36.44 48.53
CA VAL D 120 7.02 36.89 47.14
C VAL D 120 7.98 38.02 46.76
N TYR D 121 8.44 38.06 45.51
CA TYR D 121 9.37 39.10 44.99
C TYR D 121 8.85 39.59 43.64
N GLN D 122 9.55 40.56 43.04
CA GLN D 122 9.23 41.15 41.71
C GLN D 122 10.53 41.28 40.89
N LEU D 123 10.48 40.82 39.64
CA LEU D 123 11.64 40.76 38.71
C LEU D 123 11.30 41.57 37.45
N ARG D 124 12.32 42.15 36.82
CA ARG D 124 12.17 43.01 35.62
C ARG D 124 12.95 42.36 34.46
N ASP D 125 12.39 42.47 33.26
CA ASP D 125 12.88 41.86 31.99
C ASP D 125 14.27 42.42 31.70
N SER D 126 15.26 41.55 31.51
CA SER D 126 16.64 41.92 31.12
C SER D 126 16.63 43.02 30.04
N LYS D 127 15.69 42.95 29.07
CA LYS D 127 15.65 43.80 27.85
C LYS D 127 14.79 45.06 28.06
N SER D 128 13.57 44.92 28.59
CA SER D 128 12.59 46.03 28.80
C SER D 128 12.35 46.22 30.30
N SER D 129 12.57 47.43 30.81
CA SER D 129 12.23 47.84 32.20
C SER D 129 10.71 47.72 32.43
N ASP D 130 9.94 47.78 31.34
CA ASP D 130 8.47 48.04 31.33
C ASP D 130 7.67 46.79 31.76
N LYS D 131 8.21 45.58 31.59
CA LYS D 131 7.49 44.31 31.90
C LYS D 131 8.09 43.66 33.15
N SER D 132 7.26 43.03 33.97
CA SER D 132 7.61 42.42 35.29
C SER D 132 6.95 41.04 35.42
N VAL D 133 7.56 40.16 36.24
CA VAL D 133 6.91 38.91 36.77
C VAL D 133 7.06 38.90 38.29
N CYS D 134 6.10 38.27 38.97
CA CYS D 134 6.08 38.05 40.43
C CYS D 134 6.45 36.59 40.71
N LEU D 135 7.37 36.37 41.65
CA LEU D 135 7.90 35.03 42.04
C LEU D 135 7.60 34.74 43.52
N PHE D 136 6.62 33.89 43.81
CA PHE D 136 6.39 33.27 45.13
C PHE D 136 7.29 32.04 45.23
N THR D 137 8.25 32.04 46.16
CA THR D 137 9.30 31.00 46.32
C THR D 137 9.46 30.60 47.79
N ASP D 138 10.14 29.46 48.03
CA ASP D 138 10.68 28.99 49.33
C ASP D 138 9.59 28.39 50.24
N PHE D 139 8.31 28.39 49.83
CA PHE D 139 7.19 27.76 50.58
C PHE D 139 7.43 26.24 50.67
N ASP D 140 6.60 25.54 51.45
CA ASP D 140 6.75 24.08 51.74
C ASP D 140 5.73 23.27 50.90
N SER D 141 5.98 21.95 50.78
CA SER D 141 5.37 21.04 49.77
C SER D 141 3.89 20.76 50.07
N GLN D 142 3.33 21.39 51.11
CA GLN D 142 1.88 21.27 51.46
C GLN D 142 1.13 22.52 50.95
N THR D 143 1.84 23.58 50.57
CA THR D 143 1.22 24.87 50.13
C THR D 143 0.44 24.64 48.83
N ASN D 144 -0.74 25.24 48.74
CA ASN D 144 -1.68 25.15 47.59
C ASN D 144 -1.69 26.50 46.86
N VAL D 145 -1.21 26.52 45.62
CA VAL D 145 -1.18 27.71 44.73
C VAL D 145 -2.48 27.73 43.92
N SER D 146 -3.09 28.90 43.73
CA SER D 146 -4.48 29.05 43.20
C SER D 146 -4.53 30.03 42.02
N GLN D 147 -5.24 29.67 40.93
CA GLN D 147 -5.46 30.56 39.75
C GLN D 147 -6.35 31.75 40.16
N SER D 148 -5.91 32.97 39.84
CA SER D 148 -6.58 34.25 40.21
C SER D 148 -7.84 34.44 39.36
N LYS D 149 -8.66 35.44 39.70
CA LYS D 149 -9.97 35.72 39.06
C LYS D 149 -9.93 37.10 38.39
N ASP D 150 -8.79 37.43 37.74
CA ASP D 150 -8.62 38.70 36.98
C ASP D 150 -8.53 38.42 35.48
N SER D 151 -8.40 37.15 35.07
CA SER D 151 -8.32 36.70 33.66
C SER D 151 -7.00 37.16 33.02
N ASP D 152 -6.70 38.46 33.11
CA ASP D 152 -5.44 39.10 32.63
C ASP D 152 -4.31 38.83 33.63
N VAL D 153 -4.60 38.17 34.75
CA VAL D 153 -3.58 37.70 35.74
C VAL D 153 -3.37 36.19 35.52
N TYR D 154 -2.17 35.80 35.09
CA TYR D 154 -1.74 34.38 34.90
C TYR D 154 -0.88 33.95 36.08
N ILE D 155 -1.18 32.78 36.64
CA ILE D 155 -0.46 32.16 37.80
C ILE D 155 -0.19 30.70 37.49
N THR D 156 1.08 30.28 37.60
CA THR D 156 1.55 28.90 37.32
C THR D 156 1.36 28.01 38.55
N ASP D 157 1.40 26.69 38.33
CA ASP D 157 1.49 25.63 39.38
C ASP D 157 2.90 25.67 39.96
N LYS D 158 3.05 25.19 41.20
CA LYS D 158 4.35 25.10 41.91
C LYS D 158 5.30 24.21 41.11
N CYS D 159 6.56 24.14 41.54
CA CYS D 159 7.69 23.49 40.82
C CYS D 159 8.92 23.51 41.76
N VAL D 160 9.54 22.36 41.97
CA VAL D 160 10.72 22.18 42.88
C VAL D 160 12.00 22.15 42.05
N LEU D 161 12.86 23.15 42.23
CA LEU D 161 14.25 23.11 41.73
C LEU D 161 15.10 22.51 42.85
N ASP D 162 16.26 21.95 42.47
CA ASP D 162 17.22 21.28 43.38
C ASP D 162 18.62 21.82 43.03
N MET D 163 19.15 22.71 43.88
CA MET D 163 20.54 23.24 43.81
C MET D 163 21.50 22.16 44.37
N ARG D 164 21.88 21.20 43.51
CA ARG D 164 22.64 19.98 43.88
CA ARG D 164 22.64 19.98 43.88
C ARG D 164 23.83 20.33 44.78
N SER D 165 24.70 21.22 44.32
CA SER D 165 26.01 21.52 44.97
C SER D 165 25.84 21.90 46.45
N MET D 166 24.74 22.54 46.85
CA MET D 166 24.53 23.06 48.23
C MET D 166 23.49 22.20 49.00
N ASP D 167 23.14 21.02 48.49
CA ASP D 167 22.02 20.16 48.98
C ASP D 167 20.86 21.02 49.49
N PHE D 168 20.42 21.99 48.68
CA PHE D 168 19.25 22.84 48.95
C PHE D 168 18.18 22.58 47.88
N LYS D 169 16.92 22.60 48.27
CA LYS D 169 15.73 22.43 47.40
C LYS D 169 14.75 23.54 47.72
N SER D 170 14.03 24.02 46.71
CA SER D 170 13.10 25.17 46.81
C SER D 170 11.91 24.89 45.88
N ASN D 171 10.72 25.28 46.33
CA ASN D 171 9.50 25.33 45.50
C ASN D 171 9.36 26.76 45.01
N SER D 172 8.70 26.95 43.87
CA SER D 172 8.61 28.23 43.13
C SER D 172 7.28 28.24 42.39
N ALA D 173 6.64 29.41 42.30
CA ALA D 173 5.46 29.63 41.41
C ALA D 173 5.53 31.05 40.89
N VAL D 174 5.02 31.29 39.67
CA VAL D 174 5.21 32.58 38.95
C VAL D 174 3.81 33.14 38.67
N ALA D 175 3.73 34.47 38.59
CA ALA D 175 2.53 35.20 38.15
C ALA D 175 2.96 36.44 37.36
N TRP D 176 2.13 36.88 36.43
CA TRP D 176 2.37 38.08 35.59
C TRP D 176 1.05 38.57 35.00
N SER D 177 1.06 39.82 34.50
CA SER D 177 -0.04 40.47 33.75
C SER D 177 0.53 41.47 32.75
N ASN D 178 -0.33 42.05 31.90
CA ASN D 178 0.04 43.11 30.92
C ASN D 178 -0.70 44.41 31.23
N LYS D 179 -1.41 44.49 32.36
CA LYS D 179 -2.31 45.64 32.69
C LYS D 179 -1.52 46.71 33.44
N SER D 180 -0.56 46.32 34.27
CA SER D 180 0.38 47.20 35.04
C SER D 180 -0.35 48.03 36.12
N ASP D 181 -1.56 47.65 36.54
CA ASP D 181 -2.15 47.97 37.88
C ASP D 181 -1.62 46.95 38.89
N PHE D 182 -1.03 45.87 38.37
CA PHE D 182 -0.69 44.57 39.01
C PHE D 182 0.28 44.74 40.19
N ALA D 183 -0.20 44.50 41.40
CA ALA D 183 0.61 44.43 42.65
C ALA D 183 1.10 43.00 42.87
N CYS D 184 2.42 42.82 42.97
CA CYS D 184 3.08 41.52 43.26
C CYS D 184 2.59 40.93 44.60
N ALA D 185 2.52 41.74 45.66
CA ALA D 185 2.36 41.28 47.07
C ALA D 185 1.04 40.52 47.26
N ASN D 186 0.00 40.82 46.46
CA ASN D 186 -1.34 40.17 46.56
C ASN D 186 -1.43 38.90 45.72
N ALA D 187 -0.86 38.91 44.50
CA ALA D 187 -1.18 38.01 43.37
C ALA D 187 -1.41 36.56 43.84
N PHE D 188 -0.65 36.09 44.82
CA PHE D 188 -0.62 34.67 45.28
C PHE D 188 -1.57 34.47 46.48
N ASN D 189 -2.64 33.69 46.30
CA ASN D 189 -3.64 33.31 47.33
C ASN D 189 -4.30 31.98 46.97
N THR E 3 21.67 0.31 19.89
CA THR E 3 20.42 0.44 19.07
C THR E 3 19.22 0.49 20.02
N GLY E 4 18.53 1.64 20.07
CA GLY E 4 17.15 1.78 20.59
C GLY E 4 16.15 1.76 19.44
N VAL E 5 14.91 2.13 19.72
CA VAL E 5 13.82 2.22 18.71
C VAL E 5 13.75 3.68 18.25
N SER E 6 13.92 3.93 16.95
CA SER E 6 13.81 5.27 16.30
C SER E 6 12.36 5.49 15.84
N GLN E 7 11.88 6.72 15.93
CA GLN E 7 10.58 7.16 15.38
C GLN E 7 10.70 8.62 14.95
N ASN E 8 10.18 8.94 13.78
CA ASN E 8 10.20 10.31 13.19
C ASN E 8 8.86 10.53 12.50
N PRO E 9 8.29 11.76 12.57
CA PRO E 9 8.90 12.85 13.33
C PRO E 9 8.57 12.67 14.83
N ARG E 10 9.18 13.47 15.71
CA ARG E 10 8.91 13.41 17.15
C ARG E 10 7.62 14.18 17.42
N HIS E 11 7.42 15.27 16.69
CA HIS E 11 6.20 16.11 16.74
C HIS E 11 5.71 16.29 15.30
N LYS E 12 4.40 16.40 15.12
CA LYS E 12 3.80 16.60 13.78
C LYS E 12 2.54 17.43 13.95
N ILE E 13 2.52 18.60 13.31
CA ILE E 13 1.27 19.42 13.16
C ILE E 13 0.75 19.16 11.74
N THR E 14 -0.55 18.85 11.66
CA THR E 14 -1.29 18.61 10.40
C THR E 14 -2.65 19.31 10.50
N LYS E 15 -3.15 19.81 9.37
CA LYS E 15 -4.48 20.48 9.28
C LYS E 15 -5.55 19.39 9.28
N ARG E 16 -6.57 19.50 10.13
CA ARG E 16 -7.76 18.59 10.12
C ARG E 16 -8.13 18.28 8.67
N GLY E 17 -8.32 17.01 8.33
CA GLY E 17 -8.74 16.56 6.99
C GLY E 17 -7.55 16.08 6.16
N GLN E 18 -6.34 16.52 6.50
CA GLN E 18 -5.10 16.10 5.82
C GLN E 18 -4.73 14.66 6.21
N ASN E 19 -3.71 14.11 5.57
CA ASN E 19 -3.12 12.78 5.86
C ASN E 19 -1.82 12.97 6.62
N VAL E 20 -1.44 11.98 7.44
CA VAL E 20 -0.09 11.91 8.09
C VAL E 20 0.41 10.49 7.98
N THR E 21 1.75 10.35 7.97
CA THR E 21 2.47 9.05 7.90
C THR E 21 3.70 9.13 8.80
N PHE E 22 3.65 8.37 9.89
CA PHE E 22 4.74 8.22 10.88
C PHE E 22 5.61 7.03 10.45
N ARG E 23 6.88 7.06 10.81
CA ARG E 23 7.79 5.92 10.60
C ARG E 23 8.36 5.47 11.94
N CYS E 24 8.67 4.17 12.04
CA CYS E 24 9.38 3.52 13.16
C CYS E 24 10.49 2.61 12.62
N ASP E 25 11.68 2.69 13.19
CA ASP E 25 12.77 1.71 12.97
C ASP E 25 12.98 0.96 14.28
N PRO E 26 12.77 -0.37 14.29
CA PRO E 26 12.96 -1.15 15.51
C PRO E 26 14.43 -1.45 15.75
N ILE E 27 14.71 -2.07 16.90
CA ILE E 27 16.04 -2.59 17.29
C ILE E 27 16.37 -3.74 16.32
N SER E 28 17.59 -3.76 15.79
CA SER E 28 18.07 -4.67 14.70
C SER E 28 17.52 -6.09 14.85
N ASP E 29 17.84 -6.76 15.95
CA ASP E 29 17.60 -8.21 16.11
C ASP E 29 16.16 -8.45 16.58
N HIS E 30 15.34 -7.40 16.75
CA HIS E 30 13.90 -7.53 17.14
C HIS E 30 13.03 -7.81 15.91
N ASN E 31 12.31 -8.94 15.93
CA ASN E 31 11.45 -9.37 14.80
C ASN E 31 10.04 -8.81 14.94
N ARG E 32 9.55 -8.56 16.16
CA ARG E 32 8.19 -8.00 16.39
C ARG E 32 8.27 -6.46 16.36
N LEU E 33 7.27 -5.81 15.77
CA LEU E 33 7.07 -4.34 15.79
C LEU E 33 5.62 -4.05 16.13
N TYR E 34 5.38 -3.25 17.14
CA TYR E 34 4.03 -2.93 17.68
C TYR E 34 3.78 -1.43 17.48
N TRP E 35 2.55 -1.06 17.12
CA TRP E 35 2.07 0.34 17.08
C TRP E 35 0.99 0.49 18.15
N TYR E 36 1.10 1.52 19.00
CA TYR E 36 0.19 1.85 20.12
C TYR E 36 -0.19 3.33 20.01
N ARG E 37 -1.36 3.71 20.53
CA ARG E 37 -1.72 5.14 20.69
C ARG E 37 -1.99 5.38 22.18
N GLN E 38 -1.65 6.57 22.66
CA GLN E 38 -1.78 6.96 24.09
C GLN E 38 -2.31 8.39 24.19
N THR E 39 -3.30 8.60 25.04
CA THR E 39 -3.89 9.93 25.36
C THR E 39 -3.64 10.23 26.85
N LEU E 40 -3.96 11.44 27.31
CA LEU E 40 -3.64 11.92 28.68
C LEU E 40 -4.18 10.92 29.72
N GLY E 41 -3.31 10.45 30.62
CA GLY E 41 -3.69 9.63 31.80
C GLY E 41 -4.38 8.32 31.42
N GLN E 42 -4.02 7.74 30.28
CA GLN E 42 -4.42 6.38 29.89
C GLN E 42 -3.12 5.61 29.57
N GLY E 43 -3.20 4.29 29.40
CA GLY E 43 -2.06 3.44 29.02
C GLY E 43 -2.03 3.27 27.51
N PRO E 44 -0.92 2.75 26.93
CA PRO E 44 -0.86 2.45 25.50
C PRO E 44 -2.02 1.53 25.07
N GLU E 45 -2.70 1.91 23.99
CA GLU E 45 -3.79 1.12 23.35
C GLU E 45 -3.24 0.49 22.08
N PHE E 46 -3.38 -0.82 21.96
CA PHE E 46 -2.92 -1.62 20.79
C PHE E 46 -3.59 -1.13 19.49
N LEU E 47 -2.77 -0.92 18.45
CA LEU E 47 -3.24 -0.62 17.07
C LEU E 47 -3.02 -1.85 16.19
N THR E 48 -1.78 -2.32 16.04
CA THR E 48 -1.41 -3.47 15.17
C THR E 48 0.00 -3.95 15.51
N TYR E 49 0.35 -5.19 15.16
CA TYR E 49 1.77 -5.61 15.25
C TYR E 49 2.16 -6.49 14.08
N PHE E 50 3.46 -6.51 13.81
CA PHE E 50 4.12 -7.22 12.70
C PHE E 50 5.10 -8.24 13.30
N GLN E 51 5.06 -9.48 12.80
CA GLN E 51 6.17 -10.43 12.99
C GLN E 51 7.00 -10.41 11.71
N SER E 52 8.16 -9.80 11.74
CA SER E 52 8.95 -9.48 10.51
C SER E 52 7.97 -8.80 9.54
N GLU E 53 7.87 -9.23 8.28
CA GLU E 53 7.01 -8.58 7.25
C GLU E 53 5.53 -8.86 7.49
N ALA E 54 5.17 -9.87 8.29
CA ALA E 54 3.77 -10.35 8.43
C ALA E 54 3.00 -9.54 9.48
N GLN E 55 1.93 -8.86 9.08
CA GLN E 55 1.02 -8.14 10.01
C GLN E 55 0.05 -9.14 10.60
N LEU E 56 0.28 -9.59 11.84
CA LEU E 56 -0.44 -10.73 12.48
C LEU E 56 -1.75 -10.31 13.14
N GLU E 57 -1.97 -9.04 13.48
CA GLU E 57 -3.22 -8.62 14.19
C GLU E 57 -3.42 -7.10 14.06
N LYS E 58 -4.67 -6.65 14.21
CA LYS E 58 -5.09 -5.23 14.20
C LYS E 58 -6.23 -5.09 15.22
N SER E 59 -6.35 -3.94 15.87
CA SER E 59 -7.44 -3.68 16.86
C SER E 59 -8.78 -3.96 16.16
N ARG E 60 -9.69 -4.67 16.84
CA ARG E 60 -11.09 -4.88 16.38
C ARG E 60 -11.75 -3.53 16.11
N LEU E 61 -11.39 -2.51 16.89
CA LEU E 61 -11.99 -1.15 16.83
C LEU E 61 -11.16 -0.24 15.90
N LEU E 62 -10.10 -0.74 15.26
CA LEU E 62 -9.21 0.14 14.45
C LEU E 62 -10.03 0.78 13.34
N SER E 63 -9.91 2.10 13.17
CA SER E 63 -10.58 2.88 12.10
C SER E 63 -10.04 2.46 10.74
N ASP E 64 -10.91 2.47 9.71
CA ASP E 64 -10.56 2.26 8.28
C ASP E 64 -9.49 3.28 7.86
N ARG E 65 -9.46 4.44 8.54
CA ARG E 65 -8.57 5.58 8.19
C ARG E 65 -7.13 5.28 8.61
N PHE E 66 -6.96 4.35 9.56
CA PHE E 66 -5.63 3.94 10.11
C PHE E 66 -5.15 2.69 9.38
N SER E 67 -3.88 2.66 9.01
CA SER E 67 -3.24 1.53 8.29
C SER E 67 -1.73 1.57 8.52
N ALA E 68 -1.07 0.41 8.46
CA ALA E 68 0.37 0.27 8.69
C ALA E 68 0.94 -0.74 7.72
N GLU E 69 2.23 -0.62 7.42
CA GLU E 69 2.94 -1.55 6.52
C GLU E 69 4.38 -1.71 7.04
N ARG E 70 4.99 -2.86 6.74
CA ARG E 70 6.39 -3.16 7.05
C ARG E 70 6.92 -3.95 5.85
N PRO E 71 7.12 -3.27 4.71
CA PRO E 71 7.35 -3.94 3.43
C PRO E 71 8.57 -4.87 3.44
N LYS E 72 9.72 -4.36 3.86
CA LYS E 72 11.02 -5.07 3.82
C LYS E 72 11.21 -5.87 5.13
N GLY E 73 10.17 -5.92 5.97
CA GLY E 73 10.22 -6.55 7.30
C GLY E 73 11.10 -5.79 8.27
N SER E 74 11.44 -4.54 7.95
CA SER E 74 12.39 -3.69 8.70
C SER E 74 11.63 -2.53 9.31
N PHE E 75 11.70 -1.36 8.68
CA PHE E 75 10.97 -0.14 9.07
C PHE E 75 9.48 -0.39 8.87
N SER E 76 8.65 0.27 9.68
CA SER E 76 7.18 0.25 9.57
C SER E 76 6.66 1.69 9.51
N THR E 77 5.64 1.92 8.69
CA THR E 77 4.95 3.23 8.58
C THR E 77 3.54 3.05 9.08
N LEU E 78 3.01 4.08 9.74
CA LEU E 78 1.60 4.11 10.19
C LEU E 78 1.00 5.33 9.50
N GLU E 79 -0.08 5.16 8.76
CA GLU E 79 -0.70 6.25 7.96
C GLU E 79 -2.09 6.51 8.51
N ILE E 80 -2.38 7.77 8.79
CA ILE E 80 -3.75 8.23 9.16
C ILE E 80 -4.22 9.07 7.98
N GLN E 81 -5.44 8.77 7.49
CA GLN E 81 -6.07 9.47 6.36
C GLN E 81 -7.19 10.37 6.90
N ARG E 82 -7.45 11.51 6.25
CA ARG E 82 -8.55 12.45 6.60
C ARG E 82 -8.53 12.66 8.12
N THR E 83 -7.42 13.17 8.61
CA THR E 83 -7.07 13.28 10.04
C THR E 83 -8.16 14.10 10.75
N GLU E 84 -8.57 13.72 11.96
CA GLU E 84 -9.63 14.38 12.77
C GLU E 84 -9.02 14.91 14.08
N GLN E 85 -9.70 15.84 14.75
CA GLN E 85 -9.25 16.43 16.05
C GLN E 85 -8.89 15.28 17.00
N GLY E 86 -9.84 14.35 17.16
CA GLY E 86 -9.75 13.21 18.11
C GLY E 86 -8.55 12.32 17.84
N ASP E 87 -7.94 12.38 16.65
CA ASP E 87 -6.71 11.61 16.31
C ASP E 87 -5.51 12.16 17.06
N SER E 88 -5.62 13.34 17.68
CA SER E 88 -4.51 14.01 18.41
C SER E 88 -4.15 13.14 19.62
N ALA E 89 -2.89 12.68 19.68
CA ALA E 89 -2.42 11.68 20.64
C ALA E 89 -0.93 11.38 20.41
N MET E 90 -0.38 10.49 21.23
CA MET E 90 1.03 10.02 21.18
C MET E 90 1.01 8.67 20.45
N TYR E 91 1.77 8.55 19.36
CA TYR E 91 1.81 7.31 18.56
C TYR E 91 3.14 6.66 18.90
N LEU E 92 3.04 5.59 19.69
CA LEU E 92 4.19 4.83 20.22
C LEU E 92 4.43 3.65 19.31
N CYS E 93 5.69 3.42 18.97
CA CYS E 93 6.18 2.18 18.33
C CYS E 93 6.95 1.38 19.39
N ALA E 94 6.87 0.05 19.37
CA ALA E 94 7.65 -0.84 20.25
C ALA E 94 8.12 -2.07 19.47
N SER E 95 9.35 -2.50 19.67
CA SER E 95 9.90 -3.76 19.11
C SER E 95 10.14 -4.74 20.25
N SER E 96 10.21 -6.04 19.93
CA SER E 96 10.57 -7.13 20.88
C SER E 96 11.20 -8.27 20.10
N LEU E 97 12.04 -9.06 20.75
CA LEU E 97 12.62 -10.32 20.19
C LEU E 97 11.72 -11.48 20.62
N GLY E 98 10.83 -11.93 19.73
CA GLY E 98 9.73 -12.84 20.10
C GLY E 98 8.89 -12.24 21.21
N PRO E 99 8.25 -13.06 22.09
CA PRO E 99 7.35 -12.54 23.11
C PRO E 99 8.13 -12.05 24.35
N ASN E 100 9.40 -11.67 24.15
CA ASN E 100 10.22 -11.01 25.19
C ASN E 100 9.69 -9.57 25.45
N GLU E 101 10.44 -8.80 26.22
CA GLU E 101 10.11 -7.40 26.65
C GLU E 101 9.83 -6.52 25.44
N GLN E 102 8.79 -5.69 25.53
CA GLN E 102 8.51 -4.62 24.54
C GLN E 102 9.22 -3.33 24.99
N LEU E 103 10.20 -2.88 24.20
CA LEU E 103 10.92 -1.60 24.38
C LEU E 103 10.35 -0.54 23.42
N PHE E 104 9.97 0.63 23.94
CA PHE E 104 9.28 1.69 23.18
C PHE E 104 10.29 2.69 22.58
N GLY E 105 9.95 3.22 21.40
CA GLY E 105 10.60 4.40 20.81
C GLY E 105 10.20 5.68 21.54
N PRO E 106 10.80 6.83 21.15
CA PRO E 106 10.51 8.09 21.82
C PRO E 106 9.16 8.69 21.42
N GLY E 107 8.45 8.05 20.48
CA GLY E 107 7.05 8.40 20.15
C GLY E 107 6.98 9.48 19.08
N THR E 108 5.80 9.59 18.45
CA THR E 108 5.44 10.71 17.54
C THR E 108 4.17 11.35 18.11
N ARG E 109 4.27 12.58 18.60
CA ARG E 109 3.12 13.34 19.15
C ARG E 109 2.47 14.10 17.99
N LEU E 110 1.20 13.77 17.68
CA LEU E 110 0.40 14.42 16.61
C LEU E 110 -0.60 15.39 17.24
N THR E 111 -0.51 16.67 16.89
CA THR E 111 -1.58 17.67 17.13
C THR E 111 -2.27 17.93 15.79
N VAL E 112 -3.61 17.86 15.76
CA VAL E 112 -4.45 18.12 14.56
C VAL E 112 -5.22 19.42 14.80
N VAL E 113 -4.89 20.47 14.05
CA VAL E 113 -5.34 21.88 14.30
C VAL E 113 -6.38 22.28 13.26
N GLU E 114 -7.30 23.18 13.62
CA GLU E 114 -8.37 23.71 12.75
C GLU E 114 -7.76 24.27 11.46
N ASP E 115 -6.68 25.03 11.59
CA ASP E 115 -6.02 25.78 10.47
C ASP E 115 -4.56 26.06 10.86
N LEU E 116 -3.63 26.10 9.91
CA LEU E 116 -2.19 26.33 10.23
C LEU E 116 -1.93 27.79 10.62
N ASN E 117 -2.84 28.73 10.34
CA ASN E 117 -2.71 30.17 10.72
C ASN E 117 -2.83 30.31 12.24
N LYS E 118 -3.41 29.33 12.91
CA LYS E 118 -3.52 29.27 14.40
C LYS E 118 -2.14 29.01 15.03
N VAL E 119 -1.17 28.49 14.26
CA VAL E 119 0.17 28.10 14.75
C VAL E 119 1.07 29.33 14.87
N PHE E 120 1.47 29.69 16.09
CA PHE E 120 2.49 30.74 16.38
C PHE E 120 3.66 30.14 17.12
N PRO E 121 4.88 30.73 17.00
CA PRO E 121 6.03 30.33 17.82
C PRO E 121 6.08 31.17 19.10
N PRO E 122 6.92 30.78 20.08
CA PRO E 122 6.96 31.49 21.35
C PRO E 122 7.76 32.79 21.24
N GLU E 123 7.28 33.82 21.97
CA GLU E 123 8.10 34.97 22.42
C GLU E 123 8.67 34.64 23.79
N VAL E 124 9.98 34.87 23.97
CA VAL E 124 10.73 34.45 25.19
C VAL E 124 11.42 35.67 25.79
N ALA E 125 11.24 35.88 27.09
CA ALA E 125 11.92 36.89 27.93
C ALA E 125 12.56 36.19 29.15
N VAL E 126 13.73 36.68 29.57
CA VAL E 126 14.36 36.32 30.88
C VAL E 126 14.15 37.51 31.81
N PHE E 127 13.79 37.25 33.06
CA PHE E 127 13.57 38.30 34.10
C PHE E 127 14.66 38.16 35.16
N GLU E 128 15.26 39.28 35.55
CA GLU E 128 16.50 39.29 36.38
C GLU E 128 16.10 39.10 37.84
N PRO E 129 16.97 38.48 38.68
CA PRO E 129 16.69 38.26 40.10
C PRO E 129 16.36 39.54 40.90
N SER E 130 15.36 39.47 41.79
CA SER E 130 15.01 40.55 42.76
C SER E 130 16.18 40.82 43.71
N GLU E 131 16.48 42.10 43.98
CA GLU E 131 17.51 42.56 44.95
C GLU E 131 17.14 42.03 46.34
N ALA E 132 15.84 42.15 46.69
CA ALA E 132 15.27 41.66 47.96
C ALA E 132 15.72 40.22 48.21
N GLU E 133 15.42 39.32 47.26
CA GLU E 133 15.71 37.86 47.32
C GLU E 133 17.20 37.65 47.64
N ILE E 134 18.08 38.42 47.01
CA ILE E 134 19.56 38.23 47.09
C ILE E 134 20.05 38.53 48.51
N SER E 135 19.57 39.61 49.13
CA SER E 135 20.02 40.08 50.46
C SER E 135 19.43 39.17 51.56
N HIS E 136 18.16 38.78 51.42
CA HIS E 136 17.44 37.86 52.34
C HIS E 136 18.10 36.46 52.34
N THR E 137 18.38 35.89 51.16
CA THR E 137 18.68 34.43 50.98
C THR E 137 20.09 34.15 50.45
N GLN E 138 20.86 35.16 50.05
CA GLN E 138 22.15 34.98 49.31
C GLN E 138 21.97 34.00 48.14
N LYS E 139 20.79 34.02 47.52
CA LYS E 139 20.40 33.16 46.36
C LYS E 139 19.66 34.01 45.33
N ALA E 140 19.89 33.75 44.04
CA ALA E 140 19.39 34.56 42.91
C ALA E 140 18.61 33.69 41.92
N THR E 141 17.31 33.94 41.81
CA THR E 141 16.37 33.17 40.94
C THR E 141 16.10 33.97 39.66
N LEU E 142 16.69 33.57 38.54
CA LEU E 142 16.26 33.97 37.16
C LEU E 142 14.91 33.28 36.87
N VAL E 143 13.98 33.99 36.23
CA VAL E 143 12.73 33.41 35.66
C VAL E 143 12.81 33.56 34.14
N CYS E 144 12.39 32.52 33.42
CA CYS E 144 12.15 32.56 31.96
C CYS E 144 10.65 32.41 31.70
N LEU E 145 10.15 33.12 30.71
CA LEU E 145 8.73 33.10 30.31
C LEU E 145 8.67 32.93 28.79
N ALA E 146 7.84 31.97 28.33
CA ALA E 146 7.55 31.70 26.92
C ALA E 146 6.04 31.91 26.71
N THR E 147 5.68 32.81 25.80
CA THR E 147 4.30 33.30 25.63
C THR E 147 3.89 33.21 24.16
N GLY E 148 2.56 33.20 23.94
CA GLY E 148 1.88 33.29 22.64
C GLY E 148 2.29 32.20 21.67
N PHE E 149 2.55 30.97 22.14
CA PHE E 149 2.89 29.81 21.27
C PHE E 149 1.68 28.88 21.15
N TYR E 150 1.49 28.31 19.97
CA TYR E 150 0.49 27.28 19.66
C TYR E 150 1.00 26.44 18.49
N PRO E 151 0.97 25.09 18.57
CA PRO E 151 0.38 24.37 19.70
C PRO E 151 1.31 24.22 20.92
N ASP E 152 0.92 23.38 21.88
CA ASP E 152 1.60 23.09 23.18
C ASP E 152 3.04 22.57 23.05
N HIS E 153 3.49 22.11 21.87
CA HIS E 153 4.85 21.50 21.71
C HIS E 153 5.95 22.50 22.06
N VAL E 154 6.67 22.33 23.18
CA VAL E 154 7.81 23.21 23.57
C VAL E 154 8.77 22.45 24.49
N GLU E 155 10.04 22.76 24.38
CA GLU E 155 11.12 22.19 25.24
C GLU E 155 12.07 23.31 25.64
N LEU E 156 11.93 23.74 26.89
CA LEU E 156 12.69 24.86 27.50
C LEU E 156 13.97 24.30 28.14
N SER E 157 15.09 24.99 27.98
CA SER E 157 16.39 24.62 28.60
C SER E 157 17.08 25.89 29.08
N TRP E 158 17.90 25.79 30.13
CA TRP E 158 18.77 26.88 30.62
C TRP E 158 20.22 26.57 30.20
N TRP E 159 20.93 27.60 29.76
CA TRP E 159 22.32 27.55 29.24
C TRP E 159 23.13 28.61 29.98
N VAL E 160 24.18 28.22 30.71
CA VAL E 160 25.07 29.14 31.48
C VAL E 160 26.50 28.99 30.95
N ASN E 161 27.03 30.05 30.34
CA ASN E 161 28.41 30.11 29.76
C ASN E 161 28.55 29.01 28.70
N GLY E 162 27.58 28.92 27.79
CA GLY E 162 27.63 28.05 26.59
C GLY E 162 27.21 26.62 26.86
N LYS E 163 27.18 26.21 28.14
CA LYS E 163 26.86 24.82 28.55
C LYS E 163 25.46 24.80 29.16
N GLU E 164 24.70 23.72 28.89
CA GLU E 164 23.31 23.49 29.37
C GLU E 164 23.37 23.06 30.84
N VAL E 165 22.49 23.62 31.67
CA VAL E 165 22.43 23.37 33.13
C VAL E 165 21.14 22.61 33.45
N HIS E 166 21.23 21.69 34.40
CA HIS E 166 20.10 20.87 34.94
C HIS E 166 19.87 21.28 36.39
N SER E 167 20.94 21.51 37.18
CA SER E 167 20.85 21.88 38.61
C SER E 167 20.20 23.27 38.75
N GLY E 168 19.50 23.51 39.86
CA GLY E 168 18.79 24.77 40.13
C GLY E 168 17.68 25.11 39.13
N VAL E 169 17.36 24.23 38.18
CA VAL E 169 16.33 24.45 37.12
C VAL E 169 15.03 23.78 37.52
N CYS E 170 13.90 24.31 37.03
CA CYS E 170 12.54 23.86 37.38
C CYS E 170 11.58 24.50 36.38
N THR E 171 11.05 23.70 35.45
CA THR E 171 10.13 24.19 34.38
C THR E 171 8.73 23.80 34.80
N ASP E 172 7.73 24.65 34.53
CA ASP E 172 6.30 24.34 34.80
C ASP E 172 6.02 22.92 34.31
N PRO E 173 5.14 22.16 35.01
CA PRO E 173 4.82 20.80 34.62
C PRO E 173 4.29 20.80 33.17
N GLN E 174 3.28 21.62 32.94
CA GLN E 174 2.62 21.80 31.62
C GLN E 174 2.27 23.27 31.40
N PRO E 175 2.31 23.73 30.14
CA PRO E 175 1.87 25.08 29.78
C PRO E 175 0.48 25.45 30.32
N LEU E 176 0.14 26.74 30.29
CA LEU E 176 -1.19 27.27 30.70
C LEU E 176 -1.77 28.12 29.58
N LYS E 177 -3.10 28.14 29.47
CA LYS E 177 -3.85 28.86 28.39
C LYS E 177 -3.88 30.35 28.70
N GLU E 178 -3.55 31.19 27.71
CA GLU E 178 -3.61 32.67 27.79
C GLU E 178 -5.08 33.11 27.79
N GLN E 179 -5.98 32.31 27.23
CA GLN E 179 -7.46 32.43 27.38
C GLN E 179 -8.07 31.05 27.60
N PRO E 180 -8.28 30.60 28.86
CA PRO E 180 -9.01 29.35 29.11
C PRO E 180 -10.33 29.26 28.34
N ALA E 181 -10.96 30.41 28.02
CA ALA E 181 -12.22 30.52 27.26
C ALA E 181 -12.13 29.75 25.93
N LEU E 182 -11.24 30.18 25.02
CA LEU E 182 -11.14 29.68 23.63
C LEU E 182 -10.49 28.29 23.63
N ASN E 183 -10.97 27.38 22.77
CA ASN E 183 -10.46 25.99 22.64
C ASN E 183 -9.13 26.01 21.87
N ASP E 184 -8.94 27.00 20.99
CA ASP E 184 -7.71 27.18 20.17
C ASP E 184 -6.78 28.21 20.82
N SER E 185 -6.90 28.38 22.15
CA SER E 185 -6.12 29.35 22.96
C SER E 185 -4.61 29.10 22.80
N ARG E 186 -3.82 30.17 22.81
CA ARG E 186 -2.33 30.11 22.80
C ARG E 186 -1.81 29.92 24.24
N TYR E 187 -0.60 29.39 24.36
CA TYR E 187 -0.06 28.83 25.63
C TYR E 187 1.13 29.68 26.09
N ALA E 188 1.29 29.79 27.42
CA ALA E 188 2.47 30.36 28.10
C ALA E 188 3.08 29.29 29.00
N LEU E 189 4.40 29.33 29.19
CA LEU E 189 5.17 28.36 30.00
C LEU E 189 6.31 29.09 30.71
N SER E 190 6.39 29.02 32.04
CA SER E 190 7.48 29.64 32.84
C SER E 190 8.46 28.57 33.35
N SER E 191 9.68 29.00 33.62
CA SER E 191 10.78 28.16 34.16
C SER E 191 11.67 29.03 35.04
N ARG E 192 12.35 28.42 36.02
CA ARG E 192 13.18 29.09 37.05
C ARG E 192 14.59 28.50 37.03
N LEU E 193 15.61 29.35 37.01
CA LEU E 193 17.01 28.95 37.27
C LEU E 193 17.48 29.75 38.50
N ARG E 194 17.94 29.05 39.54
CA ARG E 194 18.42 29.65 40.81
C ARG E 194 19.90 29.32 41.00
N VAL E 195 20.70 30.37 41.23
CA VAL E 195 22.16 30.26 41.48
C VAL E 195 22.47 31.01 42.78
N SER E 196 23.69 30.85 43.30
CA SER E 196 24.20 31.65 44.43
C SER E 196 24.23 33.12 44.02
N ALA E 197 23.86 34.02 44.92
CA ALA E 197 23.98 35.49 44.72
C ALA E 197 25.37 35.83 44.16
N THR E 198 26.46 35.28 44.71
CA THR E 198 27.83 35.61 44.23
C THR E 198 27.96 35.28 42.74
N PHE E 199 27.36 34.18 42.28
CA PHE E 199 27.44 33.71 40.87
C PHE E 199 26.66 34.68 39.95
N TRP E 200 25.47 35.09 40.37
CA TRP E 200 24.66 36.07 39.61
C TRP E 200 25.40 37.41 39.51
N GLN E 201 26.23 37.73 40.49
CA GLN E 201 26.91 39.04 40.63
C GLN E 201 28.21 39.06 39.85
N ASP E 202 28.71 37.91 39.36
CA ASP E 202 29.88 37.90 38.46
C ASP E 202 29.34 38.29 37.09
N PRO E 203 29.72 39.45 36.53
CA PRO E 203 29.11 39.91 35.29
C PRO E 203 29.74 39.23 34.06
N ARG E 204 30.71 38.32 34.28
CA ARG E 204 31.29 37.49 33.19
C ARG E 204 30.39 36.29 32.88
N ASN E 205 29.37 36.03 33.70
CA ASN E 205 28.45 34.88 33.56
C ASN E 205 27.29 35.27 32.66
N HIS E 206 27.02 34.41 31.67
CA HIS E 206 25.99 34.54 30.61
C HIS E 206 24.88 33.54 30.89
N PHE E 207 23.64 34.00 31.05
CA PHE E 207 22.44 33.16 31.29
C PHE E 207 21.55 33.21 30.05
N ARG E 208 21.31 32.06 29.41
CA ARG E 208 20.35 31.97 28.26
C ARG E 208 19.25 30.94 28.58
N CYS E 209 18.00 31.40 28.50
CA CYS E 209 16.79 30.56 28.43
C CYS E 209 16.50 30.24 26.96
N GLN E 210 16.65 28.99 26.54
CA GLN E 210 16.40 28.49 25.16
C GLN E 210 15.04 27.77 25.13
N VAL E 211 14.15 28.12 24.21
CA VAL E 211 12.83 27.42 24.03
C VAL E 211 12.75 26.84 22.62
N GLN E 212 12.75 25.50 22.52
CA GLN E 212 12.64 24.73 21.25
C GLN E 212 11.15 24.56 20.96
N PHE E 213 10.69 25.11 19.84
CA PHE E 213 9.29 25.03 19.38
C PHE E 213 9.21 24.01 18.24
N TYR E 214 8.22 23.14 18.30
CA TYR E 214 7.87 22.19 17.21
C TYR E 214 6.66 22.77 16.50
N GLY E 215 6.83 23.14 15.22
CA GLY E 215 5.84 23.88 14.42
C GLY E 215 5.59 23.19 13.09
N LEU E 216 5.53 23.95 12.00
CA LEU E 216 5.31 23.44 10.62
C LEU E 216 6.62 22.85 10.10
N SER E 217 6.53 21.90 9.16
CA SER E 217 7.69 21.35 8.40
C SER E 217 7.91 22.20 7.16
N GLU E 218 9.05 22.02 6.48
CA GLU E 218 9.39 22.74 5.23
C GLU E 218 8.43 22.32 4.11
N ASN E 219 7.76 21.18 4.23
CA ASN E 219 6.78 20.69 3.22
C ASN E 219 5.38 21.27 3.47
N ASP E 220 5.16 21.92 4.61
CA ASP E 220 3.86 22.60 4.90
C ASP E 220 3.80 23.85 4.05
N GLU E 221 2.68 24.09 3.36
CA GLU E 221 2.49 25.29 2.51
C GLU E 221 1.97 26.43 3.41
N TRP E 222 2.59 27.60 3.27
CA TRP E 222 2.37 28.82 4.07
C TRP E 222 2.04 30.00 3.13
N THR E 223 0.80 30.49 3.21
CA THR E 223 0.26 31.55 2.31
C THR E 223 -0.15 32.76 3.17
N GLN E 224 0.82 33.34 3.88
CA GLN E 224 0.58 34.45 4.86
C GLN E 224 1.79 35.39 4.89
N ASP E 225 1.56 36.61 5.38
CA ASP E 225 2.60 37.67 5.45
C ASP E 225 3.57 37.34 6.57
N ARG E 226 3.06 37.03 7.78
CA ARG E 226 3.92 36.81 8.98
C ARG E 226 4.80 35.59 8.71
N ALA E 227 5.94 35.47 9.39
CA ALA E 227 6.98 34.46 9.05
C ALA E 227 6.40 33.07 9.34
N LYS E 228 6.80 32.09 8.53
CA LYS E 228 6.33 30.70 8.59
C LYS E 228 6.66 30.14 9.97
N PRO E 229 5.66 29.74 10.78
CA PRO E 229 5.89 29.30 12.15
C PRO E 229 6.51 27.91 12.15
N VAL E 230 7.64 27.74 11.46
CA VAL E 230 8.38 26.44 11.42
C VAL E 230 8.88 26.11 12.83
N THR E 231 9.12 24.82 13.06
CA THR E 231 10.06 24.30 14.09
C THR E 231 11.27 25.22 14.11
N GLN E 232 11.71 25.65 15.30
CA GLN E 232 12.72 26.72 15.51
C GLN E 232 12.99 26.91 17.02
N ILE E 233 14.14 27.49 17.34
CA ILE E 233 14.56 27.87 18.71
C ILE E 233 14.34 29.39 18.90
N VAL E 234 13.91 29.79 20.08
CA VAL E 234 13.79 31.21 20.50
C VAL E 234 14.41 31.36 21.89
N SER E 235 15.59 31.98 21.97
CA SER E 235 16.29 32.31 23.23
C SER E 235 15.91 33.70 23.74
N ALA E 236 16.17 33.95 25.02
CA ALA E 236 16.30 35.28 25.66
C ALA E 236 17.45 35.13 26.63
N GLU E 237 18.14 36.22 26.98
CA GLU E 237 19.36 36.12 27.80
C GLU E 237 19.45 37.25 28.83
N ALA E 238 20.43 37.10 29.68
CA ALA E 238 20.78 38.00 30.80
C ALA E 238 22.26 37.79 31.12
N TRP E 239 22.93 38.84 31.59
CA TRP E 239 24.31 38.77 32.16
C TRP E 239 24.23 39.16 33.64
N GLY E 240 25.22 38.70 34.40
CA GLY E 240 25.38 39.06 35.82
C GLY E 240 25.52 40.56 36.01
N ARG E 241 24.83 41.11 37.02
CA ARG E 241 24.96 42.50 37.51
C ARG E 241 25.88 42.51 38.73
N ALA E 242 27.07 43.13 38.57
CA ALA E 242 28.07 43.38 39.65
C ALA E 242 27.42 44.12 40.82
N ASP E 243 28.03 43.98 42.01
CA ASP E 243 27.85 44.82 43.22
C ASP E 243 26.37 45.04 43.51
N GLY F 1 24.13 24.42 -28.07
CA GLY F 1 23.01 23.69 -28.76
C GLY F 1 22.83 22.28 -28.22
N SER F 2 22.50 21.33 -29.10
CA SER F 2 22.34 19.88 -28.81
C SER F 2 21.59 19.70 -27.48
N HIS F 3 20.55 20.49 -27.23
CA HIS F 3 19.69 20.40 -26.03
C HIS F 3 18.69 19.26 -26.16
N SER F 4 17.96 18.97 -25.08
CA SER F 4 16.95 17.88 -25.00
C SER F 4 15.95 18.14 -23.88
N LEU F 5 14.78 17.50 -23.97
CA LEU F 5 13.71 17.46 -22.93
C LEU F 5 13.23 16.01 -22.86
N LYS F 6 13.55 15.32 -21.77
CA LYS F 6 13.26 13.88 -21.61
C LYS F 6 12.43 13.68 -20.35
N TYR F 7 11.64 12.61 -20.31
CA TYR F 7 10.92 12.13 -19.11
C TYR F 7 11.14 10.62 -19.01
N PHE F 8 11.19 10.12 -17.78
CA PHE F 8 11.39 8.69 -17.46
C PHE F 8 10.25 8.25 -16.55
N HIS F 9 9.34 7.42 -17.07
CA HIS F 9 8.13 6.95 -16.35
C HIS F 9 8.34 5.52 -15.87
N THR F 10 8.06 5.24 -14.59
CA THR F 10 8.13 3.86 -13.99
C THR F 10 6.79 3.51 -13.33
N SER F 11 6.17 2.40 -13.73
CA SER F 11 4.99 1.80 -13.04
C SER F 11 5.35 0.40 -12.57
N VAL F 12 5.04 0.10 -11.30
CA VAL F 12 5.41 -1.17 -10.62
C VAL F 12 4.15 -1.73 -9.94
N SER F 13 3.63 -2.88 -10.42
CA SER F 13 2.44 -3.55 -9.85
C SER F 13 2.76 -4.04 -8.43
N ARG F 14 1.78 -3.93 -7.52
CA ARG F 14 1.94 -4.29 -6.09
C ARG F 14 0.85 -5.29 -5.74
N PRO F 15 1.01 -6.57 -6.13
CA PRO F 15 -0.03 -7.58 -5.92
C PRO F 15 -0.59 -7.56 -4.49
N GLY F 16 -1.92 -7.50 -4.35
CA GLY F 16 -2.60 -7.42 -3.04
C GLY F 16 -2.65 -6.00 -2.49
N ARG F 17 -1.52 -5.26 -2.54
CA ARG F 17 -1.32 -3.95 -1.84
C ARG F 17 -1.81 -2.77 -2.69
N GLY F 18 -2.94 -2.93 -3.41
CA GLY F 18 -3.64 -1.83 -4.10
C GLY F 18 -3.07 -1.50 -5.49
N GLU F 19 -3.20 -0.24 -5.90
CA GLU F 19 -2.81 0.29 -7.23
C GLU F 19 -1.29 0.23 -7.36
N PRO F 20 -0.73 0.13 -8.58
CA PRO F 20 0.71 0.11 -8.75
C PRO F 20 1.37 1.45 -8.36
N ARG F 21 2.65 1.38 -7.99
CA ARG F 21 3.53 2.57 -7.81
C ARG F 21 3.71 3.24 -9.18
N PHE F 22 3.69 4.56 -9.24
CA PHE F 22 3.94 5.31 -10.49
C PHE F 22 4.76 6.58 -10.19
N ILE F 23 5.86 6.77 -10.93
CA ILE F 23 6.77 7.93 -10.81
C ILE F 23 7.21 8.38 -12.22
N SER F 24 7.08 9.68 -12.49
CA SER F 24 7.59 10.36 -13.72
C SER F 24 8.59 11.43 -13.28
N VAL F 25 9.76 11.48 -13.91
CA VAL F 25 10.76 12.56 -13.67
C VAL F 25 11.09 13.24 -15.00
N GLY F 26 11.11 14.57 -15.03
CA GLY F 26 11.46 15.39 -16.22
C GLY F 26 12.89 15.91 -16.14
N TYR F 27 13.69 15.70 -17.19
CA TYR F 27 15.06 16.27 -17.33
C TYR F 27 15.12 17.21 -18.54
N VAL F 28 15.58 18.44 -18.36
CA VAL F 28 16.20 19.24 -19.45
C VAL F 28 17.71 18.96 -19.41
N ASP F 29 18.28 18.45 -20.50
CA ASP F 29 19.69 18.01 -20.54
C ASP F 29 19.93 17.05 -19.36
N ASP F 30 20.89 17.35 -18.48
CA ASP F 30 21.24 16.47 -17.33
C ASP F 30 20.73 17.10 -16.02
N THR F 31 19.93 18.16 -16.12
CA THR F 31 19.24 18.83 -14.98
C THR F 31 17.80 18.27 -14.86
N GLN F 32 17.48 17.60 -13.76
CA GLN F 32 16.08 17.24 -13.41
C GLN F 32 15.33 18.52 -13.00
N PHE F 33 14.06 18.68 -13.40
CA PHE F 33 13.29 19.93 -13.19
C PHE F 33 11.88 19.68 -12.67
N VAL F 34 11.34 18.46 -12.79
CA VAL F 34 10.00 18.11 -12.23
C VAL F 34 9.99 16.63 -11.82
N ARG F 35 8.94 16.28 -11.08
CA ARG F 35 8.64 14.92 -10.58
C ARG F 35 7.14 14.81 -10.36
N PHE F 36 6.59 13.62 -10.61
CA PHE F 36 5.26 13.18 -10.12
C PHE F 36 5.44 11.84 -9.41
N ASP F 37 4.95 11.75 -8.18
CA ASP F 37 4.86 10.50 -7.38
C ASP F 37 3.41 10.29 -6.97
N ASN F 38 2.81 9.13 -7.33
CA ASN F 38 1.37 8.85 -7.09
C ASN F 38 1.16 8.34 -5.67
N ASP F 39 2.24 8.14 -4.90
CA ASP F 39 2.18 7.68 -3.50
C ASP F 39 1.95 8.85 -2.54
N ALA F 40 2.24 10.10 -2.95
CA ALA F 40 1.87 11.33 -2.21
C ALA F 40 0.34 11.33 -1.96
N ALA F 41 -0.13 12.07 -0.96
CA ALA F 41 -1.53 12.02 -0.45
C ALA F 41 -2.49 12.43 -1.57
N SER F 42 -2.48 13.72 -1.95
CA SER F 42 -3.03 14.26 -3.23
C SER F 42 -1.86 14.39 -4.22
N PRO F 43 -1.67 13.41 -5.12
CA PRO F 43 -0.44 13.35 -5.92
C PRO F 43 -0.41 14.43 -7.00
N ARG F 44 0.64 15.25 -7.03
CA ARG F 44 0.75 16.42 -7.94
C ARG F 44 2.12 16.45 -8.57
N MET F 45 2.19 17.01 -9.78
CA MET F 45 3.50 17.31 -10.39
C MET F 45 4.13 18.45 -9.56
N VAL F 46 5.38 18.29 -9.17
CA VAL F 46 6.08 19.29 -8.31
C VAL F 46 7.37 19.70 -9.00
N PRO F 47 7.79 20.96 -8.78
CA PRO F 47 9.09 21.43 -9.26
C PRO F 47 10.21 20.76 -8.50
N ARG F 48 11.34 20.55 -9.17
CA ARG F 48 12.57 19.93 -8.61
C ARG F 48 13.78 20.63 -9.21
N ALA F 49 13.61 21.91 -9.50
CA ALA F 49 14.68 22.86 -9.88
C ALA F 49 14.18 24.24 -9.45
N PRO F 50 15.06 25.09 -8.89
CA PRO F 50 14.60 26.37 -8.36
C PRO F 50 13.92 27.26 -9.43
N TRP F 51 14.33 27.15 -10.71
CA TRP F 51 13.75 27.96 -11.83
C TRP F 51 12.31 27.54 -12.21
N MET F 52 11.77 26.45 -11.66
CA MET F 52 10.37 26.02 -11.91
C MET F 52 9.46 26.46 -10.76
N GLU F 53 10.01 26.99 -9.66
CA GLU F 53 9.22 27.27 -8.41
C GLU F 53 8.32 28.50 -8.61
N GLN F 54 8.43 29.19 -9.74
CA GLN F 54 7.69 30.47 -9.99
C GLN F 54 6.56 30.25 -10.99
N GLU F 55 6.36 29.01 -11.43
CA GLU F 55 5.32 28.64 -12.44
C GLU F 55 3.94 28.63 -11.77
N GLY F 56 2.91 29.08 -12.49
CA GLY F 56 1.55 29.25 -11.95
C GLY F 56 0.86 27.90 -11.80
N SER F 57 -0.31 27.89 -11.16
CA SER F 57 -1.08 26.66 -10.85
C SER F 57 -1.64 26.05 -12.14
N GLU F 58 -2.01 26.91 -13.09
CA GLU F 58 -2.43 26.49 -14.45
C GLU F 58 -1.49 25.36 -14.92
N TYR F 59 -0.16 25.57 -14.86
CA TYR F 59 0.86 24.60 -15.34
C TYR F 59 0.79 23.33 -14.50
N TRP F 60 0.85 23.44 -13.16
CA TRP F 60 0.92 22.24 -12.27
C TRP F 60 -0.42 21.49 -12.33
N ASP F 61 -1.55 22.19 -12.48
CA ASP F 61 -2.88 21.54 -12.68
C ASP F 61 -2.76 20.58 -13.87
N ARG F 62 -2.33 21.10 -15.01
CA ARG F 62 -2.23 20.39 -16.31
C ARG F 62 -1.30 19.18 -16.18
N GLU F 63 -0.05 19.40 -15.75
CA GLU F 63 0.97 18.33 -15.65
C GLU F 63 0.50 17.27 -14.63
N THR F 64 -0.23 17.70 -13.60
CA THR F 64 -0.78 16.78 -12.57
C THR F 64 -1.79 15.87 -13.28
N ARG F 65 -2.69 16.47 -14.04
CA ARG F 65 -3.71 15.76 -14.84
C ARG F 65 -3.03 14.82 -15.85
N SER F 66 -2.11 15.31 -16.68
CA SER F 66 -1.37 14.43 -17.62
C SER F 66 -0.84 13.21 -16.86
N ALA F 67 -0.11 13.43 -15.77
CA ALA F 67 0.60 12.39 -14.98
C ALA F 67 -0.41 11.36 -14.45
N ARG F 68 -1.52 11.85 -13.93
CA ARG F 68 -2.57 10.99 -13.34
C ARG F 68 -3.15 10.09 -14.44
N ASP F 69 -3.57 10.68 -15.56
CA ASP F 69 -4.03 9.95 -16.79
C ASP F 69 -2.96 8.91 -17.14
N THR F 70 -1.70 9.30 -17.25
CA THR F 70 -0.59 8.36 -17.58
C THR F 70 -0.61 7.20 -16.57
N ALA F 71 -0.64 7.52 -15.27
CA ALA F 71 -0.56 6.52 -14.19
C ALA F 71 -1.68 5.49 -14.35
N GLN F 72 -2.85 5.96 -14.76
CA GLN F 72 -4.06 5.11 -14.93
C GLN F 72 -3.93 4.28 -16.21
N ILE F 73 -3.48 4.86 -17.32
CA ILE F 73 -3.20 4.09 -18.56
C ILE F 73 -2.15 3.01 -18.28
N PHE F 74 -1.12 3.32 -17.50
CA PHE F 74 -0.04 2.36 -17.17
C PHE F 74 -0.57 1.23 -16.27
N ARG F 75 -1.53 1.54 -15.42
CA ARG F 75 -2.18 0.51 -14.57
C ARG F 75 -2.82 -0.54 -15.48
N VAL F 76 -3.57 -0.06 -16.47
CA VAL F 76 -4.30 -0.92 -17.46
C VAL F 76 -3.26 -1.69 -18.30
N ASN F 77 -2.23 -0.98 -18.76
CA ASN F 77 -1.14 -1.59 -19.56
C ASN F 77 -0.55 -2.78 -18.80
N LEU F 78 -0.29 -2.66 -17.49
CA LEU F 78 0.33 -3.75 -16.69
C LEU F 78 -0.65 -4.94 -16.65
N ARG F 79 -1.94 -4.69 -16.42
CA ARG F 79 -3.01 -5.74 -16.45
C ARG F 79 -3.02 -6.44 -17.81
N THR F 80 -2.92 -5.67 -18.89
CA THR F 80 -3.03 -6.16 -20.28
C THR F 80 -1.79 -7.00 -20.59
N LEU F 81 -0.61 -6.50 -20.25
CA LEU F 81 0.68 -7.17 -20.55
C LEU F 81 0.79 -8.45 -19.73
N ARG F 82 0.12 -8.48 -18.57
CA ARG F 82 0.02 -9.69 -17.73
C ARG F 82 -0.62 -10.78 -18.58
N GLY F 83 -1.77 -10.47 -19.18
CA GLY F 83 -2.55 -11.38 -20.05
C GLY F 83 -1.72 -11.89 -21.21
N TYR F 84 -1.00 -11.02 -21.89
CA TYR F 84 -0.18 -11.36 -23.08
C TYR F 84 0.80 -12.48 -22.70
N TYR F 85 1.38 -12.43 -21.49
CA TYR F 85 2.49 -13.32 -21.03
C TYR F 85 1.97 -14.47 -20.15
N ASN F 86 0.67 -14.49 -19.84
CA ASN F 86 -0.03 -15.56 -19.08
C ASN F 86 0.60 -15.69 -17.68
N GLN F 87 1.03 -14.57 -17.10
CA GLN F 87 1.61 -14.47 -15.74
C GLN F 87 0.48 -14.27 -14.72
N SER F 88 0.68 -14.74 -13.49
N SER F 88 0.73 -14.69 -13.48
CA SER F 88 -0.37 -14.75 -12.43
CA SER F 88 -0.27 -14.73 -12.37
C SER F 88 -0.53 -13.35 -11.84
C SER F 88 -0.50 -13.33 -11.82
N GLU F 89 -1.55 -13.17 -11.00
CA GLU F 89 -1.82 -11.91 -10.25
C GLU F 89 -0.83 -11.73 -9.09
N ALA F 90 -0.09 -12.76 -8.69
CA ALA F 90 0.71 -12.79 -7.43
C ALA F 90 1.99 -11.95 -7.59
N GLY F 91 2.52 -11.81 -8.80
CA GLY F 91 3.87 -11.30 -9.08
C GLY F 91 3.88 -9.81 -9.42
N SER F 92 4.89 -9.09 -8.95
CA SER F 92 5.14 -7.67 -9.30
C SER F 92 5.84 -7.65 -10.66
N HIS F 93 5.44 -6.72 -11.54
CA HIS F 93 6.06 -6.46 -12.86
C HIS F 93 6.18 -4.96 -13.08
N THR F 94 7.11 -4.57 -13.94
CA THR F 94 7.53 -3.17 -14.17
C THR F 94 7.23 -2.79 -15.62
N LEU F 95 6.50 -1.68 -15.82
CA LEU F 95 6.38 -0.99 -17.12
C LEU F 95 7.09 0.34 -17.03
N GLN F 96 8.06 0.56 -17.93
CA GLN F 96 8.86 1.79 -18.05
C GLN F 96 8.60 2.42 -19.42
N TRP F 97 8.78 3.73 -19.52
CA TRP F 97 8.47 4.54 -20.73
C TRP F 97 9.40 5.75 -20.74
N MET F 98 10.34 5.82 -21.69
CA MET F 98 11.20 7.01 -21.90
C MET F 98 10.78 7.65 -23.21
N HIS F 99 10.62 8.97 -23.22
CA HIS F 99 10.37 9.78 -24.42
C HIS F 99 11.13 11.10 -24.30
N GLY F 100 11.66 11.62 -25.40
CA GLY F 100 12.42 12.87 -25.39
C GLY F 100 12.61 13.42 -26.78
N CYS F 101 12.61 14.76 -26.90
CA CYS F 101 13.00 15.48 -28.13
C CYS F 101 14.36 16.11 -27.89
N GLU F 102 15.14 16.29 -28.97
CA GLU F 102 16.46 16.96 -28.98
C GLU F 102 16.46 18.10 -30.00
N LEU F 103 17.10 19.21 -29.68
CA LEU F 103 17.41 20.31 -30.65
C LEU F 103 18.80 20.08 -31.25
N GLY F 104 19.05 20.68 -32.42
CA GLY F 104 20.40 20.83 -32.99
C GLY F 104 21.00 22.17 -32.59
N PRO F 105 22.28 22.44 -32.95
CA PRO F 105 22.89 23.73 -32.65
C PRO F 105 22.06 24.96 -33.07
N ASP F 106 21.11 24.78 -34.02
CA ASP F 106 20.25 25.87 -34.56
C ASP F 106 19.00 26.09 -33.68
N GLY F 107 18.77 25.25 -32.67
CA GLY F 107 17.54 25.31 -31.84
C GLY F 107 16.28 24.90 -32.61
N ARG F 108 16.44 23.99 -33.58
CA ARG F 108 15.33 23.38 -34.35
C ARG F 108 15.17 21.94 -33.89
N PHE F 109 14.00 21.33 -34.11
CA PHE F 109 13.79 19.88 -33.89
C PHE F 109 14.90 19.13 -34.65
N LEU F 110 15.53 18.14 -34.00
CA LEU F 110 16.62 17.30 -34.58
C LEU F 110 16.13 15.85 -34.63
N ARG F 111 15.68 15.31 -33.50
CA ARG F 111 15.15 13.92 -33.40
C ARG F 111 14.22 13.79 -32.17
N GLY F 112 13.26 12.88 -32.28
CA GLY F 112 12.43 12.39 -31.17
C GLY F 112 12.56 10.88 -31.04
N TYR F 113 12.16 10.32 -29.90
CA TYR F 113 12.13 8.85 -29.67
C TYR F 113 11.15 8.53 -28.56
N GLU F 114 10.59 7.32 -28.62
CA GLU F 114 9.84 6.72 -27.49
C GLU F 114 10.15 5.23 -27.44
N GLN F 115 10.21 4.69 -26.23
CA GLN F 115 10.46 3.25 -25.98
C GLN F 115 9.63 2.84 -24.76
N PHE F 116 8.98 1.69 -24.84
CA PHE F 116 8.46 0.96 -23.66
C PHE F 116 9.36 -0.25 -23.38
N ALA F 117 9.55 -0.57 -22.10
CA ALA F 117 10.19 -1.81 -21.62
C ALA F 117 9.29 -2.49 -20.58
N TYR F 118 9.14 -3.81 -20.69
CA TYR F 118 8.45 -4.66 -19.70
C TYR F 118 9.50 -5.49 -18.96
N ASP F 119 9.57 -5.33 -17.64
CA ASP F 119 10.50 -6.08 -16.75
C ASP F 119 11.91 -5.99 -17.33
N GLY F 120 12.38 -4.77 -17.62
CA GLY F 120 13.80 -4.47 -17.85
C GLY F 120 14.24 -4.68 -19.29
N LYS F 121 13.42 -5.33 -20.11
CA LYS F 121 13.71 -5.71 -21.53
C LYS F 121 12.87 -4.80 -22.43
N ASP F 122 13.47 -4.29 -23.53
CA ASP F 122 12.74 -3.50 -24.55
C ASP F 122 11.45 -4.24 -24.89
N TYR F 123 10.37 -3.52 -25.21
CA TYR F 123 9.02 -4.11 -25.51
C TYR F 123 8.48 -3.54 -26.83
N LEU F 124 8.30 -2.23 -26.91
CA LEU F 124 7.75 -1.52 -28.10
C LEU F 124 8.52 -0.23 -28.29
N THR F 125 8.83 0.11 -29.54
CA THR F 125 9.70 1.25 -29.90
C THR F 125 9.07 2.02 -31.04
N LEU F 126 9.00 3.34 -30.91
CA LEU F 126 8.64 4.26 -32.01
C LEU F 126 9.79 4.22 -33.01
N ASN F 127 9.47 4.19 -34.31
CA ASN F 127 10.43 4.22 -35.44
C ASN F 127 10.86 5.66 -35.71
N GLU F 128 11.95 5.88 -36.48
CA GLU F 128 12.48 7.25 -36.74
C GLU F 128 11.44 8.06 -37.53
N ASP F 129 10.58 7.42 -38.35
CA ASP F 129 9.54 8.12 -39.15
C ASP F 129 8.52 8.77 -38.20
N LEU F 130 8.46 8.32 -36.94
CA LEU F 130 7.54 8.79 -35.88
C LEU F 130 6.09 8.49 -36.29
N ARG F 131 5.88 7.42 -37.05
CA ARG F 131 4.58 7.12 -37.72
C ARG F 131 4.13 5.68 -37.44
N SER F 132 5.05 4.81 -37.05
CA SER F 132 4.81 3.36 -36.84
C SER F 132 5.61 2.88 -35.62
N TRP F 133 5.17 1.76 -35.05
CA TRP F 133 5.84 1.07 -33.92
C TRP F 133 6.48 -0.23 -34.41
N THR F 134 7.48 -0.70 -33.67
CA THR F 134 8.20 -1.97 -33.90
C THR F 134 8.18 -2.75 -32.59
N ALA F 135 7.53 -3.91 -32.57
CA ALA F 135 7.62 -4.88 -31.45
C ALA F 135 9.04 -5.45 -31.39
N VAL F 136 9.37 -6.12 -30.29
CA VAL F 136 10.57 -7.01 -30.17
C VAL F 136 10.08 -8.45 -29.97
N ASP F 137 9.04 -8.60 -29.15
CA ASP F 137 8.45 -9.88 -28.72
C ASP F 137 7.27 -10.21 -29.65
N THR F 138 6.65 -11.37 -29.49
CA THR F 138 5.35 -11.71 -30.12
C THR F 138 4.25 -10.98 -29.33
N ALA F 139 4.40 -10.90 -28.00
CA ALA F 139 3.47 -10.20 -27.08
C ALA F 139 3.29 -8.76 -27.55
N ALA F 140 4.43 -8.12 -27.86
CA ALA F 140 4.52 -6.73 -28.33
C ALA F 140 3.88 -6.59 -29.72
N GLN F 141 3.65 -7.69 -30.45
CA GLN F 141 2.97 -7.64 -31.78
C GLN F 141 1.51 -7.26 -31.60
N ILE F 142 0.79 -7.80 -30.61
CA ILE F 142 -0.62 -7.38 -30.36
C ILE F 142 -0.60 -5.86 -30.07
N SER F 143 0.38 -5.40 -29.29
CA SER F 143 0.58 -3.97 -28.91
C SER F 143 0.85 -3.10 -30.16
N GLU F 144 1.75 -3.54 -31.05
CA GLU F 144 2.03 -2.90 -32.37
C GLU F 144 0.71 -2.72 -33.15
N GLN F 145 -0.03 -3.80 -33.38
CA GLN F 145 -1.34 -3.77 -34.06
C GLN F 145 -2.19 -2.69 -33.37
N LYS F 146 -2.34 -2.79 -32.05
CA LYS F 146 -3.29 -1.98 -31.24
C LYS F 146 -2.87 -0.51 -31.37
N SER F 147 -1.59 -0.23 -31.14
CA SER F 147 -0.99 1.11 -31.29
C SER F 147 -1.25 1.63 -32.71
N ASN F 148 -0.95 0.81 -33.73
CA ASN F 148 -1.04 1.22 -35.15
C ASN F 148 -2.52 1.57 -35.46
N ASP F 149 -3.43 0.64 -35.21
CA ASP F 149 -4.88 0.84 -35.46
C ASP F 149 -5.41 2.06 -34.70
N ALA F 150 -4.81 2.43 -33.55
CA ALA F 150 -5.28 3.54 -32.67
C ALA F 150 -4.64 4.89 -33.05
N SER F 151 -3.73 4.92 -34.03
CA SER F 151 -3.07 6.15 -34.53
C SER F 151 -2.25 6.75 -33.39
N GLU F 152 -1.71 5.90 -32.53
CA GLU F 152 -1.04 6.33 -31.27
C GLU F 152 0.16 7.18 -31.65
N ALA F 153 0.83 6.82 -32.75
CA ALA F 153 2.00 7.57 -33.26
C ALA F 153 1.60 8.99 -33.74
N GLU F 154 0.38 9.21 -34.27
CA GLU F 154 -0.06 10.59 -34.65
C GLU F 154 0.11 11.51 -33.45
N HIS F 155 -0.38 11.04 -32.29
CA HIS F 155 -0.37 11.79 -31.01
C HIS F 155 1.11 11.99 -30.61
N GLN F 156 1.89 10.93 -30.49
CA GLN F 156 3.29 11.05 -29.98
C GLN F 156 4.11 11.90 -30.94
N ARG F 157 3.85 11.87 -32.25
CA ARG F 157 4.64 12.70 -33.21
C ARG F 157 4.34 14.18 -32.97
N ALA F 158 3.08 14.58 -32.80
CA ALA F 158 2.73 15.98 -32.48
C ALA F 158 3.43 16.37 -31.17
N TYR F 159 3.43 15.48 -30.17
CA TYR F 159 4.08 15.74 -28.87
C TYR F 159 5.56 16.04 -29.15
N LEU F 160 6.27 15.08 -29.75
CA LEU F 160 7.74 15.14 -29.98
C LEU F 160 8.10 16.34 -30.86
N GLU F 161 7.38 16.56 -31.96
CA GLU F 161 7.76 17.59 -32.97
C GLU F 161 7.32 18.98 -32.48
N ASP F 162 6.15 19.16 -31.90
CA ASP F 162 5.65 20.52 -31.53
C ASP F 162 5.80 20.76 -30.02
N THR F 163 5.04 20.05 -29.19
CA THR F 163 4.89 20.29 -27.74
C THR F 163 6.26 20.22 -27.07
N CYS F 164 6.91 19.08 -27.15
CA CYS F 164 8.24 18.80 -26.54
C CYS F 164 9.23 19.91 -26.90
N VAL F 165 9.20 20.40 -28.14
CA VAL F 165 10.11 21.46 -28.65
C VAL F 165 9.66 22.82 -28.12
N GLU F 166 8.39 23.17 -28.27
CA GLU F 166 7.86 24.48 -27.81
C GLU F 166 8.22 24.66 -26.33
N TRP F 167 8.06 23.63 -25.52
CA TRP F 167 8.22 23.74 -24.04
C TRP F 167 9.70 23.63 -23.66
N LEU F 168 10.51 22.87 -24.40
CA LEU F 168 11.98 22.81 -24.18
C LEU F 168 12.54 24.24 -24.31
N HIS F 169 12.14 24.96 -25.35
CA HIS F 169 12.48 26.39 -25.54
C HIS F 169 12.07 27.21 -24.32
N LYS F 170 10.88 26.98 -23.76
CA LYS F 170 10.42 27.78 -22.59
C LYS F 170 11.27 27.47 -21.35
N TYR F 171 11.78 26.24 -21.21
CA TYR F 171 12.54 25.78 -20.01
C TYR F 171 13.98 26.31 -20.06
N LEU F 172 14.62 26.22 -21.24
CA LEU F 172 15.98 26.77 -21.47
C LEU F 172 15.98 28.25 -21.08
N GLU F 173 14.91 28.99 -21.35
CA GLU F 173 14.79 30.43 -21.01
C GLU F 173 14.58 30.59 -19.49
N LYS F 174 13.57 29.91 -18.92
CA LYS F 174 13.17 30.08 -17.50
C LYS F 174 14.37 29.86 -16.58
N GLY F 175 15.29 28.97 -16.98
CA GLY F 175 16.50 28.62 -16.21
C GLY F 175 17.75 28.70 -17.06
N LYS F 176 17.97 29.82 -17.75
CA LYS F 176 19.17 30.03 -18.62
C LYS F 176 20.39 30.23 -17.72
N GLU F 177 20.23 30.97 -16.61
CA GLU F 177 21.27 31.24 -15.58
C GLU F 177 22.08 29.97 -15.32
N THR F 178 21.42 28.82 -15.27
CA THR F 178 21.99 27.54 -14.81
C THR F 178 22.17 26.57 -15.97
N LEU F 179 21.23 26.48 -16.92
CA LEU F 179 21.26 25.42 -17.97
C LEU F 179 22.24 25.76 -19.11
N LEU F 180 22.42 27.05 -19.43
CA LEU F 180 23.32 27.48 -20.54
C LEU F 180 24.74 27.73 -20.02
N HIS F 181 24.88 28.03 -18.73
CA HIS F 181 26.17 28.14 -17.98
C HIS F 181 26.88 26.77 -18.01
N LEU F 182 28.09 26.68 -18.56
CA LEU F 182 28.93 25.44 -18.51
C LEU F 182 29.83 25.49 -17.27
N GLU F 183 30.37 24.32 -16.90
CA GLU F 183 31.28 24.12 -15.73
C GLU F 183 32.23 22.98 -16.06
N PRO F 184 33.50 23.28 -16.44
CA PRO F 184 34.47 22.25 -16.81
C PRO F 184 35.00 21.51 -15.59
N PRO F 185 35.58 20.30 -15.76
CA PRO F 185 36.11 19.55 -14.63
C PRO F 185 37.26 20.32 -13.99
N LYS F 186 37.40 20.24 -12.67
CA LYS F 186 38.68 20.52 -11.98
C LYS F 186 39.42 19.20 -11.84
N THR F 187 40.58 19.10 -12.49
CA THR F 187 41.39 17.86 -12.64
C THR F 187 42.57 17.93 -11.69
N HIS F 188 42.95 16.78 -11.12
CA HIS F 188 44.25 16.51 -10.46
C HIS F 188 44.46 15.00 -10.46
N VAL F 189 45.72 14.56 -10.35
CA VAL F 189 46.08 13.12 -10.22
C VAL F 189 46.63 12.89 -8.81
N THR F 190 46.35 11.72 -8.23
CA THR F 190 46.79 11.31 -6.88
C THR F 190 47.61 10.01 -7.00
N HIS F 191 48.61 9.88 -6.12
CA HIS F 191 49.53 8.72 -6.04
C HIS F 191 49.06 7.79 -4.92
N HIS F 192 48.81 6.52 -5.24
CA HIS F 192 48.39 5.46 -4.27
C HIS F 192 49.29 4.24 -4.45
N PRO F 193 50.27 4.02 -3.53
CA PRO F 193 51.22 2.93 -3.67
C PRO F 193 50.60 1.58 -3.27
N ILE F 194 50.64 0.57 -4.14
CA ILE F 194 50.17 -0.82 -3.85
C ILE F 194 51.34 -1.62 -3.26
N SER F 195 52.58 -1.33 -3.66
CA SER F 195 53.80 -2.10 -3.30
C SER F 195 54.98 -1.15 -3.07
N ASP F 196 56.19 -1.72 -2.95
CA ASP F 196 57.48 -0.98 -2.90
C ASP F 196 57.89 -0.55 -4.32
N HIS F 197 57.44 -1.28 -5.35
CA HIS F 197 57.66 -0.91 -6.78
C HIS F 197 56.35 -0.43 -7.38
N GLU F 198 55.29 -1.27 -7.38
CA GLU F 198 54.00 -0.99 -8.06
C GLU F 198 53.24 0.14 -7.36
N ALA F 199 52.59 1.00 -8.14
CA ALA F 199 51.74 2.12 -7.69
C ALA F 199 50.47 2.18 -8.55
N THR F 200 49.43 2.86 -8.06
CA THR F 200 48.17 3.14 -8.80
C THR F 200 48.01 4.67 -8.95
N LEU F 201 47.86 5.12 -10.20
CA LEU F 201 47.51 6.52 -10.54
C LEU F 201 45.99 6.60 -10.78
N ARG F 202 45.39 7.70 -10.33
CA ARG F 202 43.92 7.95 -10.44
C ARG F 202 43.73 9.36 -11.01
N CYS F 203 43.17 9.45 -12.22
CA CYS F 203 42.86 10.73 -12.90
C CYS F 203 41.47 11.19 -12.44
N TRP F 204 41.41 12.29 -11.67
CA TRP F 204 40.16 12.82 -11.05
C TRP F 204 39.58 13.93 -11.94
N ALA F 205 38.26 13.92 -12.14
CA ALA F 205 37.44 15.06 -12.63
C ALA F 205 36.31 15.30 -11.64
N LEU F 206 36.08 16.54 -11.23
CA LEU F 206 35.09 16.91 -10.17
C LEU F 206 34.35 18.18 -10.56
N GLY F 207 33.08 18.31 -10.14
CA GLY F 207 32.31 19.56 -10.20
C GLY F 207 31.99 20.02 -11.62
N PHE F 208 31.85 19.08 -12.56
CA PHE F 208 31.62 19.36 -14.01
C PHE F 208 30.14 19.16 -14.38
N TYR F 209 29.61 20.06 -15.22
CA TYR F 209 28.28 19.95 -15.88
C TYR F 209 28.42 20.38 -17.35
N PRO F 210 27.85 19.64 -18.32
CA PRO F 210 27.09 18.40 -18.09
C PRO F 210 27.93 17.13 -17.88
N ALA F 211 27.27 15.97 -17.77
CA ALA F 211 27.82 14.66 -17.37
C ALA F 211 28.61 13.96 -18.49
N GLU F 212 28.55 14.47 -19.73
CA GLU F 212 29.33 13.93 -20.87
C GLU F 212 30.81 14.27 -20.61
N ILE F 213 31.69 13.26 -20.63
CA ILE F 213 33.14 13.38 -20.32
C ILE F 213 33.85 12.07 -20.74
N THR F 214 35.11 12.14 -21.17
CA THR F 214 35.95 10.96 -21.54
C THR F 214 37.31 11.08 -20.85
N LEU F 215 37.66 10.05 -20.06
CA LEU F 215 38.95 9.88 -19.34
C LEU F 215 39.65 8.61 -19.87
N THR F 216 40.84 8.74 -20.44
CA THR F 216 41.65 7.62 -21.00
C THR F 216 43.10 7.75 -20.49
N TRP F 217 43.79 6.61 -20.37
CA TRP F 217 45.19 6.50 -19.87
C TRP F 217 46.12 6.02 -20.99
N GLN F 218 47.01 6.89 -21.48
CA GLN F 218 48.07 6.59 -22.49
C GLN F 218 49.25 7.55 -22.28
N THR F 228 42.67 -0.98 -17.58
CA THR F 228 42.21 0.33 -17.07
C THR F 228 40.94 0.12 -16.23
N GLU F 229 40.89 0.70 -15.02
CA GLU F 229 39.71 0.68 -14.10
C GLU F 229 38.93 2.00 -14.23
N LEU F 230 37.85 1.99 -15.03
CA LEU F 230 36.99 3.17 -15.31
C LEU F 230 35.74 3.10 -14.42
N VAL F 231 35.52 4.10 -13.56
CA VAL F 231 34.36 4.17 -12.62
C VAL F 231 33.21 4.94 -13.30
N GLU F 232 31.96 4.48 -13.12
CA GLU F 232 30.72 5.09 -13.66
C GLU F 232 30.59 6.56 -13.17
N THR F 233 30.36 7.51 -14.09
CA THR F 233 30.08 8.93 -13.76
C THR F 233 28.98 8.98 -12.71
N ARG F 234 29.07 9.90 -11.74
CA ARG F 234 28.19 9.94 -10.53
C ARG F 234 27.86 11.38 -10.17
N PRO F 235 26.68 11.64 -9.55
CA PRO F 235 26.31 13.01 -9.16
C PRO F 235 26.85 13.45 -7.78
N ALA F 236 27.20 14.73 -7.69
CA ALA F 236 27.73 15.36 -6.47
C ALA F 236 26.58 15.64 -5.50
N GLY F 237 25.41 15.98 -6.05
CA GLY F 237 24.21 16.33 -5.28
C GLY F 237 23.91 17.81 -5.35
N ASP F 238 24.76 18.59 -6.04
CA ASP F 238 24.62 20.06 -6.18
C ASP F 238 24.33 20.42 -7.65
N GLY F 239 24.13 19.43 -8.52
CA GLY F 239 23.91 19.63 -9.96
C GLY F 239 25.10 19.18 -10.80
N THR F 240 26.29 19.05 -10.22
CA THR F 240 27.53 18.68 -10.94
C THR F 240 27.78 17.17 -10.82
N PHE F 241 28.88 16.71 -11.41
CA PHE F 241 29.21 15.27 -11.59
C PHE F 241 30.68 15.03 -11.25
N GLN F 242 31.08 13.76 -11.19
CA GLN F 242 32.42 13.29 -10.73
C GLN F 242 32.77 12.00 -11.48
N LYS F 243 34.05 11.81 -11.84
CA LYS F 243 34.54 10.55 -12.47
C LYS F 243 36.05 10.42 -12.31
N TRP F 244 36.55 9.18 -12.32
CA TRP F 244 38.00 8.88 -12.37
C TRP F 244 38.25 7.56 -13.12
N ALA F 245 39.46 7.47 -13.68
CA ALA F 245 40.06 6.23 -14.23
C ALA F 245 41.39 5.98 -13.51
N ALA F 246 41.84 4.72 -13.50
CA ALA F 246 43.07 4.26 -12.82
C ALA F 246 43.72 3.17 -13.67
N VAL F 247 44.98 3.40 -14.02
CA VAL F 247 45.78 2.58 -14.97
C VAL F 247 46.07 1.22 -14.29
N VAL F 248 45.92 0.13 -15.05
CA VAL F 248 45.73 -1.26 -14.55
C VAL F 248 46.96 -1.74 -13.75
N VAL F 249 48.19 -1.34 -14.12
CA VAL F 249 49.42 -1.90 -13.47
C VAL F 249 50.68 -1.07 -13.80
N PRO F 250 50.85 0.16 -13.24
CA PRO F 250 52.14 0.85 -13.27
C PRO F 250 53.24 0.19 -12.41
N SER F 251 54.51 0.43 -12.75
CA SER F 251 55.69 -0.18 -12.08
C SER F 251 56.81 0.86 -11.92
N GLY F 252 57.51 0.84 -10.78
CA GLY F 252 58.48 1.88 -10.36
C GLY F 252 57.78 3.20 -10.05
N GLU F 253 58.37 4.33 -10.48
CA GLU F 253 57.71 5.66 -10.56
C GLU F 253 57.54 6.00 -12.04
N GLU F 254 56.31 6.30 -12.49
CA GLU F 254 55.98 6.46 -13.93
C GLU F 254 55.27 7.81 -14.17
N GLN F 255 56.06 8.89 -14.27
CA GLN F 255 55.66 10.21 -14.81
C GLN F 255 55.49 10.11 -16.35
N ARG F 256 55.66 8.90 -16.92
CA ARG F 256 55.38 8.60 -18.35
C ARG F 256 53.86 8.61 -18.57
N TYR F 257 53.12 7.72 -17.88
CA TYR F 257 51.65 7.48 -18.03
C TYR F 257 50.88 8.81 -18.05
N THR F 258 50.09 9.03 -19.13
CA THR F 258 49.38 10.31 -19.44
C THR F 258 47.87 10.08 -19.55
N CYS F 259 47.09 10.77 -18.72
CA CYS F 259 45.60 10.76 -18.69
C CYS F 259 45.05 11.89 -19.58
N HIS F 260 44.20 11.52 -20.55
CA HIS F 260 43.55 12.43 -21.53
C HIS F 260 42.10 12.66 -21.09
N VAL F 261 41.67 13.92 -21.02
CA VAL F 261 40.36 14.39 -20.45
C VAL F 261 39.61 15.25 -21.48
N GLN F 262 38.50 14.75 -22.01
CA GLN F 262 37.62 15.46 -22.98
C GLN F 262 36.33 15.89 -22.29
N HIS F 263 35.95 17.16 -22.39
CA HIS F 263 34.67 17.71 -21.85
C HIS F 263 34.30 19.00 -22.59
N GLU F 264 33.01 19.16 -22.91
CA GLU F 264 32.42 20.28 -23.71
C GLU F 264 32.75 21.65 -23.08
N GLY F 265 33.21 21.68 -21.83
CA GLY F 265 33.34 22.93 -21.05
C GLY F 265 34.76 23.49 -21.04
N LEU F 266 35.75 22.72 -21.50
CA LEU F 266 37.18 23.14 -21.44
C LEU F 266 37.69 23.41 -22.87
N PRO F 267 38.38 24.55 -23.10
CA PRO F 267 38.72 25.00 -24.46
C PRO F 267 39.48 23.96 -25.30
N GLU F 268 40.43 23.23 -24.68
CA GLU F 268 41.24 22.19 -25.33
C GLU F 268 41.29 20.94 -24.44
N PRO F 269 41.40 19.73 -25.04
CA PRO F 269 41.55 18.50 -24.26
C PRO F 269 42.76 18.56 -23.32
N VAL F 270 42.55 18.44 -22.00
CA VAL F 270 43.61 18.60 -20.96
C VAL F 270 44.27 17.24 -20.73
N THR F 271 45.61 17.20 -20.76
CA THR F 271 46.47 15.98 -20.66
C THR F 271 47.27 16.11 -19.36
N LEU F 272 47.21 15.11 -18.46
CA LEU F 272 47.98 15.09 -17.18
C LEU F 272 48.61 13.70 -16.97
N ARG F 273 49.88 13.69 -16.57
CA ARG F 273 50.63 12.51 -16.03
C ARG F 273 51.09 12.84 -14.61
N TRP F 274 50.77 14.05 -14.15
CA TRP F 274 51.49 14.78 -13.05
C TRP F 274 50.95 14.38 -11.68
N LYS F 275 51.65 13.47 -11.00
CA LYS F 275 51.38 13.07 -9.58
C LYS F 275 52.09 14.06 -8.65
N PRO F 276 51.75 14.12 -7.34
CA PRO F 276 52.32 15.12 -6.43
C PRO F 276 53.86 15.18 -6.37
N MET G 1 12.94 -13.13 -16.88
CA MET G 1 12.82 -11.79 -16.28
C MET G 1 14.21 -11.27 -15.90
N ILE G 2 14.62 -10.17 -16.54
CA ILE G 2 15.94 -9.51 -16.33
C ILE G 2 16.06 -9.04 -14.88
N GLN G 3 17.10 -9.51 -14.16
CA GLN G 3 17.53 -8.98 -12.83
C GLN G 3 18.98 -8.52 -12.90
N ARG G 4 19.27 -7.31 -12.41
CA ARG G 4 20.64 -6.71 -12.38
C ARG G 4 20.93 -6.23 -10.96
N THR G 5 22.17 -6.38 -10.50
CA THR G 5 22.60 -6.09 -9.12
C THR G 5 23.11 -4.66 -9.03
N PRO G 6 22.77 -3.91 -7.95
CA PRO G 6 23.21 -2.52 -7.84
C PRO G 6 24.74 -2.43 -7.92
N LYS G 7 25.25 -1.41 -8.62
CA LYS G 7 26.63 -0.90 -8.42
C LYS G 7 26.54 0.21 -7.38
N ILE G 8 27.22 0.05 -6.24
CA ILE G 8 27.24 1.03 -5.12
C ILE G 8 28.49 1.88 -5.26
N GLN G 9 28.39 3.18 -5.01
CA GLN G 9 29.54 4.11 -4.94
C GLN G 9 29.29 5.03 -3.75
N VAL G 10 30.06 4.84 -2.69
CA VAL G 10 30.03 5.69 -1.47
C VAL G 10 31.16 6.70 -1.62
N TYR G 11 30.87 7.97 -1.38
CA TYR G 11 31.81 9.09 -1.63
C TYR G 11 31.20 10.37 -1.07
N SER G 12 31.98 11.45 -1.08
CA SER G 12 31.58 12.77 -0.55
C SER G 12 31.55 13.78 -1.71
N ARG G 13 30.66 14.77 -1.61
CA ARG G 13 30.49 15.83 -2.64
C ARG G 13 31.84 16.52 -2.86
N HIS G 14 32.33 17.19 -1.81
CA HIS G 14 33.62 17.95 -1.81
C HIS G 14 34.72 17.02 -1.26
N PRO G 15 36.03 17.38 -1.40
CA PRO G 15 37.10 16.55 -0.84
C PRO G 15 37.05 16.60 0.70
N ALA G 16 37.21 15.44 1.33
CA ALA G 16 37.03 15.22 2.79
C ALA G 16 38.06 16.03 3.58
N GLU G 17 37.59 16.88 4.51
CA GLU G 17 38.42 17.70 5.43
C GLU G 17 37.79 17.69 6.83
N ASN G 18 38.48 17.11 7.81
CA ASN G 18 37.95 16.84 9.17
C ASN G 18 37.50 18.15 9.80
N GLY G 19 36.36 18.14 10.51
CA GLY G 19 35.85 19.30 11.27
C GLY G 19 34.90 20.15 10.47
N LYS G 20 35.04 20.19 9.14
CA LYS G 20 34.22 21.08 8.26
C LYS G 20 33.15 20.28 7.52
N SER G 21 31.95 20.86 7.43
CA SER G 21 30.69 20.24 6.94
C SER G 21 30.83 19.83 5.47
N ASN G 22 30.15 18.74 5.09
CA ASN G 22 30.20 18.13 3.74
C ASN G 22 28.85 17.45 3.48
N PHE G 23 28.79 16.59 2.46
CA PHE G 23 27.64 15.68 2.16
C PHE G 23 28.19 14.30 1.84
N LEU G 24 27.60 13.25 2.43
CA LEU G 24 27.97 11.84 2.15
C LEU G 24 26.95 11.27 1.16
N ASN G 25 27.45 10.71 0.07
CA ASN G 25 26.64 10.25 -1.09
C ASN G 25 26.81 8.74 -1.24
N CYS G 26 25.69 8.04 -1.35
CA CYS G 26 25.63 6.65 -1.87
C CYS G 26 24.88 6.63 -3.21
N TYR G 27 25.56 6.25 -4.30
CA TYR G 27 25.00 6.14 -5.67
C TYR G 27 24.88 4.65 -6.03
N VAL G 28 23.70 4.08 -5.79
CA VAL G 28 23.30 2.74 -6.31
C VAL G 28 22.77 2.96 -7.74
N SER G 29 23.16 2.10 -8.67
CA SER G 29 22.85 2.18 -10.12
C SER G 29 22.87 0.79 -10.76
N GLY G 30 22.30 0.66 -11.95
CA GLY G 30 22.43 -0.55 -12.80
C GLY G 30 21.58 -1.71 -12.30
N PHE G 31 20.58 -1.44 -11.45
CA PHE G 31 19.74 -2.48 -10.81
C PHE G 31 18.34 -2.56 -11.43
N HIS G 32 17.72 -3.73 -11.28
CA HIS G 32 16.36 -4.08 -11.77
C HIS G 32 15.91 -5.35 -11.05
N PRO G 33 14.72 -5.41 -10.41
CA PRO G 33 13.73 -4.33 -10.42
C PRO G 33 14.04 -3.17 -9.47
N SER G 34 13.06 -2.29 -9.26
CA SER G 34 13.20 -0.95 -8.63
C SER G 34 13.27 -1.05 -7.10
N ASP G 35 12.60 -2.03 -6.48
CA ASP G 35 12.58 -2.19 -5.00
C ASP G 35 14.02 -2.38 -4.51
N ILE G 36 14.43 -1.49 -3.62
CA ILE G 36 15.78 -1.46 -3.01
C ILE G 36 15.65 -0.76 -1.66
N GLU G 37 16.43 -1.20 -0.66
CA GLU G 37 16.54 -0.52 0.65
C GLU G 37 17.98 -0.01 0.77
N VAL G 38 18.13 1.23 1.20
CA VAL G 38 19.45 1.89 1.34
C VAL G 38 19.43 2.72 2.63
N ASP G 39 20.27 2.30 3.60
CA ASP G 39 20.60 3.09 4.80
C ASP G 39 22.06 3.54 4.66
N LEU G 40 22.37 4.74 5.17
CA LEU G 40 23.76 5.18 5.45
C LEU G 40 24.10 4.88 6.92
N LEU G 41 25.34 4.47 7.19
CA LEU G 41 25.77 4.01 8.55
C LEU G 41 26.90 4.89 9.11
N LYS G 42 26.73 5.34 10.37
CA LYS G 42 27.77 6.02 11.18
C LYS G 42 28.28 5.06 12.27
N ASN G 43 29.33 4.30 11.96
CA ASN G 43 29.90 3.24 12.85
C ASN G 43 28.83 2.17 13.07
N GLY G 44 28.30 1.59 11.99
CA GLY G 44 27.26 0.55 12.01
C GLY G 44 25.89 1.05 12.50
N GLU G 45 25.75 2.34 12.84
CA GLU G 45 24.47 2.97 13.27
C GLU G 45 23.76 3.57 12.04
N ARG G 46 22.46 3.30 11.90
CA ARG G 46 21.57 3.87 10.85
C ARG G 46 21.44 5.37 11.11
N ILE G 47 21.79 6.22 10.13
CA ILE G 47 21.64 7.71 10.21
C ILE G 47 20.20 8.03 9.86
N GLU G 48 19.52 8.87 10.65
CA GLU G 48 18.04 9.02 10.60
C GLU G 48 17.63 9.89 9.41
N LYS G 49 18.01 11.17 9.39
CA LYS G 49 17.60 12.13 8.32
C LYS G 49 18.46 11.87 7.08
N VAL G 50 18.03 10.94 6.22
CA VAL G 50 18.70 10.61 4.93
C VAL G 50 17.69 10.82 3.81
N GLU G 51 18.08 11.58 2.78
CA GLU G 51 17.19 11.90 1.62
C GLU G 51 17.68 11.14 0.39
N HIS G 52 16.82 11.05 -0.62
CA HIS G 52 17.09 10.33 -1.89
C HIS G 52 16.46 11.06 -3.08
N SER G 53 17.18 11.07 -4.19
CA SER G 53 16.73 11.50 -5.54
C SER G 53 15.43 10.78 -5.91
N ASP G 54 14.70 11.34 -6.87
CA ASP G 54 13.52 10.68 -7.49
C ASP G 54 14.00 9.48 -8.33
N LEU G 55 13.22 8.39 -8.37
CA LEU G 55 13.60 7.18 -9.13
C LEU G 55 13.64 7.53 -10.62
N SER G 56 14.77 7.28 -11.27
CA SER G 56 14.95 7.41 -12.74
C SER G 56 15.75 6.21 -13.24
N PHE G 57 15.95 6.10 -14.56
CA PHE G 57 16.64 4.94 -15.18
C PHE G 57 17.45 5.42 -16.39
N SER G 58 18.37 4.56 -16.83
CA SER G 58 19.34 4.81 -17.92
C SER G 58 18.85 4.11 -19.19
N LYS G 59 19.62 4.20 -20.29
CA LYS G 59 19.26 3.66 -21.63
C LYS G 59 18.98 2.15 -21.54
N ASP G 60 19.66 1.43 -20.65
CA ASP G 60 19.53 -0.05 -20.52
C ASP G 60 18.31 -0.39 -19.64
N TRP G 61 17.57 0.63 -19.19
CA TRP G 61 16.33 0.50 -18.35
C TRP G 61 16.70 0.30 -16.89
N SER G 62 17.99 0.34 -16.55
CA SER G 62 18.50 0.08 -15.16
C SER G 62 18.21 1.32 -14.30
N PHE G 63 17.85 1.12 -13.03
CA PHE G 63 17.44 2.20 -12.09
C PHE G 63 18.65 2.79 -11.38
N TYR G 64 18.56 4.06 -10.99
CA TYR G 64 19.63 4.75 -10.23
C TYR G 64 19.03 5.77 -9.26
N LEU G 65 19.55 5.72 -8.03
CA LEU G 65 19.16 6.61 -6.92
C LEU G 65 20.42 7.17 -6.27
N LEU G 66 20.33 8.41 -5.79
CA LEU G 66 21.32 8.99 -4.87
C LEU G 66 20.67 9.14 -3.49
N TYR G 67 21.21 8.43 -2.50
CA TYR G 67 20.95 8.64 -1.04
C TYR G 67 22.09 9.51 -0.50
N TYR G 68 21.75 10.59 0.21
CA TYR G 68 22.73 11.60 0.69
C TYR G 68 22.30 12.14 2.06
N THR G 69 23.29 12.60 2.84
CA THR G 69 23.08 13.30 4.13
C THR G 69 24.20 14.33 4.38
N GLU G 70 23.87 15.42 5.06
CA GLU G 70 24.84 16.44 5.53
C GLU G 70 25.60 15.86 6.73
N PHE G 71 26.92 15.74 6.64
CA PHE G 71 27.78 15.16 7.71
C PHE G 71 29.09 15.94 7.83
N THR G 72 29.60 16.03 9.05
CA THR G 72 30.98 16.51 9.36
C THR G 72 31.88 15.29 9.58
N PRO G 73 32.78 14.99 8.64
CA PRO G 73 33.66 13.83 8.78
C PRO G 73 34.72 14.10 9.85
N THR G 74 35.33 13.04 10.39
CA THR G 74 36.47 13.12 11.34
C THR G 74 37.46 12.01 11.00
N GLU G 75 38.65 12.05 11.60
CA GLU G 75 39.76 11.08 11.36
C GLU G 75 39.37 9.73 11.98
N LYS G 76 38.46 9.74 12.96
CA LYS G 76 38.09 8.58 13.80
C LYS G 76 36.85 7.87 13.22
N ASP G 77 35.77 8.63 12.99
CA ASP G 77 34.41 8.16 12.57
C ASP G 77 34.49 7.41 11.23
N GLU G 78 33.93 6.19 11.17
CA GLU G 78 33.76 5.37 9.92
C GLU G 78 32.32 5.50 9.43
N TYR G 79 32.13 5.47 8.10
CA TYR G 79 30.81 5.62 7.42
C TYR G 79 30.68 4.54 6.35
N ALA G 80 29.46 4.05 6.12
CA ALA G 80 29.17 3.04 5.08
C ALA G 80 27.77 3.23 4.51
N CYS G 81 27.52 2.52 3.41
CA CYS G 81 26.22 2.38 2.72
C CYS G 81 25.77 0.91 2.81
N ARG G 82 24.60 0.66 3.40
CA ARG G 82 23.98 -0.70 3.47
C ARG G 82 22.85 -0.73 2.45
N VAL G 83 22.90 -1.71 1.55
CA VAL G 83 22.00 -1.83 0.36
C VAL G 83 21.47 -3.26 0.32
N ASN G 84 20.14 -3.41 0.37
CA ASN G 84 19.48 -4.71 0.15
C ASN G 84 18.70 -4.62 -1.16
N HIS G 85 18.78 -5.67 -1.96
CA HIS G 85 18.11 -5.83 -3.26
C HIS G 85 17.74 -7.30 -3.44
N VAL G 86 16.61 -7.60 -4.10
CA VAL G 86 16.08 -8.97 -4.31
C VAL G 86 17.23 -9.88 -4.81
N THR G 87 18.19 -9.31 -5.53
CA THR G 87 19.29 -10.02 -6.23
C THR G 87 20.38 -10.47 -5.24
N LEU G 88 20.61 -9.72 -4.16
CA LEU G 88 21.60 -10.05 -3.10
C LEU G 88 20.99 -11.04 -2.09
N SER G 89 21.75 -12.04 -1.65
CA SER G 89 21.32 -13.04 -0.62
C SER G 89 21.39 -12.41 0.78
N GLN G 90 22.20 -11.36 0.96
CA GLN G 90 22.26 -10.58 2.23
C GLN G 90 22.74 -9.15 1.96
N PRO G 91 22.29 -8.16 2.79
CA PRO G 91 22.67 -6.76 2.62
C PRO G 91 24.17 -6.61 2.36
N LYS G 92 24.54 -5.88 1.29
CA LYS G 92 25.95 -5.53 0.99
C LYS G 92 26.25 -4.20 1.69
N ILE G 93 27.40 -4.12 2.35
CA ILE G 93 27.90 -2.89 3.04
C ILE G 93 29.20 -2.45 2.35
N VAL G 94 29.23 -1.21 1.89
CA VAL G 94 30.41 -0.58 1.24
C VAL G 94 30.85 0.56 2.15
N LYS G 95 32.12 0.56 2.54
CA LYS G 95 32.67 1.55 3.50
C LYS G 95 33.18 2.74 2.70
N TRP G 96 32.94 3.95 3.19
CA TRP G 96 33.45 5.20 2.59
C TRP G 96 34.98 5.21 2.64
N ASP G 97 35.62 5.34 1.47
CA ASP G 97 37.08 5.52 1.31
C ASP G 97 37.31 6.92 0.74
N ARG G 98 37.75 7.88 1.58
CA ARG G 98 37.82 9.33 1.21
C ARG G 98 38.79 9.54 0.04
N ASP G 99 39.53 8.49 -0.37
CA ASP G 99 40.46 8.48 -1.54
C ASP G 99 39.75 7.91 -2.78
N MET G 100 38.44 7.67 -2.71
CA MET G 100 37.63 7.09 -3.81
C MET G 100 36.29 7.82 -3.94
N ARG H 1 6.96 19.49 -20.39
CA ARG H 1 5.51 19.20 -20.42
C ARG H 1 5.28 17.75 -20.86
N LEU H 2 4.42 17.02 -20.13
CA LEU H 2 4.10 15.59 -20.38
C LEU H 2 3.22 15.51 -21.62
N PRO H 3 3.35 14.45 -22.46
CA PRO H 3 2.35 14.11 -23.47
C PRO H 3 1.01 13.93 -22.76
N ALA H 4 -0.10 14.44 -23.29
CA ALA H 4 -1.41 14.41 -22.59
C ALA H 4 -1.90 12.97 -22.41
N LYS H 5 -1.52 12.09 -23.35
CA LYS H 5 -2.17 10.79 -23.65
C LYS H 5 -1.13 9.72 -24.02
N ALA H 6 -0.78 8.87 -23.05
CA ALA H 6 0.19 7.78 -23.25
C ALA H 6 -0.52 6.67 -23.98
N PRO H 7 0.17 6.01 -24.93
CA PRO H 7 -0.41 4.90 -25.67
C PRO H 7 -0.98 3.76 -24.84
N LEU H 8 -2.07 3.14 -25.29
CA LEU H 8 -2.57 1.83 -24.79
C LEU H 8 -1.79 0.69 -25.46
N LEU H 9 -1.35 -0.29 -24.65
CA LEU H 9 -0.62 -1.48 -25.12
C LEU H 9 -1.57 -2.67 -25.23
N LYS I 3 -19.18 28.72 -32.90
CA LYS I 3 -19.04 27.36 -32.31
C LYS I 3 -17.72 26.74 -32.76
N GLU I 4 -16.96 26.13 -31.84
CA GLU I 4 -15.64 25.52 -32.14
C GLU I 4 -15.85 24.42 -33.18
N VAL I 5 -17.03 23.80 -33.19
CA VAL I 5 -17.38 22.65 -34.07
C VAL I 5 -18.68 22.95 -34.82
N GLU I 6 -18.64 22.89 -36.16
CA GLU I 6 -19.75 23.32 -37.04
C GLU I 6 -20.27 22.14 -37.87
N GLN I 7 -21.60 22.00 -37.87
CA GLN I 7 -22.40 20.98 -38.61
C GLN I 7 -23.68 21.62 -39.16
N ASN I 8 -24.00 21.36 -40.43
CA ASN I 8 -25.35 21.69 -40.98
C ASN I 8 -26.39 20.90 -40.16
N SER I 9 -27.22 21.59 -39.38
CA SER I 9 -28.23 20.95 -38.50
C SER I 9 -29.41 20.50 -39.35
N GLY I 10 -29.70 21.26 -40.42
CA GLY I 10 -30.91 21.09 -41.26
C GLY I 10 -31.08 19.62 -41.63
N PRO I 11 -32.33 19.10 -41.68
CA PRO I 11 -32.61 17.74 -42.11
C PRO I 11 -31.91 17.40 -43.43
N LEU I 12 -31.18 16.28 -43.48
CA LEU I 12 -30.52 15.80 -44.72
C LEU I 12 -31.31 14.58 -45.20
N SER I 13 -32.10 14.75 -46.26
CA SER I 13 -32.99 13.72 -46.85
C SER I 13 -32.24 12.96 -47.94
N VAL I 14 -32.30 11.64 -47.91
CA VAL I 14 -31.52 10.76 -48.83
C VAL I 14 -32.30 9.49 -49.14
N PRO I 15 -32.37 9.08 -50.43
CA PRO I 15 -33.06 7.85 -50.79
C PRO I 15 -32.24 6.62 -50.39
N GLU I 16 -32.92 5.56 -49.94
CA GLU I 16 -32.30 4.27 -49.62
C GLU I 16 -31.39 3.83 -50.77
N GLY I 17 -30.10 3.62 -50.50
CA GLY I 17 -29.11 3.08 -51.46
C GLY I 17 -28.11 4.14 -51.90
N ALA I 18 -28.46 5.42 -51.71
CA ALA I 18 -27.56 6.56 -51.98
C ALA I 18 -26.48 6.58 -50.91
N ILE I 19 -25.33 7.18 -51.22
CA ILE I 19 -24.25 7.45 -50.23
C ILE I 19 -24.57 8.77 -49.53
N ALA I 20 -24.79 8.74 -48.22
CA ALA I 20 -24.99 9.97 -47.41
C ALA I 20 -23.60 10.49 -47.06
N SER I 21 -23.42 11.79 -47.25
CA SER I 21 -22.19 12.54 -46.91
C SER I 21 -22.54 13.49 -45.77
N LEU I 22 -22.11 13.14 -44.55
CA LEU I 22 -22.14 14.00 -43.32
C LEU I 22 -20.80 14.73 -43.18
N ASN I 23 -20.86 16.06 -42.99
CA ASN I 23 -19.67 16.94 -43.02
C ASN I 23 -19.63 17.86 -41.79
N CYS I 24 -18.42 18.07 -41.27
CA CYS I 24 -18.15 18.76 -39.99
C CYS I 24 -16.81 19.50 -40.09
N THR I 25 -16.79 20.70 -39.50
CA THR I 25 -15.65 21.66 -39.60
C THR I 25 -15.31 22.12 -38.18
N TYR I 26 -14.02 22.17 -37.86
CA TYR I 26 -13.49 22.51 -36.51
C TYR I 26 -12.50 23.70 -36.60
N SER I 27 -12.54 24.59 -35.59
CA SER I 27 -11.71 25.82 -35.52
C SER I 27 -10.23 25.54 -35.21
N ASP I 28 -9.89 24.71 -34.23
CA ASP I 28 -8.49 24.61 -33.72
C ASP I 28 -7.65 23.76 -34.69
N ARG I 29 -6.76 24.41 -35.44
CA ARG I 29 -5.89 23.73 -36.44
C ARG I 29 -5.13 22.56 -35.83
N ARG I 30 -4.93 22.56 -34.50
CA ARG I 30 -4.12 21.53 -33.81
C ARG I 30 -5.01 20.55 -33.05
N SER I 31 -6.32 20.58 -33.26
CA SER I 31 -7.25 19.54 -32.76
C SER I 31 -6.61 18.15 -32.97
N ARG I 32 -6.80 17.24 -32.01
CA ARG I 32 -5.97 16.02 -31.82
C ARG I 32 -6.71 14.78 -32.28
N SER I 33 -8.00 14.70 -31.97
CA SER I 33 -8.83 13.52 -32.28
C SER I 33 -10.27 13.92 -32.65
N PHE I 34 -10.91 13.08 -33.47
CA PHE I 34 -12.15 13.42 -34.21
C PHE I 34 -13.08 12.21 -34.21
N PHE I 35 -14.37 12.46 -33.94
CA PHE I 35 -15.33 11.42 -33.55
C PHE I 35 -16.67 11.65 -34.23
N TRP I 36 -17.30 10.55 -34.65
CA TRP I 36 -18.70 10.53 -35.14
C TRP I 36 -19.53 9.68 -34.17
N TYR I 37 -20.54 10.28 -33.57
CA TYR I 37 -21.55 9.61 -32.72
C TYR I 37 -22.86 9.54 -33.50
N ARG I 38 -23.53 8.38 -33.45
CA ARG I 38 -24.93 8.19 -33.89
C ARG I 38 -25.84 8.33 -32.68
N GLN I 39 -26.93 9.09 -32.80
CA GLN I 39 -27.93 9.25 -31.71
C GLN I 39 -29.36 9.17 -32.28
N TYR I 40 -30.00 8.01 -32.11
CA TYR I 40 -31.43 7.79 -32.44
C TYR I 40 -32.29 8.63 -31.50
N SER I 41 -33.52 8.94 -31.91
CA SER I 41 -34.53 9.68 -31.09
C SER I 41 -34.67 8.99 -29.73
N GLY I 42 -34.64 9.75 -28.63
CA GLY I 42 -34.85 9.25 -27.25
C GLY I 42 -33.66 8.49 -26.68
N LYS I 43 -32.57 8.33 -27.45
CA LYS I 43 -31.42 7.50 -27.05
C LYS I 43 -30.20 8.40 -26.79
N SER I 44 -29.14 7.82 -26.23
CA SER I 44 -27.88 8.53 -25.90
C SER I 44 -26.93 8.41 -27.09
N PRO I 45 -25.95 9.31 -27.27
CA PRO I 45 -25.03 9.21 -28.39
C PRO I 45 -24.24 7.89 -28.32
N GLU I 46 -24.21 7.13 -29.41
CA GLU I 46 -23.34 5.94 -29.58
C GLU I 46 -22.13 6.30 -30.46
N LEU I 47 -20.92 5.97 -30.06
CA LEU I 47 -19.70 6.27 -30.88
C LEU I 47 -19.65 5.28 -32.04
N ILE I 48 -19.57 5.73 -33.30
CA ILE I 48 -19.53 4.82 -34.49
C ILE I 48 -18.19 4.90 -35.22
N MET I 49 -17.53 6.05 -35.23
CA MET I 49 -16.20 6.18 -35.90
C MET I 49 -15.28 7.09 -35.06
N SER I 50 -13.98 6.81 -35.12
CA SER I 50 -12.89 7.56 -34.48
C SER I 50 -11.75 7.65 -35.48
N ILE I 51 -11.27 8.87 -35.74
CA ILE I 51 -10.21 9.17 -36.75
C ILE I 51 -9.25 10.16 -36.08
N TYR I 52 -7.96 10.07 -36.40
CA TYR I 52 -6.87 10.90 -35.82
C TYR I 52 -5.89 11.38 -36.91
N SER I 53 -5.71 10.58 -37.95
CA SER I 53 -4.69 10.80 -39.00
C SER I 53 -5.36 11.20 -40.31
N ASN I 54 -4.77 12.12 -41.08
CA ASN I 54 -5.19 12.47 -42.46
C ASN I 54 -5.47 11.19 -43.24
N GLY I 55 -6.59 11.15 -43.95
CA GLY I 55 -7.00 9.98 -44.74
C GLY I 55 -8.39 9.51 -44.38
N ASP I 56 -8.59 8.20 -44.54
CA ASP I 56 -9.89 7.49 -44.46
C ASP I 56 -9.73 6.32 -43.49
N LYS I 57 -10.73 6.11 -42.63
CA LYS I 57 -10.94 4.87 -41.85
C LYS I 57 -12.25 4.25 -42.32
N GLU I 58 -12.23 2.94 -42.64
CA GLU I 58 -13.41 2.15 -43.10
C GLU I 58 -13.87 1.21 -41.99
N ASP I 59 -15.18 1.18 -41.75
CA ASP I 59 -15.86 0.18 -40.88
C ASP I 59 -17.27 -0.07 -41.41
N GLY I 60 -17.46 -1.21 -42.08
CA GLY I 60 -18.73 -1.55 -42.74
C GLY I 60 -19.08 -0.53 -43.80
N ARG I 61 -20.32 -0.04 -43.76
CA ARG I 61 -20.87 0.94 -44.71
C ARG I 61 -20.43 2.35 -44.32
N PHE I 62 -19.63 2.49 -43.26
CA PHE I 62 -19.14 3.79 -42.75
C PHE I 62 -17.71 4.05 -43.23
N THR I 63 -17.47 5.28 -43.70
CA THR I 63 -16.11 5.83 -43.87
C THR I 63 -16.01 7.19 -43.18
N ALA I 64 -14.99 7.32 -42.32
CA ALA I 64 -14.53 8.62 -41.76
C ALA I 64 -13.40 9.16 -42.65
N GLN I 65 -13.51 10.42 -43.03
CA GLN I 65 -12.48 11.17 -43.81
C GLN I 65 -11.99 12.35 -42.96
N LEU I 66 -10.68 12.45 -42.73
CA LEU I 66 -10.09 13.59 -41.98
C LEU I 66 -9.12 14.33 -42.88
N ASN I 67 -9.29 15.65 -42.98
CA ASN I 67 -8.39 16.58 -43.69
C ASN I 67 -7.97 17.71 -42.74
N LYS I 68 -6.77 17.60 -42.16
CA LYS I 68 -6.26 18.55 -41.14
C LYS I 68 -5.95 19.90 -41.79
N ALA I 69 -5.58 19.90 -43.07
CA ALA I 69 -5.33 21.11 -43.89
C ALA I 69 -6.64 21.90 -44.12
N SER I 70 -7.72 21.29 -44.59
CA SER I 70 -9.02 21.97 -44.79
C SER I 70 -9.78 22.09 -43.47
N GLN I 71 -9.36 21.33 -42.45
CA GLN I 71 -10.01 21.27 -41.10
C GLN I 71 -11.44 20.80 -41.28
N TYR I 72 -11.57 19.76 -42.13
CA TYR I 72 -12.82 19.04 -42.42
C TYR I 72 -12.66 17.61 -41.92
N VAL I 73 -13.77 17.12 -41.37
CA VAL I 73 -13.97 15.71 -40.97
C VAL I 73 -15.36 15.31 -41.49
N SER I 74 -15.42 14.20 -42.22
CA SER I 74 -16.68 13.74 -42.88
C SER I 74 -16.98 12.29 -42.49
N LEU I 75 -18.27 11.94 -42.52
CA LEU I 75 -18.79 10.55 -42.45
C LEU I 75 -19.55 10.20 -43.73
N LEU I 76 -19.15 9.13 -44.39
CA LEU I 76 -19.87 8.52 -45.55
C LEU I 76 -20.60 7.26 -45.11
N ILE I 77 -21.88 7.18 -45.42
CA ILE I 77 -22.72 5.96 -45.25
C ILE I 77 -23.10 5.43 -46.64
N ARG I 78 -22.36 4.42 -47.12
CA ARG I 78 -22.70 3.57 -48.28
C ARG I 78 -24.06 2.89 -48.10
N ASP I 79 -24.73 2.59 -49.20
CA ASP I 79 -26.01 1.84 -49.25
C ASP I 79 -26.95 2.32 -48.13
N SER I 80 -27.09 3.62 -47.93
CA SER I 80 -27.85 4.16 -46.77
C SER I 80 -29.22 3.47 -46.67
N GLN I 81 -29.51 2.85 -45.52
CA GLN I 81 -30.81 2.21 -45.13
C GLN I 81 -31.58 3.16 -44.23
N PRO I 82 -32.93 3.03 -44.12
CA PRO I 82 -33.71 3.84 -43.18
C PRO I 82 -33.30 3.66 -41.71
N SER I 83 -32.79 2.46 -41.36
CA SER I 83 -32.11 2.13 -40.07
C SER I 83 -31.10 3.23 -39.68
N ASP I 84 -30.50 3.93 -40.65
CA ASP I 84 -29.47 4.96 -40.44
C ASP I 84 -30.13 6.31 -40.08
N SER I 85 -31.45 6.43 -40.17
CA SER I 85 -32.13 7.69 -39.83
C SER I 85 -31.89 7.98 -38.35
N ALA I 86 -31.28 9.12 -38.04
CA ALA I 86 -30.69 9.45 -36.72
C ALA I 86 -30.02 10.82 -36.83
N THR I 87 -29.77 11.47 -35.68
CA THR I 87 -28.89 12.66 -35.58
C THR I 87 -27.45 12.16 -35.43
N TYR I 88 -26.54 12.67 -36.25
CA TYR I 88 -25.11 12.28 -36.27
C TYR I 88 -24.30 13.44 -35.71
N LEU I 89 -23.65 13.23 -34.54
CA LEU I 89 -22.90 14.28 -33.80
C LEU I 89 -21.42 14.18 -34.15
N CYS I 90 -20.86 15.29 -34.60
CA CYS I 90 -19.40 15.52 -34.73
C CYS I 90 -18.83 16.01 -33.40
N ALA I 91 -17.72 15.40 -32.98
CA ALA I 91 -17.01 15.74 -31.73
C ALA I 91 -15.52 15.81 -32.02
N VAL I 92 -14.91 16.93 -31.60
CA VAL I 92 -13.47 17.22 -31.84
C VAL I 92 -12.82 17.61 -30.52
N MET I 93 -11.64 17.06 -30.27
CA MET I 93 -10.78 17.38 -29.11
C MET I 93 -9.69 18.33 -29.61
N ASP I 94 -9.56 19.51 -28.96
CA ASP I 94 -8.65 20.62 -29.35
C ASP I 94 -7.21 20.26 -28.98
N ARG I 95 -6.27 21.18 -29.19
CA ARG I 95 -4.82 20.92 -28.99
C ARG I 95 -4.59 20.43 -27.55
N GLU I 96 -5.47 20.80 -26.63
CA GLU I 96 -5.35 20.51 -25.17
C GLU I 96 -6.06 19.20 -24.86
N TYR I 97 -6.71 18.60 -25.85
CA TYR I 97 -7.52 17.36 -25.77
C TYR I 97 -8.87 17.65 -25.11
N GLU I 98 -9.38 18.88 -25.17
CA GLU I 98 -10.73 19.24 -24.63
C GLU I 98 -11.75 19.09 -25.76
N ILE I 99 -12.76 18.23 -25.56
CA ILE I 99 -13.76 17.86 -26.60
C ILE I 99 -14.83 18.95 -26.73
N SER I 100 -15.35 19.16 -27.94
CA SER I 100 -16.59 19.92 -28.23
C SER I 100 -17.49 19.06 -29.13
N PHE I 101 -18.79 19.07 -28.85
CA PHE I 101 -19.82 18.38 -29.65
C PHE I 101 -20.54 19.43 -30.50
N GLY I 102 -20.52 19.28 -31.82
CA GLY I 102 -21.39 20.06 -32.72
C GLY I 102 -22.84 19.78 -32.39
N SER I 103 -23.79 20.56 -32.92
CA SER I 103 -25.26 20.42 -32.68
C SER I 103 -25.82 19.17 -33.36
N GLY I 104 -25.03 18.52 -34.23
CA GLY I 104 -25.45 17.30 -34.95
C GLY I 104 -26.19 17.60 -36.25
N THR I 105 -26.17 16.63 -37.16
CA THR I 105 -26.91 16.62 -38.43
C THR I 105 -27.94 15.50 -38.38
N ARG I 106 -29.21 15.85 -38.55
CA ARG I 106 -30.33 14.88 -38.63
C ARG I 106 -30.35 14.28 -40.05
N LEU I 107 -30.08 12.98 -40.16
CA LEU I 107 -30.16 12.21 -41.43
C LEU I 107 -31.50 11.49 -41.49
N LEU I 108 -32.17 11.58 -42.63
CA LEU I 108 -33.49 10.97 -42.91
C LEU I 108 -33.36 10.15 -44.20
N VAL I 109 -33.25 8.83 -44.10
CA VAL I 109 -33.12 7.93 -45.30
C VAL I 109 -34.52 7.50 -45.73
N ARG I 110 -35.05 8.10 -46.81
CA ARG I 110 -36.35 7.74 -47.46
C ARG I 110 -36.30 6.28 -47.95
N PRO I 111 -37.25 5.43 -47.51
CA PRO I 111 -37.22 4.00 -47.84
C PRO I 111 -37.62 3.68 -49.29
N ASP I 112 -36.93 2.71 -49.90
CA ASP I 112 -37.17 2.25 -51.29
C ASP I 112 -38.46 1.43 -51.35
N ILE I 113 -39.53 2.05 -51.85
CA ILE I 113 -40.86 1.42 -52.10
C ILE I 113 -40.95 1.01 -53.59
N GLN I 114 -40.80 -0.29 -53.88
CA GLN I 114 -40.76 -0.82 -55.26
C GLN I 114 -42.16 -0.74 -55.90
N ASN I 115 -43.22 -1.09 -55.16
CA ASN I 115 -44.59 -1.29 -55.72
C ASN I 115 -45.63 -0.53 -54.90
N PRO I 116 -45.71 0.82 -55.00
CA PRO I 116 -46.74 1.58 -54.29
C PRO I 116 -48.14 1.03 -54.58
N ASP I 117 -49.03 1.06 -53.58
CA ASP I 117 -50.42 0.57 -53.64
C ASP I 117 -51.28 1.44 -52.73
N PRO I 118 -51.17 2.78 -52.82
CA PRO I 118 -51.84 3.67 -51.85
C PRO I 118 -53.28 3.22 -51.55
N ALA I 119 -53.58 2.95 -50.28
CA ALA I 119 -54.88 2.45 -49.78
C ALA I 119 -55.16 2.99 -48.37
N VAL I 120 -56.42 3.23 -48.03
CA VAL I 120 -56.90 3.50 -46.63
C VAL I 120 -57.83 2.36 -46.21
N TYR I 121 -57.76 1.95 -44.94
CA TYR I 121 -58.63 0.90 -44.35
C TYR I 121 -59.19 1.40 -43.01
N GLN I 122 -60.04 0.60 -42.39
CA GLN I 122 -60.69 0.87 -41.08
C GLN I 122 -60.59 -0.38 -40.21
N LEU I 123 -60.14 -0.21 -38.96
CA LEU I 123 -59.84 -1.30 -37.99
C LEU I 123 -60.67 -1.09 -36.72
N ARG I 124 -61.06 -2.18 -36.05
CA ARG I 124 -62.01 -2.15 -34.91
C ARG I 124 -61.33 -2.75 -33.66
N ASP I 125 -61.59 -2.15 -32.51
CA ASP I 125 -60.94 -2.45 -31.21
C ASP I 125 -61.34 -3.87 -30.78
N SER I 126 -60.36 -4.73 -30.51
CA SER I 126 -60.55 -6.09 -29.94
C SER I 126 -61.61 -6.07 -28.84
N LYS I 127 -61.65 -5.04 -27.99
CA LYS I 127 -62.45 -4.96 -26.73
C LYS I 127 -63.83 -4.31 -27.01
N SER I 128 -63.87 -3.15 -27.68
CA SER I 128 -65.10 -2.36 -27.96
C SER I 128 -65.34 -2.31 -29.48
N SER I 129 -66.53 -2.71 -29.93
CA SER I 129 -67.01 -2.53 -31.34
C SER I 129 -67.06 -1.04 -31.68
N ASP I 130 -67.23 -0.19 -30.65
CA ASP I 130 -67.66 1.23 -30.74
C ASP I 130 -66.50 2.12 -31.21
N LYS I 131 -65.24 1.72 -30.96
CA LYS I 131 -64.03 2.53 -31.28
C LYS I 131 -63.31 1.94 -32.51
N SER I 132 -62.85 2.83 -33.40
CA SER I 132 -62.22 2.49 -34.71
C SER I 132 -61.03 3.42 -34.96
N VAL I 133 -60.06 2.95 -35.75
CA VAL I 133 -58.92 3.76 -36.27
C VAL I 133 -58.84 3.56 -37.79
N CYS I 134 -58.36 4.58 -38.49
CA CYS I 134 -58.13 4.57 -39.95
C CYS I 134 -56.63 4.43 -40.20
N LEU I 135 -56.26 3.52 -41.11
CA LEU I 135 -54.85 3.21 -41.48
C LEU I 135 -54.64 3.48 -42.98
N PHE I 136 -53.95 4.57 -43.30
CA PHE I 136 -53.39 4.86 -44.66
C PHE I 136 -52.03 4.16 -44.76
N THR I 137 -51.90 3.18 -45.67
CA THR I 137 -50.71 2.31 -45.80
C THR I 137 -50.29 2.18 -47.28
N ASP I 138 -49.07 1.68 -47.50
CA ASP I 138 -48.53 1.20 -48.81
C ASP I 138 -48.13 2.36 -49.74
N PHE I 139 -48.33 3.63 -49.34
CA PHE I 139 -47.93 4.82 -50.15
C PHE I 139 -46.41 4.86 -50.28
N ASP I 140 -45.87 5.77 -51.11
CA ASP I 140 -44.43 5.87 -51.44
C ASP I 140 -43.80 7.03 -50.65
N SER I 141 -42.47 7.02 -50.53
CA SER I 141 -41.67 7.80 -49.54
C SER I 141 -41.65 9.30 -49.87
N GLN I 142 -42.37 9.73 -50.91
CA GLN I 142 -42.51 11.16 -51.30
C GLN I 142 -43.83 11.71 -50.75
N THR I 143 -44.78 10.84 -50.39
CA THR I 143 -46.14 11.24 -49.91
C THR I 143 -46.00 11.99 -48.58
N ASN I 144 -46.74 13.09 -48.44
CA ASN I 144 -46.62 14.03 -47.30
C ASN I 144 -47.95 13.98 -46.51
N VAL I 145 -47.88 13.48 -45.28
CA VAL I 145 -49.05 13.29 -44.37
C VAL I 145 -49.24 14.57 -43.54
N SER I 146 -50.49 14.99 -43.32
CA SER I 146 -50.85 16.37 -42.90
C SER I 146 -51.76 16.35 -41.66
N GLN I 147 -51.49 17.20 -40.66
CA GLN I 147 -52.34 17.38 -39.44
C GLN I 147 -53.69 17.98 -39.85
N SER I 148 -54.81 17.35 -39.47
CA SER I 148 -56.19 17.78 -39.85
C SER I 148 -56.57 19.05 -39.08
N LYS I 149 -57.67 19.68 -39.47
CA LYS I 149 -58.15 20.98 -38.93
C LYS I 149 -59.49 20.78 -38.22
N ASP I 150 -59.69 19.62 -37.58
CA ASP I 150 -60.95 19.26 -36.85
C ASP I 150 -60.72 19.21 -35.34
N SER I 151 -59.46 19.29 -34.90
CA SER I 151 -59.03 19.28 -33.46
C SER I 151 -59.31 17.90 -32.84
N ASP I 152 -60.55 17.42 -32.95
CA ASP I 152 -61.01 16.09 -32.46
C ASP I 152 -60.57 14.98 -33.44
N VAL I 153 -59.95 15.34 -34.57
CA VAL I 153 -59.33 14.38 -35.53
C VAL I 153 -57.81 14.40 -35.30
N TYR I 154 -57.24 13.28 -34.84
CA TYR I 154 -55.80 13.08 -34.61
C TYR I 154 -55.22 12.24 -35.76
N ILE I 155 -54.09 12.68 -36.32
CA ILE I 155 -53.39 12.05 -37.47
C ILE I 155 -51.89 12.00 -37.14
N THR I 156 -51.29 10.82 -37.24
CA THR I 156 -49.84 10.58 -37.01
C THR I 156 -49.05 10.87 -38.29
N ASP I 157 -47.73 11.02 -38.17
CA ASP I 157 -46.79 11.13 -39.31
C ASP I 157 -46.60 9.72 -39.90
N LYS I 158 -46.05 9.63 -41.11
CA LYS I 158 -45.65 8.36 -41.78
C LYS I 158 -44.66 7.61 -40.89
N CYS I 159 -44.35 6.37 -41.28
CA CYS I 159 -43.63 5.34 -40.46
C CYS I 159 -43.40 4.12 -41.34
N VAL I 160 -42.14 3.70 -41.52
CA VAL I 160 -41.76 2.56 -42.41
C VAL I 160 -41.48 1.32 -41.54
N LEU I 161 -42.32 0.30 -41.67
CA LEU I 161 -42.01 -1.07 -41.16
C LEU I 161 -41.32 -1.83 -42.29
N ASP I 162 -40.54 -2.86 -41.93
CA ASP I 162 -39.66 -3.63 -42.86
C ASP I 162 -39.83 -5.12 -42.52
N MET I 163 -40.62 -5.84 -43.32
CA MET I 163 -40.78 -7.32 -43.24
C MET I 163 -39.57 -8.00 -43.88
N ARG I 164 -38.44 -8.09 -43.15
CA ARG I 164 -37.14 -8.63 -43.64
C ARG I 164 -37.37 -9.93 -44.43
N SER I 165 -38.09 -10.89 -43.86
CA SER I 165 -38.32 -12.26 -44.40
C SER I 165 -38.76 -12.25 -45.87
N MET I 166 -39.67 -11.34 -46.24
CA MET I 166 -40.35 -11.29 -47.57
C MET I 166 -39.78 -10.14 -48.44
N ASP I 167 -38.60 -9.59 -48.08
CA ASP I 167 -37.96 -8.40 -48.70
C ASP I 167 -39.03 -7.34 -49.06
N PHE I 168 -39.95 -7.05 -48.14
CA PHE I 168 -41.05 -6.07 -48.35
C PHE I 168 -40.90 -4.93 -47.34
N LYS I 169 -41.20 -3.72 -47.77
CA LYS I 169 -41.19 -2.49 -46.93
C LYS I 169 -42.51 -1.77 -47.16
N SER I 170 -43.04 -1.14 -46.13
CA SER I 170 -44.36 -0.47 -46.15
C SER I 170 -44.29 0.79 -45.31
N ASN I 171 -44.86 1.87 -45.81
CA ASN I 171 -45.10 3.11 -45.04
C ASN I 171 -46.54 3.02 -44.54
N SER I 172 -46.82 3.69 -43.43
CA SER I 172 -48.07 3.58 -42.65
C SER I 172 -48.29 4.94 -41.99
N ALA I 173 -49.54 5.37 -41.86
CA ALA I 173 -49.95 6.48 -40.97
C ALA I 173 -51.33 6.16 -40.41
N VAL I 174 -51.64 6.64 -39.22
CA VAL I 174 -52.89 6.31 -38.48
C VAL I 174 -53.67 7.62 -38.26
N ALA I 175 -54.99 7.51 -38.18
CA ALA I 175 -55.90 8.61 -37.76
C ALA I 175 -57.08 8.02 -36.98
N TRP I 176 -57.67 8.81 -36.08
CA TRP I 176 -58.83 8.41 -35.23
C TRP I 176 -59.52 9.65 -34.67
N SER I 177 -60.74 9.47 -34.15
CA SER I 177 -61.55 10.48 -33.43
C SER I 177 -62.53 9.79 -32.47
N ASN I 178 -63.30 10.57 -31.69
CA ASN I 178 -64.35 10.07 -30.76
C ASN I 178 -65.71 10.66 -31.14
N LYS I 179 -65.87 11.15 -32.37
CA LYS I 179 -67.07 11.90 -32.83
C LYS I 179 -68.12 10.93 -33.41
N SER I 180 -67.70 9.80 -33.99
CA SER I 180 -68.54 8.78 -34.65
C SER I 180 -69.17 9.34 -35.95
N ASP I 181 -68.45 10.25 -36.62
CA ASP I 181 -68.67 10.62 -38.05
C ASP I 181 -68.01 9.57 -38.93
N PHE I 182 -67.05 8.83 -38.38
CA PHE I 182 -66.27 7.73 -39.03
C PHE I 182 -65.67 8.23 -40.35
N ALA I 183 -65.10 9.44 -40.36
CA ALA I 183 -64.62 10.12 -41.59
C ALA I 183 -63.31 9.49 -42.07
N CYS I 184 -63.37 8.25 -42.57
CA CYS I 184 -62.19 7.37 -42.77
C CYS I 184 -61.57 7.59 -44.16
N ALA I 185 -62.33 7.33 -45.23
CA ALA I 185 -61.84 7.33 -46.64
C ALA I 185 -61.20 8.69 -47.00
N ASN I 186 -61.61 9.77 -46.32
CA ASN I 186 -61.18 11.17 -46.58
C ASN I 186 -59.95 11.55 -45.74
N ALA I 187 -59.92 11.12 -44.47
CA ALA I 187 -59.15 11.72 -43.34
C ALA I 187 -57.73 12.12 -43.76
N PHE I 188 -57.10 11.37 -44.67
CA PHE I 188 -55.68 11.51 -45.07
C PHE I 188 -55.54 12.40 -46.32
N ASN I 189 -54.95 13.60 -46.17
CA ASN I 189 -54.69 14.58 -47.26
C ASN I 189 -53.53 15.51 -46.85
N THR J 3 -18.29 -4.12 -19.86
CA THR J 3 -18.68 -2.96 -18.99
C THR J 3 -18.97 -1.75 -19.88
N GLY J 4 -20.25 -1.34 -19.92
CA GLY J 4 -20.69 -0.02 -20.40
C GLY J 4 -20.88 0.93 -19.23
N VAL J 5 -21.43 2.12 -19.49
CA VAL J 5 -21.67 3.17 -18.48
C VAL J 5 -23.12 3.04 -18.03
N SER J 6 -23.36 2.86 -16.73
CA SER J 6 -24.71 2.75 -16.11
C SER J 6 -25.15 4.13 -15.63
N GLN J 7 -26.46 4.39 -15.67
CA GLN J 7 -27.09 5.62 -15.12
C GLN J 7 -28.51 5.25 -14.64
N ASN J 8 -28.89 5.78 -13.49
CA ASN J 8 -30.23 5.58 -12.88
C ASN J 8 -30.65 6.89 -12.21
N PRO J 9 -31.95 7.24 -12.26
CA PRO J 9 -32.94 6.49 -13.03
C PRO J 9 -32.81 6.84 -14.51
N ARG J 10 -33.50 6.11 -15.39
CA ARG J 10 -33.48 6.41 -16.85
C ARG J 10 -34.42 7.59 -17.10
N HIS J 11 -35.53 7.64 -16.37
CA HIS J 11 -36.52 8.75 -16.42
C HIS J 11 -36.79 9.22 -14.99
N LYS J 12 -37.14 10.49 -14.81
CA LYS J 12 -37.39 11.08 -13.47
C LYS J 12 -38.38 12.23 -13.62
N ILE J 13 -39.52 12.12 -12.95
CA ILE J 13 -40.50 13.24 -12.80
C ILE J 13 -40.33 13.83 -11.41
N THR J 14 -40.27 15.16 -11.34
CA THR J 14 -40.16 15.96 -10.08
C THR J 14 -41.05 17.20 -10.21
N LYS J 15 -41.64 17.65 -9.10
CA LYS J 15 -42.48 18.87 -9.02
C LYS J 15 -41.56 20.11 -9.03
N ARG J 16 -41.81 21.09 -9.91
CA ARG J 16 -41.08 22.38 -9.92
C ARG J 16 -40.83 22.83 -8.47
N GLY J 17 -39.58 23.19 -8.14
CA GLY J 17 -39.20 23.67 -6.80
C GLY J 17 -38.56 22.58 -5.96
N GLN J 18 -38.83 21.32 -6.28
CA GLN J 18 -38.24 20.14 -5.57
C GLN J 18 -36.78 19.95 -5.99
N ASN J 19 -36.10 18.99 -5.35
CA ASN J 19 -34.68 18.62 -5.62
C ASN J 19 -34.68 17.27 -6.34
N VAL J 20 -33.63 16.98 -7.11
CA VAL J 20 -33.38 15.65 -7.74
C VAL J 20 -31.88 15.35 -7.64
N THR J 21 -31.53 14.06 -7.69
CA THR J 21 -30.14 13.55 -7.66
C THR J 21 -30.04 12.33 -8.58
N PHE J 22 -29.30 12.46 -9.68
CA PHE J 22 -29.02 11.39 -10.66
C PHE J 22 -27.71 10.72 -10.26
N ARG J 23 -27.55 9.45 -10.63
CA ARG J 23 -26.28 8.71 -10.38
C ARG J 23 -25.77 8.17 -11.72
N CYS J 24 -24.45 8.04 -11.82
CA CYS J 24 -23.72 7.42 -12.95
C CYS J 24 -22.66 6.48 -12.39
N ASP J 25 -22.55 5.28 -12.94
CA ASP J 25 -21.43 4.34 -12.69
C ASP J 25 -20.64 4.23 -13.99
N PRO J 26 -19.37 4.68 -14.02
CA PRO J 26 -18.60 4.65 -15.26
C PRO J 26 -18.05 3.25 -15.50
N ILE J 27 -17.38 3.05 -16.62
CA ILE J 27 -16.59 1.84 -16.93
C ILE J 27 -15.44 1.77 -15.89
N SER J 28 -15.25 0.61 -15.26
CA SER J 28 -14.27 0.34 -14.17
C SER J 28 -12.91 1.02 -14.45
N ASP J 29 -12.28 0.73 -15.58
CA ASP J 29 -10.87 1.16 -15.80
C ASP J 29 -10.82 2.62 -16.29
N HIS J 30 -11.98 3.29 -16.42
CA HIS J 30 -12.06 4.70 -16.85
C HIS J 30 -11.89 5.64 -15.65
N ASN J 31 -10.87 6.49 -15.69
CA ASN J 31 -10.56 7.45 -14.61
C ASN J 31 -11.34 8.75 -14.77
N ARG J 32 -11.68 9.17 -15.99
CA ARG J 32 -12.46 10.41 -16.24
C ARG J 32 -13.96 10.10 -16.21
N LEU J 33 -14.75 11.00 -15.66
CA LEU J 33 -16.24 10.94 -15.64
C LEU J 33 -16.77 12.34 -15.99
N TYR J 34 -17.63 12.44 -17.00
CA TYR J 34 -18.15 13.72 -17.54
C TYR J 34 -19.66 13.72 -17.34
N TRP J 35 -20.21 14.88 -17.00
CA TRP J 35 -21.67 15.14 -16.94
C TRP J 35 -22.00 16.17 -18.01
N TYR J 36 -22.97 15.85 -18.88
CA TYR J 36 -23.45 16.69 -20.00
C TYR J 36 -24.97 16.83 -19.88
N ARG J 37 -25.53 17.93 -20.37
CA ARG J 37 -27.00 18.09 -20.53
C ARG J 37 -27.27 18.32 -22.03
N GLN J 38 -28.42 17.83 -22.50
CA GLN J 38 -28.82 17.85 -23.93
C GLN J 38 -30.31 18.16 -24.01
N THR J 39 -30.66 19.09 -24.90
CA THR J 39 -32.06 19.50 -25.22
C THR J 39 -32.32 19.17 -26.69
N LEU J 40 -33.57 19.32 -27.16
CA LEU J 40 -34.00 18.91 -28.52
C LEU J 40 -33.08 19.57 -29.57
N GLY J 41 -32.51 18.76 -30.47
CA GLY J 41 -31.79 19.21 -31.67
C GLY J 41 -30.57 20.06 -31.34
N GLN J 42 -29.95 19.82 -30.19
CA GLN J 42 -28.64 20.41 -29.82
C GLN J 42 -27.72 19.25 -29.45
N GLY J 43 -26.44 19.52 -29.28
CA GLY J 43 -25.43 18.53 -28.84
C GLY J 43 -25.28 18.55 -27.32
N PRO J 44 -24.56 17.56 -26.74
CA PRO J 44 -24.18 17.58 -25.34
C PRO J 44 -23.51 18.90 -24.94
N GLU J 45 -23.98 19.51 -23.86
CA GLU J 45 -23.38 20.71 -23.23
C GLU J 45 -22.64 20.27 -21.96
N PHE J 46 -21.37 20.61 -21.86
CA PHE J 46 -20.51 20.32 -20.69
C PHE J 46 -21.09 20.93 -19.41
N LEU J 47 -21.18 20.13 -18.35
CA LEU J 47 -21.56 20.56 -16.97
C LEU J 47 -20.31 20.55 -16.10
N THR J 48 -19.65 19.40 -15.95
CA THR J 48 -18.45 19.22 -15.08
C THR J 48 -17.74 17.90 -15.42
N TYR J 49 -16.46 17.76 -15.07
CA TYR J 49 -15.83 16.41 -15.16
C TYR J 49 -14.89 16.18 -14.00
N PHE J 50 -14.66 14.90 -13.72
CA PHE J 50 -13.85 14.38 -12.61
C PHE J 50 -12.71 13.56 -13.19
N GLN J 51 -11.49 13.79 -12.71
CA GLN J 51 -10.36 12.86 -12.89
C GLN J 51 -10.26 12.07 -11.59
N SER J 52 -10.67 10.80 -11.59
CA SER J 52 -10.81 10.01 -10.36
C SER J 52 -11.63 10.88 -9.40
N GLU J 53 -11.20 11.09 -8.15
CA GLU J 53 -11.98 11.83 -7.11
C GLU J 53 -11.97 13.35 -7.38
N ALA J 54 -11.05 13.86 -8.20
CA ALA J 54 -10.80 15.31 -8.37
C ALA J 54 -11.74 15.89 -9.43
N GLN J 55 -12.59 16.84 -9.05
CA GLN J 55 -13.45 17.62 -9.98
C GLN J 55 -12.59 18.73 -10.58
N LEU J 56 -12.12 18.55 -11.83
CA LEU J 56 -11.11 19.42 -12.49
C LEU J 56 -11.74 20.67 -13.12
N GLU J 57 -13.04 20.68 -13.43
CA GLU J 57 -13.65 21.84 -14.14
C GLU J 57 -15.18 21.83 -14.01
N LYS J 58 -15.80 23.01 -14.15
CA LYS J 58 -17.29 23.18 -14.18
C LYS J 58 -17.59 24.24 -15.23
N SER J 59 -18.75 24.16 -15.87
CA SER J 59 -19.19 25.16 -16.88
C SER J 59 -19.16 26.53 -16.22
N ARG J 60 -18.62 27.56 -16.90
CA ARG J 60 -18.64 28.97 -16.40
C ARG J 60 -20.09 29.41 -16.23
N LEU J 61 -21.03 28.86 -17.01
CA LEU J 61 -22.47 29.20 -16.99
C LEU J 61 -23.23 28.24 -16.07
N LEU J 62 -22.56 27.29 -15.40
CA LEU J 62 -23.26 26.28 -14.55
C LEU J 62 -24.00 27.04 -13.43
N SER J 63 -25.27 26.70 -13.21
CA SER J 63 -26.11 27.30 -12.14
C SER J 63 -25.56 26.86 -10.76
N ASP J 64 -25.65 27.74 -9.77
CA ASP J 64 -25.33 27.42 -8.35
C ASP J 64 -26.22 26.28 -7.86
N ARG J 65 -27.38 26.07 -8.50
CA ARG J 65 -28.37 25.02 -8.12
C ARG J 65 -27.87 23.63 -8.53
N PHE J 66 -26.92 23.57 -9.47
CA PHE J 66 -26.31 22.32 -9.99
C PHE J 66 -25.00 22.06 -9.24
N SER J 67 -24.77 20.81 -8.88
CA SER J 67 -23.54 20.34 -8.19
C SER J 67 -23.37 18.83 -8.42
N ALA J 68 -22.13 18.35 -8.37
CA ALA J 68 -21.80 16.92 -8.57
C ALA J 68 -20.71 16.52 -7.60
N GLU J 69 -20.66 15.24 -7.27
CA GLU J 69 -19.61 14.67 -6.37
C GLU J 69 -19.25 13.27 -6.88
N ARG J 70 -18.02 12.86 -6.61
CA ARG J 70 -17.49 11.53 -6.93
C ARG J 70 -16.56 11.14 -5.79
N PRO J 71 -17.13 10.85 -4.60
CA PRO J 71 -16.36 10.74 -3.37
C PRO J 71 -15.23 9.69 -3.41
N LYS J 72 -15.56 8.46 -3.83
CA LYS J 72 -14.60 7.32 -3.84
C LYS J 72 -13.84 7.31 -5.17
N GLY J 73 -14.14 8.26 -6.07
CA GLY J 73 -13.60 8.31 -7.43
C GLY J 73 -14.12 7.17 -8.29
N SER J 74 -15.28 6.59 -7.93
CA SER J 74 -15.83 5.36 -8.54
C SER J 74 -17.12 5.68 -9.29
N PHE J 75 -18.07 6.32 -8.61
CA PHE J 75 -19.46 6.58 -9.07
C PHE J 75 -19.71 8.05 -8.76
N SER J 76 -20.57 8.72 -9.53
CA SER J 76 -20.81 10.17 -9.41
C SER J 76 -22.30 10.43 -9.30
N THR J 77 -22.68 11.41 -8.49
CA THR J 77 -24.08 11.91 -8.39
C THR J 77 -24.10 13.34 -8.91
N LEU J 78 -25.19 13.72 -9.57
CA LEU J 78 -25.43 15.11 -10.01
C LEU J 78 -26.72 15.54 -9.33
N GLU J 79 -26.69 16.64 -8.58
CA GLU J 79 -27.84 17.08 -7.76
C GLU J 79 -28.33 18.41 -8.31
N ILE J 80 -29.63 18.51 -8.57
CA ILE J 80 -30.29 19.78 -8.94
C ILE J 80 -31.18 20.17 -7.76
N GLN J 81 -31.05 21.42 -7.29
CA GLN J 81 -31.83 21.98 -6.17
C GLN J 81 -32.86 22.96 -6.73
N ARG J 82 -34.02 23.09 -6.07
CA ARG J 82 -35.10 24.06 -6.43
C ARG J 82 -35.33 24.00 -7.94
N THR J 83 -35.68 22.81 -8.43
CA THR J 83 -35.74 22.44 -9.86
C THR J 83 -36.69 23.39 -10.59
N GLU J 84 -36.35 23.82 -11.80
CA GLU J 84 -37.16 24.74 -12.65
C GLU J 84 -37.58 24.02 -13.94
N GLN J 85 -38.59 24.55 -14.64
CA GLN J 85 -39.09 24.03 -15.95
C GLN J 85 -37.90 23.88 -16.90
N GLY J 86 -37.09 24.94 -17.02
CA GLY J 86 -35.91 25.04 -17.88
C GLY J 86 -34.90 23.92 -17.66
N ASP J 87 -34.90 23.30 -16.48
CA ASP J 87 -33.98 22.18 -16.13
C ASP J 87 -34.37 20.91 -16.88
N SER J 88 -35.56 20.85 -17.48
CA SER J 88 -36.07 19.65 -18.19
C SER J 88 -35.19 19.38 -19.39
N ALA J 89 -34.58 18.19 -19.45
CA ALA J 89 -33.52 17.85 -20.43
C ALA J 89 -33.03 16.42 -20.19
N MET J 90 -32.09 15.98 -21.03
CA MET J 90 -31.42 14.66 -20.94
C MET J 90 -30.08 14.88 -20.23
N TYR J 91 -29.83 14.18 -19.13
CA TYR J 91 -28.57 14.31 -18.36
C TYR J 91 -27.72 13.09 -18.69
N LEU J 92 -26.72 13.31 -19.52
CA LEU J 92 -25.78 12.28 -20.04
C LEU J 92 -24.56 12.25 -19.13
N CYS J 93 -24.13 11.04 -18.78
CA CYS J 93 -22.83 10.75 -18.15
C CYS J 93 -21.93 10.12 -19.21
N ALA J 94 -20.63 10.40 -19.20
CA ALA J 94 -19.63 9.74 -20.06
C ALA J 94 -18.35 9.52 -19.28
N SER J 95 -17.73 8.36 -19.45
CA SER J 95 -16.41 8.04 -18.88
C SER J 95 -15.39 7.94 -20.02
N SER J 96 -14.10 8.07 -19.72
CA SER J 96 -13.00 7.86 -20.68
C SER J 96 -11.74 7.43 -19.89
N LEU J 97 -10.84 6.71 -20.56
CA LEU J 97 -9.52 6.32 -20.03
C LEU J 97 -8.52 7.39 -20.49
N GLY J 98 -8.20 8.33 -19.60
CA GLY J 98 -7.48 9.55 -20.00
C GLY J 98 -8.25 10.29 -21.10
N PRO J 99 -7.54 11.03 -21.97
CA PRO J 99 -8.21 11.80 -23.02
C PRO J 99 -8.58 10.95 -24.25
N ASN J 100 -8.60 9.61 -24.13
CA ASN J 100 -9.11 8.68 -25.17
C ASN J 100 -10.66 8.86 -25.27
N GLU J 101 -11.32 8.08 -26.12
CA GLU J 101 -12.76 8.21 -26.48
C GLU J 101 -13.68 8.30 -25.25
N GLN J 102 -14.64 9.21 -25.29
CA GLN J 102 -15.72 9.33 -24.29
C GLN J 102 -16.91 8.48 -24.72
N LEU J 103 -17.22 7.44 -23.94
CA LEU J 103 -18.38 6.52 -24.12
C LEU J 103 -19.51 6.95 -23.18
N PHE J 104 -20.73 7.08 -23.70
CA PHE J 104 -21.88 7.65 -22.96
C PHE J 104 -22.71 6.53 -22.31
N GLY J 105 -23.28 6.83 -21.14
CA GLY J 105 -24.35 6.05 -20.51
C GLY J 105 -25.67 6.23 -21.26
N PRO J 106 -26.73 5.49 -20.89
CA PRO J 106 -28.02 5.62 -21.56
C PRO J 106 -28.80 6.88 -21.16
N GLY J 107 -28.28 7.65 -20.22
CA GLY J 107 -28.82 8.99 -19.86
C GLY J 107 -29.90 8.91 -18.80
N THR J 108 -30.19 10.05 -18.15
CA THR J 108 -31.32 10.25 -17.23
C THR J 108 -32.16 11.43 -17.77
N ARG J 109 -33.38 11.15 -18.24
CA ARG J 109 -34.29 12.17 -18.80
C ARG J 109 -35.13 12.73 -17.65
N LEU J 110 -34.99 14.03 -17.37
CA LEU J 110 -35.76 14.75 -16.32
C LEU J 110 -36.87 15.58 -16.98
N THR J 111 -38.13 15.31 -16.63
CA THR J 111 -39.26 16.24 -16.85
C THR J 111 -39.61 16.91 -15.51
N VAL J 112 -39.72 18.24 -15.50
CA VAL J 112 -40.11 19.05 -14.33
C VAL J 112 -41.51 19.62 -14.60
N VAL J 113 -42.51 19.15 -13.86
CA VAL J 113 -43.96 19.40 -14.12
C VAL J 113 -44.49 20.40 -13.09
N GLU J 114 -45.52 21.18 -13.46
CA GLU J 114 -46.15 22.22 -12.60
C GLU J 114 -46.59 21.57 -11.28
N ASP J 115 -47.20 20.38 -11.35
CA ASP J 115 -47.87 19.65 -10.24
C ASP J 115 -47.97 18.18 -10.64
N LEU J 116 -47.91 17.25 -9.68
CA LEU J 116 -47.91 15.79 -9.96
C LEU J 116 -49.29 15.30 -10.41
N ASN J 117 -50.36 16.09 -10.18
CA ASN J 117 -51.75 15.74 -10.59
C ASN J 117 -51.87 15.77 -12.12
N LYS J 118 -50.95 16.44 -12.80
CA LYS J 118 -50.87 16.51 -14.29
C LYS J 118 -50.47 15.13 -14.86
N VAL J 119 -49.82 14.28 -14.05
CA VAL J 119 -49.22 12.99 -14.48
C VAL J 119 -50.30 11.91 -14.55
N PHE J 120 -50.57 11.41 -15.77
CA PHE J 120 -51.46 10.25 -16.01
C PHE J 120 -50.68 9.13 -16.70
N PRO J 121 -51.08 7.85 -16.52
CA PRO J 121 -50.50 6.75 -17.29
C PRO J 121 -51.30 6.51 -18.56
N PRO J 122 -50.78 5.71 -19.52
CA PRO J 122 -51.47 5.53 -20.79
C PRO J 122 -52.62 4.52 -20.66
N GLU J 123 -53.71 4.79 -21.40
CA GLU J 123 -54.73 3.78 -21.80
C GLU J 123 -54.31 3.19 -23.15
N VAL J 124 -54.34 1.87 -23.27
CA VAL J 124 -53.79 1.14 -24.45
C VAL J 124 -54.89 0.22 -25.01
N ALA J 125 -55.14 0.30 -26.32
CA ALA J 125 -56.03 -0.58 -27.10
C ALA J 125 -55.26 -1.14 -28.32
N VAL J 126 -55.54 -2.38 -28.70
CA VAL J 126 -55.10 -2.98 -30.00
C VAL J 126 -56.32 -3.02 -30.91
N PHE J 127 -56.15 -2.67 -32.18
CA PHE J 127 -57.23 -2.68 -33.22
C PHE J 127 -56.90 -3.76 -34.24
N GLU J 128 -57.88 -4.60 -34.59
CA GLU J 128 -57.66 -5.83 -35.40
C GLU J 128 -57.54 -5.45 -36.87
N PRO J 129 -56.81 -6.23 -37.69
CA PRO J 129 -56.67 -5.97 -39.12
C PRO J 129 -58.00 -5.89 -39.90
N SER J 130 -58.12 -4.92 -40.82
CA SER J 130 -59.25 -4.77 -41.79
C SER J 130 -59.32 -6.01 -42.69
N GLU J 131 -60.54 -6.51 -42.94
CA GLU J 131 -60.80 -7.62 -43.88
C GLU J 131 -60.38 -7.21 -45.29
N ALA J 132 -60.72 -5.97 -45.66
CA ALA J 132 -60.33 -5.32 -46.94
C ALA J 132 -58.84 -5.54 -47.20
N GLU J 133 -57.99 -5.09 -46.26
CA GLU J 133 -56.51 -5.14 -46.34
C GLU J 133 -56.04 -6.57 -46.64
N ILE J 134 -56.67 -7.56 -46.00
CA ILE J 134 -56.23 -8.98 -46.04
C ILE J 134 -56.47 -9.53 -47.46
N SER J 135 -57.63 -9.26 -48.06
CA SER J 135 -58.03 -9.78 -49.39
C SER J 135 -57.23 -9.08 -50.50
N HIS J 136 -57.07 -7.76 -50.39
CA HIS J 136 -56.33 -6.89 -51.35
C HIS J 136 -54.85 -7.31 -51.40
N THR J 137 -54.17 -7.43 -50.26
CA THR J 137 -52.69 -7.50 -50.16
C THR J 137 -52.16 -8.78 -49.50
N GLN J 138 -53.02 -9.68 -49.04
CA GLN J 138 -52.60 -10.94 -48.36
C GLN J 138 -51.69 -10.62 -47.16
N LYS J 139 -51.94 -9.50 -46.47
CA LYS J 139 -51.14 -9.01 -45.32
C LYS J 139 -52.07 -8.42 -44.27
N ALA J 140 -51.74 -8.58 -42.99
CA ALA J 140 -52.59 -8.13 -41.86
C ALA J 140 -51.82 -7.17 -40.95
N THR J 141 -52.27 -5.93 -40.86
CA THR J 141 -51.67 -4.84 -40.03
C THR J 141 -52.51 -4.67 -38.75
N LEU J 142 -51.98 -5.13 -37.61
CA LEU J 142 -52.48 -4.72 -36.27
C LEU J 142 -52.02 -3.28 -36.02
N VAL J 143 -52.88 -2.45 -35.43
CA VAL J 143 -52.51 -1.11 -34.91
C VAL J 143 -52.64 -1.14 -33.38
N CYS J 144 -51.68 -0.54 -32.68
CA CYS J 144 -51.77 -0.26 -31.24
C CYS J 144 -51.85 1.26 -31.01
N LEU J 145 -52.62 1.67 -30.03
CA LEU J 145 -52.85 3.09 -29.70
C LEU J 145 -52.70 3.27 -28.18
N ALA J 146 -51.90 4.27 -27.78
CA ALA J 146 -51.62 4.63 -26.38
C ALA J 146 -52.04 6.09 -26.20
N THR J 147 -52.97 6.35 -25.29
CA THR J 147 -53.68 7.64 -25.17
C THR J 147 -53.67 8.14 -23.72
N GLY J 148 -53.88 9.44 -23.56
CA GLY J 148 -54.06 10.15 -22.28
C GLY J 148 -52.91 9.96 -21.30
N PHE J 149 -51.66 9.87 -21.75
CA PHE J 149 -50.46 9.76 -20.87
C PHE J 149 -49.73 11.09 -20.81
N TYR J 150 -49.15 11.38 -19.64
CA TYR J 150 -48.32 12.58 -19.37
C TYR J 150 -47.42 12.28 -18.18
N PRO J 151 -46.10 12.57 -18.25
CA PRO J 151 -45.49 13.19 -19.43
C PRO J 151 -45.18 12.20 -20.55
N ASP J 152 -44.47 12.67 -21.59
CA ASP J 152 -44.15 11.98 -22.85
C ASP J 152 -43.36 10.67 -22.69
N HIS J 153 -42.79 10.37 -21.52
CA HIS J 153 -41.94 9.16 -21.28
C HIS J 153 -42.73 7.89 -21.58
N VAL J 154 -42.41 7.18 -22.67
CA VAL J 154 -43.07 5.86 -22.98
C VAL J 154 -42.15 5.03 -23.87
N GLU J 155 -42.28 3.71 -23.75
CA GLU J 155 -41.58 2.73 -24.62
C GLU J 155 -42.56 1.63 -25.00
N LEU J 156 -43.00 1.63 -26.25
CA LEU J 156 -43.96 0.65 -26.81
C LEU J 156 -43.20 -0.53 -27.39
N SER J 157 -43.69 -1.75 -27.18
CA SER J 157 -43.13 -2.99 -27.79
C SER J 157 -44.28 -3.89 -28.24
N TRP J 158 -44.05 -4.72 -29.25
CA TRP J 158 -44.99 -5.77 -29.71
C TRP J 158 -44.45 -7.13 -29.27
N TRP J 159 -45.34 -7.98 -28.75
CA TRP J 159 -45.05 -9.33 -28.21
C TRP J 159 -46.00 -10.32 -28.88
N VAL J 160 -45.45 -11.32 -29.56
CA VAL J 160 -46.21 -12.36 -30.31
C VAL J 160 -45.86 -13.73 -29.73
N ASN J 161 -46.83 -14.37 -29.05
CA ASN J 161 -46.67 -15.69 -28.38
C ASN J 161 -45.52 -15.60 -27.38
N GLY J 162 -45.54 -14.54 -26.55
CA GLY J 162 -44.65 -14.34 -25.39
C GLY J 162 -43.29 -13.80 -25.77
N LYS J 163 -42.92 -13.83 -27.06
CA LYS J 163 -41.62 -13.31 -27.57
C LYS J 163 -41.83 -11.93 -28.21
N GLU J 164 -40.89 -11.00 -27.96
CA GLU J 164 -40.88 -9.60 -28.46
C GLU J 164 -40.43 -9.59 -29.92
N VAL J 165 -41.14 -8.83 -30.76
CA VAL J 165 -40.92 -8.80 -32.24
C VAL J 165 -40.37 -7.42 -32.64
N HIS J 166 -39.43 -7.44 -33.59
CA HIS J 166 -38.70 -6.24 -34.08
C HIS J 166 -39.11 -5.97 -35.53
N SER J 167 -39.02 -6.99 -36.38
CA SER J 167 -39.47 -6.97 -37.80
C SER J 167 -40.97 -6.69 -37.91
N GLY J 168 -41.41 -6.07 -39.01
CA GLY J 168 -42.83 -5.77 -39.29
C GLY J 168 -43.40 -4.75 -38.33
N VAL J 169 -42.56 -4.15 -37.47
CA VAL J 169 -43.00 -3.15 -36.45
C VAL J 169 -42.60 -1.76 -36.94
N CYS J 170 -43.34 -0.76 -36.48
CA CYS J 170 -43.15 0.67 -36.87
C CYS J 170 -43.91 1.50 -35.84
N THR J 171 -43.20 2.16 -34.92
CA THR J 171 -43.82 3.02 -33.89
C THR J 171 -43.66 4.46 -34.36
N ASP J 172 -44.65 5.32 -34.10
CA ASP J 172 -44.59 6.76 -34.43
C ASP J 172 -43.23 7.31 -33.99
N PRO J 173 -42.63 8.24 -34.75
CA PRO J 173 -41.31 8.78 -34.42
C PRO J 173 -41.34 9.38 -33.01
N GLN J 174 -42.33 10.27 -32.78
CA GLN J 174 -42.58 10.88 -31.45
C GLN J 174 -44.08 10.98 -31.19
N PRO J 175 -44.51 10.97 -29.91
CA PRO J 175 -45.91 11.17 -29.56
C PRO J 175 -46.55 12.43 -30.17
N LEU J 176 -47.87 12.56 -30.10
CA LEU J 176 -48.63 13.77 -30.53
C LEU J 176 -49.52 14.25 -29.38
N LYS J 177 -49.77 15.55 -29.33
CA LYS J 177 -50.57 16.21 -28.25
C LYS J 177 -52.06 16.00 -28.54
N GLU J 178 -52.83 15.59 -27.52
CA GLU J 178 -54.30 15.39 -27.60
C GLU J 178 -54.99 16.76 -27.68
N GLN J 179 -54.35 17.82 -27.16
CA GLN J 179 -54.71 19.24 -27.40
C GLN J 179 -53.45 20.04 -27.67
N PRO J 180 -53.04 20.24 -28.94
CA PRO J 180 -51.91 21.13 -29.26
C PRO J 180 -52.00 22.49 -28.55
N ALA J 181 -53.23 22.96 -28.25
CA ALA J 181 -53.51 24.23 -27.54
C ALA J 181 -52.70 24.33 -26.24
N LEU J 182 -52.98 23.45 -25.27
CA LEU J 182 -52.43 23.53 -23.89
C LEU J 182 -50.96 23.07 -23.89
N ASN J 183 -50.12 23.72 -23.09
CA ASN J 183 -48.66 23.41 -22.95
C ASN J 183 -48.49 22.14 -22.10
N ASP J 184 -49.43 21.88 -21.17
CA ASP J 184 -49.43 20.69 -20.29
C ASP J 184 -50.35 19.60 -20.86
N SER J 185 -50.56 19.61 -22.18
CA SER J 185 -51.41 18.65 -22.93
C SER J 185 -50.93 17.22 -22.71
N ARG J 186 -51.86 16.26 -22.67
CA ARG J 186 -51.57 14.80 -22.61
C ARG J 186 -51.29 14.27 -24.02
N TYR J 187 -50.58 13.15 -24.10
CA TYR J 187 -49.95 12.64 -25.35
C TYR J 187 -50.60 11.32 -25.76
N ALA J 188 -50.70 11.10 -27.07
CA ALA J 188 -51.10 9.82 -27.70
C ALA J 188 -49.97 9.34 -28.62
N LEU J 189 -49.89 8.03 -28.87
CA LEU J 189 -48.78 7.40 -29.61
C LEU J 189 -49.30 6.12 -30.26
N SER J 190 -49.19 5.98 -31.58
CA SER J 190 -49.63 4.79 -32.33
C SER J 190 -48.42 3.98 -32.81
N SER J 191 -48.63 2.69 -33.03
CA SER J 191 -47.64 1.73 -33.56
C SER J 191 -48.36 0.68 -34.41
N ARG J 192 -47.63 0.07 -35.36
CA ARG J 192 -48.16 -0.89 -36.36
C ARG J 192 -47.33 -2.16 -36.30
N LEU J 193 -48.01 -3.31 -36.20
CA LEU J 193 -47.39 -4.64 -36.41
C LEU J 193 -48.09 -5.28 -37.61
N ARG J 194 -47.31 -5.67 -38.62
CA ARG J 194 -47.84 -6.25 -39.88
C ARG J 194 -47.28 -7.66 -40.05
N VAL J 195 -48.18 -8.64 -40.25
CA VAL J 195 -47.82 -10.07 -40.45
C VAL J 195 -48.53 -10.56 -41.71
N SER J 196 -48.11 -11.72 -42.19
CA SER J 196 -48.76 -12.47 -43.30
C SER J 196 -50.22 -12.75 -42.88
N ALA J 197 -51.15 -12.59 -43.82
CA ALA J 197 -52.57 -12.98 -43.67
C ALA J 197 -52.67 -14.35 -42.97
N THR J 198 -51.92 -15.35 -43.45
CA THR J 198 -51.99 -16.74 -42.94
C THR J 198 -51.73 -16.74 -41.42
N PHE J 199 -50.75 -15.95 -40.96
CA PHE J 199 -50.32 -15.88 -39.54
C PHE J 199 -51.42 -15.25 -38.69
N TRP J 200 -52.01 -14.15 -39.16
CA TRP J 200 -53.11 -13.47 -38.43
C TRP J 200 -54.29 -14.42 -38.28
N GLN J 201 -54.47 -15.33 -39.24
CA GLN J 201 -55.66 -16.21 -39.36
C GLN J 201 -55.52 -17.45 -38.49
N ASP J 202 -54.32 -17.78 -38.01
CA ASP J 202 -54.13 -18.86 -37.00
C ASP J 202 -54.60 -18.33 -35.66
N PRO J 203 -55.69 -18.88 -35.08
CA PRO J 203 -56.25 -18.30 -33.87
C PRO J 203 -55.47 -18.73 -32.61
N ARG J 204 -54.42 -19.52 -32.79
CA ARG J 204 -53.49 -19.92 -31.69
C ARG J 204 -52.52 -18.77 -31.37
N ASN J 205 -52.42 -17.76 -32.26
CA ASN J 205 -51.42 -16.68 -32.16
C ASN J 205 -51.98 -15.55 -31.29
N HIS J 206 -51.15 -15.12 -30.33
CA HIS J 206 -51.43 -14.09 -29.30
C HIS J 206 -50.61 -12.84 -29.65
N PHE J 207 -51.27 -11.70 -29.83
CA PHE J 207 -50.65 -10.39 -30.15
C PHE J 207 -50.82 -9.49 -28.93
N ARG J 208 -49.71 -9.04 -28.33
CA ARG J 208 -49.76 -8.07 -27.21
C ARG J 208 -48.92 -6.83 -27.56
N CYS J 209 -49.58 -5.67 -27.53
CA CYS J 209 -48.94 -4.34 -27.53
C CYS J 209 -48.68 -3.93 -26.07
N GLN J 210 -47.41 -3.86 -25.67
CA GLN J 210 -46.95 -3.51 -24.29
C GLN J 210 -46.43 -2.07 -24.31
N VAL J 211 -46.93 -1.21 -23.41
CA VAL J 211 -46.49 0.22 -23.30
C VAL J 211 -45.92 0.46 -21.91
N GLN J 212 -44.60 0.70 -21.83
CA GLN J 212 -43.86 0.97 -20.56
C GLN J 212 -43.95 2.47 -20.29
N PHE J 213 -44.57 2.86 -19.19
CA PHE J 213 -44.72 4.27 -18.76
C PHE J 213 -43.74 4.54 -17.62
N TYR J 214 -43.03 5.65 -17.72
CA TYR J 214 -42.12 6.16 -16.67
C TYR J 214 -42.87 7.31 -15.98
N GLY J 215 -43.23 7.11 -14.70
CA GLY J 215 -44.12 8.00 -13.94
C GLY J 215 -43.50 8.40 -12.61
N LEU J 216 -44.30 8.40 -11.55
CA LEU J 216 -43.86 8.75 -10.17
C LEU J 216 -43.13 7.55 -9.56
N SER J 217 -42.23 7.80 -8.61
CA SER J 217 -41.56 6.76 -7.80
C SER J 217 -42.37 6.54 -6.51
N GLU J 218 -42.03 5.50 -5.75
CA GLU J 218 -42.69 5.16 -4.45
C GLU J 218 -42.42 6.28 -3.43
N ASN J 219 -41.37 7.10 -3.63
CA ASN J 219 -40.99 8.21 -2.72
C ASN J 219 -41.80 9.46 -3.04
N ASP J 220 -42.46 9.51 -4.18
CA ASP J 220 -43.35 10.65 -4.55
C ASP J 220 -44.62 10.55 -3.70
N GLU J 221 -45.04 11.64 -3.06
CA GLU J 221 -46.26 11.66 -2.19
C GLU J 221 -47.47 11.91 -3.10
N TRP J 222 -48.50 11.07 -2.93
CA TRP J 222 -49.72 11.04 -3.77
C TRP J 222 -50.96 11.22 -2.89
N THR J 223 -51.61 12.37 -3.02
CA THR J 223 -52.76 12.81 -2.20
C THR J 223 -53.96 13.00 -3.12
N GLN J 224 -54.41 11.94 -3.80
CA GLN J 224 -55.52 11.97 -4.78
C GLN J 224 -56.31 10.65 -4.75
N ASP J 225 -57.54 10.71 -5.27
CA ASP J 225 -58.48 9.56 -5.32
C ASP J 225 -58.00 8.56 -6.37
N ARG J 226 -57.74 9.04 -7.59
CA ARG J 226 -57.36 8.17 -8.73
C ARG J 226 -56.03 7.48 -8.40
N ALA J 227 -55.76 6.35 -9.05
CA ALA J 227 -54.59 5.47 -8.75
C ALA J 227 -53.29 6.26 -8.98
N LYS J 228 -52.29 6.02 -8.14
CA LYS J 228 -50.95 6.68 -8.19
C LYS J 228 -50.34 6.40 -9.54
N PRO J 229 -50.07 7.44 -10.37
CA PRO J 229 -49.55 7.24 -11.72
C PRO J 229 -48.07 6.84 -11.68
N VAL J 230 -47.75 5.76 -10.95
CA VAL J 230 -46.37 5.22 -10.85
C VAL J 230 -45.93 4.75 -12.24
N THR J 231 -44.61 4.69 -12.44
CA THR J 231 -43.94 3.82 -13.44
C THR J 231 -44.67 2.48 -13.44
N GLN J 232 -45.02 1.96 -14.62
CA GLN J 232 -45.91 0.78 -14.78
C GLN J 232 -46.00 0.41 -16.26
N ILE J 233 -46.38 -0.84 -16.53
CA ILE J 233 -46.68 -1.39 -17.87
C ILE J 233 -48.20 -1.40 -18.07
N VAL J 234 -48.65 -1.13 -19.30
CA VAL J 234 -50.06 -1.21 -19.73
C VAL J 234 -50.10 -1.92 -21.07
N SER J 235 -50.51 -3.17 -21.09
CA SER J 235 -50.73 -3.97 -22.33
C SER J 235 -52.17 -3.82 -22.82
N ALA J 236 -52.39 -4.16 -24.09
CA ALA J 236 -53.69 -4.53 -24.69
C ALA J 236 -53.38 -5.66 -25.65
N GLU J 237 -54.36 -6.51 -25.97
CA GLU J 237 -54.06 -7.76 -26.72
C GLU J 237 -55.16 -8.09 -27.73
N ALA J 238 -54.86 -9.11 -28.53
CA ALA J 238 -55.68 -9.58 -29.66
C ALA J 238 -55.24 -11.01 -29.99
N TRP J 239 -56.18 -11.83 -30.46
CA TRP J 239 -55.95 -13.21 -30.94
C TRP J 239 -56.32 -13.28 -32.42
N GLY J 240 -55.69 -14.22 -33.13
CA GLY J 240 -55.98 -14.49 -34.56
C GLY J 240 -57.42 -14.91 -34.77
N ARG J 241 -58.08 -14.37 -35.80
CA ARG J 241 -59.42 -14.82 -36.30
C ARG J 241 -59.19 -15.59 -37.59
N ALA J 242 -59.52 -16.89 -37.60
CA ALA J 242 -59.58 -17.77 -38.80
C ALA J 242 -60.44 -17.15 -39.91
N ASP J 243 -61.59 -16.57 -39.51
CA ASP J 243 -62.54 -15.81 -40.36
C ASP J 243 -63.21 -14.72 -39.52
C ACT K . -1.46 5.47 -0.85
O ACT K . -2.10 6.56 -0.87
OXT ACT K . -1.89 4.40 -1.36
CH3 ACT K . -0.08 5.46 -0.14
C ACT L . -24.79 22.27 -0.93
O ACT L . -24.40 21.35 -1.68
OXT ACT L . -25.31 22.06 0.19
CH3 ACT L . -24.62 23.72 -1.39
#